data_1JR9
# 
_entry.id   1JR9 
# 
_audit_conform.dict_name       mmcif_pdbx.dic 
_audit_conform.dict_version    5.380 
_audit_conform.dict_location   http://mmcif.pdb.org/dictionaries/ascii/mmcif_pdbx.dic 
# 
loop_
_database_2.database_id 
_database_2.database_code 
_database_2.pdbx_database_accession 
_database_2.pdbx_DOI 
PDB   1JR9         pdb_00001jr9 10.2210/pdb1jr9/pdb 
RCSB  RCSB014097   ?            ?                   
WWPDB D_1000014097 ?            ?                   
# 
_pdbx_database_status.status_code                     REL 
_pdbx_database_status.entry_id                        1JR9 
_pdbx_database_status.recvd_initial_deposition_date   2001-08-13 
_pdbx_database_status.deposit_site                    RCSB 
_pdbx_database_status.process_site                    PDBJ 
_pdbx_database_status.status_code_sf                  REL 
_pdbx_database_status.status_code_mr                  ? 
_pdbx_database_status.SG_entry                        ? 
_pdbx_database_status.pdb_format_compatible           Y 
_pdbx_database_status.status_code_cs                  ? 
_pdbx_database_status.status_code_nmr_data            ? 
_pdbx_database_status.methods_development_category    ? 
# 
loop_
_audit_author.name 
_audit_author.pdbx_ordinal 
'Liao, J.'    1  
'Liu, M.Y.'   2  
'Chang, T.'   3  
'Li, M.'      4  
'LeGall, J.'  5  
'Gui, L.L.'   6  
'Zhang, J.P.' 7  
'Jiang, T.'   8  
'Liang, D.C.' 9  
'Chang, W.R.' 10 
# 
_citation.id                        primary 
_citation.title                     
;Three-dimensional structure of manganese superoxide dismutase from Bacillus halodenitrificans, a component of the so-called "green protein".
;
_citation.journal_abbrev            J.Struct.Biol. 
_citation.journal_volume            139 
_citation.page_first                171 
_citation.page_last                 180 
_citation.year                      2002 
_citation.journal_id_ASTM           JSBIEM 
_citation.country                   US 
_citation.journal_id_ISSN           1047-8477 
_citation.journal_id_CSD            0803 
_citation.book_publisher            ? 
_citation.pdbx_database_id_PubMed   12457847 
_citation.pdbx_database_id_DOI      '10.1016/S0006-291X(02)00436-9' 
# 
loop_
_citation_author.citation_id 
_citation_author.name 
_citation_author.ordinal 
_citation_author.identifier_ORCID 
primary 'Liao, J.'    1  ? 
primary 'Liu, M.Y.'   2  ? 
primary 'Chang, T.'   3  ? 
primary 'Li, M.'      4  ? 
primary 'Le Gall, J.' 5  ? 
primary 'Gui, L.L.'   6  ? 
primary 'Zhang, J.P.' 7  ? 
primary 'Jiang, T.'   8  ? 
primary 'Liang, D.C.' 9  ? 
primary 'Chang, W.R.' 10 ? 
# 
_cell.entry_id           1JR9 
_cell.length_a           93.120 
_cell.length_b           93.120 
_cell.length_c           63.527 
_cell.angle_alpha        90.00 
_cell.angle_beta         90.00 
_cell.angle_gamma        90.00 
_cell.Z_PDB              8 
_cell.pdbx_unique_axis   ? 
# 
_symmetry.entry_id                         1JR9 
_symmetry.space_group_name_H-M             'P 43 21 2' 
_symmetry.pdbx_full_space_group_name_H-M   ? 
_symmetry.cell_setting                     ? 
_symmetry.Int_Tables_number                96 
_symmetry.space_group_name_Hall            ? 
# 
loop_
_entity.id 
_entity.type 
_entity.src_method 
_entity.pdbx_description 
_entity.formula_weight 
_entity.pdbx_number_of_molecules 
_entity.pdbx_ec 
_entity.pdbx_mutation 
_entity.pdbx_fragment 
_entity.details 
1 polymer     nat 'manganese superoxide dismutase' 22688.266 1  1.15.1.1 ? 'green protein' ? 
2 non-polymer syn 'MANGANESE (II) ION'             54.938    1  ?        ? ?               ? 
3 non-polymer syn 'ZINC ION'                       65.409    1  ?        ? ?               ? 
4 water       nat water                            18.015    63 ?        ? ?               ? 
# 
_entity_poly.entity_id                      1 
_entity_poly.type                           'polypeptide(L)' 
_entity_poly.nstd_linkage                   no 
_entity_poly.nstd_monomer                   no 
_entity_poly.pdbx_seq_one_letter_code       
;AKFELPELPYAYDALEPTIDKETMNIHHTKHHNTYVTKLNGALEGHEDLKNKSLNDLISNLDAVPENIRTAVRNNGGGHA
NHSLFWKLMSPNGGGKPTGEVADKINDKYGSFEKFQEEFAAAAAGRFGSGWAWLVVNNGEIEIMSTPIQDNPLMEGKKPI
LGLDVWEHAYYLKYQNKRPDYISAFWNVVNWDEVAAQYSQAA
;
_entity_poly.pdbx_seq_one_letter_code_can   
;AKFELPELPYAYDALEPTIDKETMNIHHTKHHNTYVTKLNGALEGHEDLKNKSLNDLISNLDAVPENIRTAVRNNGGGHA
NHSLFWKLMSPNGGGKPTGEVADKINDKYGSFEKFQEEFAAAAAGRFGSGWAWLVVNNGEIEIMSTPIQDNPLMEGKKPI
LGLDVWEHAYYLKYQNKRPDYISAFWNVVNWDEVAAQYSQAA
;
_entity_poly.pdbx_strand_id                 A 
_entity_poly.pdbx_target_identifier         ? 
# 
loop_
_entity_poly_seq.entity_id 
_entity_poly_seq.num 
_entity_poly_seq.mon_id 
_entity_poly_seq.hetero 
1 1   ALA n 
1 2   LYS n 
1 3   PHE n 
1 4   GLU n 
1 5   LEU n 
1 6   PRO n 
1 7   GLU n 
1 8   LEU n 
1 9   PRO n 
1 10  TYR n 
1 11  ALA n 
1 12  TYR n 
1 13  ASP n 
1 14  ALA n 
1 15  LEU n 
1 16  GLU n 
1 17  PRO n 
1 18  THR n 
1 19  ILE n 
1 20  ASP n 
1 21  LYS n 
1 22  GLU n 
1 23  THR n 
1 24  MET n 
1 25  ASN n 
1 26  ILE n 
1 27  HIS n 
1 28  HIS n 
1 29  THR n 
1 30  LYS n 
1 31  HIS n 
1 32  HIS n 
1 33  ASN n 
1 34  THR n 
1 35  TYR n 
1 36  VAL n 
1 37  THR n 
1 38  LYS n 
1 39  LEU n 
1 40  ASN n 
1 41  GLY n 
1 42  ALA n 
1 43  LEU n 
1 44  GLU n 
1 45  GLY n 
1 46  HIS n 
1 47  GLU n 
1 48  ASP n 
1 49  LEU n 
1 50  LYS n 
1 51  ASN n 
1 52  LYS n 
1 53  SER n 
1 54  LEU n 
1 55  ASN n 
1 56  ASP n 
1 57  LEU n 
1 58  ILE n 
1 59  SER n 
1 60  ASN n 
1 61  LEU n 
1 62  ASP n 
1 63  ALA n 
1 64  VAL n 
1 65  PRO n 
1 66  GLU n 
1 67  ASN n 
1 68  ILE n 
1 69  ARG n 
1 70  THR n 
1 71  ALA n 
1 72  VAL n 
1 73  ARG n 
1 74  ASN n 
1 75  ASN n 
1 76  GLY n 
1 77  GLY n 
1 78  GLY n 
1 79  HIS n 
1 80  ALA n 
1 81  ASN n 
1 82  HIS n 
1 83  SER n 
1 84  LEU n 
1 85  PHE n 
1 86  TRP n 
1 87  LYS n 
1 88  LEU n 
1 89  MET n 
1 90  SER n 
1 91  PRO n 
1 92  ASN n 
1 93  GLY n 
1 94  GLY n 
1 95  GLY n 
1 96  LYS n 
1 97  PRO n 
1 98  THR n 
1 99  GLY n 
1 100 GLU n 
1 101 VAL n 
1 102 ALA n 
1 103 ASP n 
1 104 LYS n 
1 105 ILE n 
1 106 ASN n 
1 107 ASP n 
1 108 LYS n 
1 109 TYR n 
1 110 GLY n 
1 111 SER n 
1 112 PHE n 
1 113 GLU n 
1 114 LYS n 
1 115 PHE n 
1 116 GLN n 
1 117 GLU n 
1 118 GLU n 
1 119 PHE n 
1 120 ALA n 
1 121 ALA n 
1 122 ALA n 
1 123 ALA n 
1 124 ALA n 
1 125 GLY n 
1 126 ARG n 
1 127 PHE n 
1 128 GLY n 
1 129 SER n 
1 130 GLY n 
1 131 TRP n 
1 132 ALA n 
1 133 TRP n 
1 134 LEU n 
1 135 VAL n 
1 136 VAL n 
1 137 ASN n 
1 138 ASN n 
1 139 GLY n 
1 140 GLU n 
1 141 ILE n 
1 142 GLU n 
1 143 ILE n 
1 144 MET n 
1 145 SER n 
1 146 THR n 
1 147 PRO n 
1 148 ILE n 
1 149 GLN n 
1 150 ASP n 
1 151 ASN n 
1 152 PRO n 
1 153 LEU n 
1 154 MET n 
1 155 GLU n 
1 156 GLY n 
1 157 LYS n 
1 158 LYS n 
1 159 PRO n 
1 160 ILE n 
1 161 LEU n 
1 162 GLY n 
1 163 LEU n 
1 164 ASP n 
1 165 VAL n 
1 166 TRP n 
1 167 GLU n 
1 168 HIS n 
1 169 ALA n 
1 170 TYR n 
1 171 TYR n 
1 172 LEU n 
1 173 LYS n 
1 174 TYR n 
1 175 GLN n 
1 176 ASN n 
1 177 LYS n 
1 178 ARG n 
1 179 PRO n 
1 180 ASP n 
1 181 TYR n 
1 182 ILE n 
1 183 SER n 
1 184 ALA n 
1 185 PHE n 
1 186 TRP n 
1 187 ASN n 
1 188 VAL n 
1 189 VAL n 
1 190 ASN n 
1 191 TRP n 
1 192 ASP n 
1 193 GLU n 
1 194 VAL n 
1 195 ALA n 
1 196 ALA n 
1 197 GLN n 
1 198 TYR n 
1 199 SER n 
1 200 GLN n 
1 201 ALA n 
1 202 ALA n 
# 
_entity_src_nat.entity_id                  1 
_entity_src_nat.pdbx_src_id                1 
_entity_src_nat.pdbx_alt_source_flag       sample 
_entity_src_nat.pdbx_beg_seq_num           ? 
_entity_src_nat.pdbx_end_seq_num           ? 
_entity_src_nat.common_name                ? 
_entity_src_nat.pdbx_organism_scientific   'Virgibacillus halodenitrificans' 
_entity_src_nat.pdbx_ncbi_taxonomy_id      1482 
_entity_src_nat.genus                      Virgibacillus 
_entity_src_nat.species                    ? 
_entity_src_nat.strain                     ? 
_entity_src_nat.tissue                     ? 
_entity_src_nat.tissue_fraction            ? 
_entity_src_nat.pdbx_secretion             ? 
_entity_src_nat.pdbx_fragment              ? 
_entity_src_nat.pdbx_variant               ? 
_entity_src_nat.pdbx_cell_line             ? 
_entity_src_nat.pdbx_atcc                  ? 
_entity_src_nat.pdbx_cellular_location     ? 
_entity_src_nat.pdbx_organ                 ? 
_entity_src_nat.pdbx_organelle             ? 
_entity_src_nat.pdbx_cell                  ? 
_entity_src_nat.pdbx_plasmid_name          ? 
_entity_src_nat.pdbx_plasmid_details       ? 
_entity_src_nat.details                    cytoplasm 
# 
_struct_ref.id                         1 
_struct_ref.db_name                    UNP 
_struct_ref.db_code                    Q7SIC3_BACHA 
_struct_ref.pdbx_db_accession          Q7SIC3 
_struct_ref.entity_id                  1 
_struct_ref.pdbx_align_begin           1 
_struct_ref.pdbx_db_isoform            ? 
_struct_ref.pdbx_seq_one_letter_code   ? 
# 
_struct_ref_seq.align_id                      1 
_struct_ref_seq.ref_id                        1 
_struct_ref_seq.pdbx_PDB_id_code              1JR9 
_struct_ref_seq.pdbx_strand_id                A 
_struct_ref_seq.seq_align_beg                 1 
_struct_ref_seq.pdbx_seq_align_beg_ins_code   ? 
_struct_ref_seq.seq_align_end                 202 
_struct_ref_seq.pdbx_seq_align_end_ins_code   ? 
_struct_ref_seq.pdbx_db_accession             Q7SIC3 
_struct_ref_seq.db_align_beg                  1 
_struct_ref_seq.pdbx_db_align_beg_ins_code    ? 
_struct_ref_seq.db_align_end                  202 
_struct_ref_seq.pdbx_db_align_end_ins_code    ? 
_struct_ref_seq.pdbx_auth_seq_align_beg       1 
_struct_ref_seq.pdbx_auth_seq_align_end       202 
# 
loop_
_chem_comp.id 
_chem_comp.type 
_chem_comp.mon_nstd_flag 
_chem_comp.name 
_chem_comp.pdbx_synonyms 
_chem_comp.formula 
_chem_comp.formula_weight 
ALA 'L-peptide linking' y ALANINE              ? 'C3 H7 N O2'     89.093  
ARG 'L-peptide linking' y ARGININE             ? 'C6 H15 N4 O2 1' 175.209 
ASN 'L-peptide linking' y ASPARAGINE           ? 'C4 H8 N2 O3'    132.118 
ASP 'L-peptide linking' y 'ASPARTIC ACID'      ? 'C4 H7 N O4'     133.103 
GLN 'L-peptide linking' y GLUTAMINE            ? 'C5 H10 N2 O3'   146.144 
GLU 'L-peptide linking' y 'GLUTAMIC ACID'      ? 'C5 H9 N O4'     147.129 
GLY 'peptide linking'   y GLYCINE              ? 'C2 H5 N O2'     75.067  
HIS 'L-peptide linking' y HISTIDINE            ? 'C6 H10 N3 O2 1' 156.162 
HOH non-polymer         . WATER                ? 'H2 O'           18.015  
ILE 'L-peptide linking' y ISOLEUCINE           ? 'C6 H13 N O2'    131.173 
LEU 'L-peptide linking' y LEUCINE              ? 'C6 H13 N O2'    131.173 
LYS 'L-peptide linking' y LYSINE               ? 'C6 H15 N2 O2 1' 147.195 
MET 'L-peptide linking' y METHIONINE           ? 'C5 H11 N O2 S'  149.211 
MN  non-polymer         . 'MANGANESE (II) ION' ? 'Mn 2'           54.938  
PHE 'L-peptide linking' y PHENYLALANINE        ? 'C9 H11 N O2'    165.189 
PRO 'L-peptide linking' y PROLINE              ? 'C5 H9 N O2'     115.130 
SER 'L-peptide linking' y SERINE               ? 'C3 H7 N O3'     105.093 
THR 'L-peptide linking' y THREONINE            ? 'C4 H9 N O3'     119.119 
TRP 'L-peptide linking' y TRYPTOPHAN           ? 'C11 H12 N2 O2'  204.225 
TYR 'L-peptide linking' y TYROSINE             ? 'C9 H11 N O3'    181.189 
VAL 'L-peptide linking' y VALINE               ? 'C5 H11 N O2'    117.146 
ZN  non-polymer         . 'ZINC ION'           ? 'Zn 2'           65.409  
# 
_exptl.entry_id          1JR9 
_exptl.method            'X-RAY DIFFRACTION' 
_exptl.crystals_number   1 
# 
_exptl_crystal.id                    1 
_exptl_crystal.density_meas          ? 
_exptl_crystal.density_Matthews      3.03 
_exptl_crystal.density_percent_sol   59.45 
_exptl_crystal.description           ? 
_exptl_crystal.F_000                 ? 
_exptl_crystal.preparation           ? 
# 
_exptl_crystal_grow.crystal_id      1 
_exptl_crystal_grow.method          'VAPOR DIFFUSION, HANGING DROP' 
_exptl_crystal_grow.temp            281 
_exptl_crystal_grow.temp_details    ? 
_exptl_crystal_grow.pH              6.5 
_exptl_crystal_grow.pdbx_details    
'PEG4000, Sodium Cacodylate, Zinc acetate, pH 6.5, VAPOR DIFFUSION, HANGING DROP, temperature 281K' 
_exptl_crystal_grow.pdbx_pH_range   . 
# 
_diffrn.id                     1 
_diffrn.ambient_temp           298 
_diffrn.ambient_temp_details   ? 
_diffrn.crystal_id             1 
# 
_diffrn_detector.diffrn_id              1 
_diffrn_detector.detector               'IMAGE PLATE' 
_diffrn_detector.type                   MARRESEARCH 
_diffrn_detector.pdbx_collection_date   1999-03-03 
_diffrn_detector.details                ? 
# 
_diffrn_radiation.diffrn_id                        1 
_diffrn_radiation.wavelength_id                    1 
_diffrn_radiation.pdbx_monochromatic_or_laue_m_l   M 
_diffrn_radiation.monochromator                    GRAPHITE 
_diffrn_radiation.pdbx_diffrn_protocol             'SINGLE WAVELENGTH' 
_diffrn_radiation.pdbx_scattering_type             x-ray 
# 
_diffrn_radiation_wavelength.id           1 
_diffrn_radiation_wavelength.wavelength   1.5418 
_diffrn_radiation_wavelength.wt           1.0 
# 
_diffrn_source.diffrn_id                   1 
_diffrn_source.source                      'SEALED TUBE' 
_diffrn_source.type                        OTHER 
_diffrn_source.pdbx_synchrotron_site       ? 
_diffrn_source.pdbx_synchrotron_beamline   ? 
_diffrn_source.pdbx_wavelength             1.5418 
_diffrn_source.pdbx_wavelength_list        ? 
# 
_reflns.entry_id                     1JR9 
_reflns.observed_criterion_sigma_I   2 
_reflns.observed_criterion_sigma_F   ? 
_reflns.d_resolution_low             20 
_reflns.d_resolution_high            2.8 
_reflns.number_obs                   5995 
_reflns.number_all                   7253 
_reflns.percent_possible_obs         82.6 
_reflns.pdbx_Rmerge_I_obs            0.095 
_reflns.pdbx_Rsym_value              ? 
_reflns.pdbx_netI_over_sigmaI        19.7 
_reflns.B_iso_Wilson_estimate        ? 
_reflns.pdbx_redundancy              18.7 
_reflns.R_free_details               ? 
_reflns.limit_h_max                  ? 
_reflns.limit_h_min                  ? 
_reflns.limit_k_max                  ? 
_reflns.limit_k_min                  ? 
_reflns.limit_l_max                  ? 
_reflns.limit_l_min                  ? 
_reflns.observed_criterion_F_max     ? 
_reflns.observed_criterion_F_min     ? 
_reflns.pdbx_chi_squared             ? 
_reflns.pdbx_scaling_rejects         ? 
_reflns.pdbx_diffrn_id               1 
_reflns.pdbx_ordinal                 1 
# 
_reflns_shell.d_res_high             2.8 
_reflns_shell.d_res_low              2.88 
_reflns_shell.percent_possible_all   53.8 
_reflns_shell.Rmerge_I_obs           ? 
_reflns_shell.pdbx_Rsym_value        ? 
_reflns_shell.meanI_over_sigI_obs    3.5 
_reflns_shell.pdbx_redundancy        ? 
_reflns_shell.percent_possible_obs   ? 
_reflns_shell.number_unique_all      319 
_reflns_shell.number_measured_all    ? 
_reflns_shell.number_measured_obs    ? 
_reflns_shell.number_unique_obs      ? 
_reflns_shell.pdbx_chi_squared       ? 
_reflns_shell.pdbx_diffrn_id         ? 
_reflns_shell.pdbx_ordinal           1 
# 
_refine.entry_id                                 1JR9 
_refine.ls_number_reflns_obs                     5835 
_refine.ls_number_reflns_all                     7086 
_refine.pdbx_ls_sigma_I                          2.0 
_refine.pdbx_ls_sigma_F                          2.0 
_refine.pdbx_data_cutoff_high_absF               ? 
_refine.pdbx_data_cutoff_low_absF                ? 
_refine.ls_d_res_low                             10 
_refine.ls_d_res_high                            2.8 
_refine.ls_percent_reflns_obs                    82.3 
_refine.ls_R_factor_obs                          ? 
_refine.ls_R_factor_all                          ? 
_refine.ls_R_factor_R_work                       0.22 
_refine.ls_R_factor_R_free                       0.289 
_refine.ls_R_factor_R_free_error                 ? 
_refine.ls_R_factor_R_free_error_details         ? 
_refine.ls_percent_reflns_R_free                 10.7 
_refine.ls_number_reflns_R_free                  626 
_refine.ls_number_parameters                     ? 
_refine.ls_number_restraints                     ? 
_refine.occupancy_min                            ? 
_refine.occupancy_max                            ? 
_refine.B_iso_mean                               ? 
_refine.aniso_B[1][1]                            ? 
_refine.aniso_B[2][2]                            ? 
_refine.aniso_B[3][3]                            ? 
_refine.aniso_B[1][2]                            ? 
_refine.aniso_B[1][3]                            ? 
_refine.aniso_B[2][3]                            ? 
_refine.solvent_model_details                    ? 
_refine.solvent_model_param_ksol                 ? 
_refine.solvent_model_param_bsol                 ? 
_refine.pdbx_ls_cross_valid_method               THROUGHOUT 
_refine.details                                  ? 
_refine.pdbx_starting_model                      'PDB ENTRY 3mds' 
_refine.pdbx_method_to_determine_struct          'MOLECULAR REPLACEMENT' 
_refine.pdbx_isotropic_thermal_model             ? 
_refine.pdbx_stereochemistry_target_values       'Engh & Huber' 
_refine.pdbx_stereochem_target_val_spec_case     ? 
_refine.pdbx_R_Free_selection_details            RANDOM 
_refine.pdbx_overall_ESU_R_Free                  ? 
_refine.overall_SU_B                             ? 
_refine.ls_redundancy_reflns_obs                 ? 
_refine.B_iso_min                                ? 
_refine.B_iso_max                                ? 
_refine.correlation_coeff_Fo_to_Fc               ? 
_refine.overall_SU_R_Cruickshank_DPI             ? 
_refine.overall_SU_R_free                        ? 
_refine.overall_SU_ML                            ? 
_refine.pdbx_overall_ESU_R                       ? 
_refine.pdbx_data_cutoff_high_rms_absF           ? 
_refine.correlation_coeff_Fo_to_Fc_free          ? 
_refine.pdbx_solvent_vdw_probe_radii             ? 
_refine.pdbx_solvent_ion_probe_radii             ? 
_refine.pdbx_solvent_shrinkage_radii             ? 
_refine.ls_wR_factor_R_free                      ? 
_refine.ls_wR_factor_R_work                      ? 
_refine.overall_FOM_free_R_set                   ? 
_refine.overall_FOM_work_R_set                   ? 
_refine.pdbx_refine_id                           'X-RAY DIFFRACTION' 
_refine.pdbx_diffrn_id                           1 
_refine.pdbx_TLS_residual_ADP_flag               ? 
_refine.pdbx_overall_phase_error                 ? 
_refine.pdbx_overall_SU_R_free_Cruickshank_DPI   ? 
_refine.pdbx_overall_SU_R_Blow_DPI               ? 
_refine.pdbx_overall_SU_R_free_Blow_DPI          ? 
# 
_refine_hist.pdbx_refine_id                   'X-RAY DIFFRACTION' 
_refine_hist.cycle_id                         LAST 
_refine_hist.pdbx_number_atoms_protein        1582 
_refine_hist.pdbx_number_atoms_nucleic_acid   0 
_refine_hist.pdbx_number_atoms_ligand         2 
_refine_hist.number_atoms_solvent             63 
_refine_hist.number_atoms_total               1647 
_refine_hist.d_res_high                       2.8 
_refine_hist.d_res_low                        10 
# 
loop_
_refine_ls_restr.type 
_refine_ls_restr.dev_ideal 
_refine_ls_restr.dev_ideal_target 
_refine_ls_restr.weight 
_refine_ls_restr.number 
_refine_ls_restr.pdbx_refine_id 
_refine_ls_restr.pdbx_restraint_function 
c_bond_d    0.009 ? ? ? 'X-RAY DIFFRACTION' ? 
c_angle_deg 1.44  ? ? ? 'X-RAY DIFFRACTION' ? 
# 
_struct.entry_id                  1JR9 
_struct.title                     'Crystal Structure of manganese superoxide dismutases from Bacillus halodenitrificans' 
_struct.pdbx_model_details        ? 
_struct.pdbx_CASP_flag            ? 
_struct.pdbx_model_type_details   ? 
# 
_struct_keywords.entry_id        1JR9 
_struct_keywords.pdbx_keywords   OXIDOREDUCTASE 
_struct_keywords.text            'manganese superoxide dismutase, oxidoreductase' 
# 
loop_
_struct_asym.id 
_struct_asym.pdbx_blank_PDB_chainid_flag 
_struct_asym.pdbx_modified 
_struct_asym.entity_id 
_struct_asym.details 
A N N 1 ? 
B N N 2 ? 
C N N 3 ? 
D N N 4 ? 
# 
_struct_biol.id                    1 
_struct_biol.pdbx_parent_biol_id   ? 
_struct_biol.details               ? 
# 
loop_
_struct_conf.conf_type_id 
_struct_conf.id 
_struct_conf.pdbx_PDB_helix_id 
_struct_conf.beg_label_comp_id 
_struct_conf.beg_label_asym_id 
_struct_conf.beg_label_seq_id 
_struct_conf.pdbx_beg_PDB_ins_code 
_struct_conf.end_label_comp_id 
_struct_conf.end_label_asym_id 
_struct_conf.end_label_seq_id 
_struct_conf.pdbx_end_PDB_ins_code 
_struct_conf.beg_auth_comp_id 
_struct_conf.beg_auth_asym_id 
_struct_conf.beg_auth_seq_id 
_struct_conf.end_auth_comp_id 
_struct_conf.end_auth_asym_id 
_struct_conf.end_auth_seq_id 
_struct_conf.pdbx_PDB_helix_class 
_struct_conf.details 
_struct_conf.pdbx_PDB_helix_length 
HELX_P HELX_P1  1  ASP A 20  ? LYS A 30  ? ASP A 20  LYS A 30  1 ? 11 
HELX_P HELX_P2  2  LYS A 30  ? GLY A 41  ? LYS A 30  GLY A 41  1 ? 12 
HELX_P HELX_P3  3  HIS A 46  ? ASN A 51  ? HIS A 46  ASN A 51  1 ? 6  
HELX_P HELX_P4  4  SER A 53  ? ASN A 60  ? SER A 53  ASN A 60  1 ? 8  
HELX_P HELX_P5  5  PRO A 65  ? LEU A 88  ? PRO A 65  LEU A 88  1 ? 24 
HELX_P HELX_P6  6  GLY A 99  ? GLY A 110 ? GLY A 99  GLY A 110 1 ? 12 
HELX_P HELX_P7  7  SER A 111 ? ARG A 126 ? SER A 111 ARG A 126 1 ? 16 
HELX_P HELX_P8  8  ASN A 151 ? GLY A 156 ? ASN A 151 GLY A 156 5 ? 6  
HELX_P HELX_P9  9  TRP A 166 ? TYR A 170 ? TRP A 166 TYR A 170 5 ? 5  
HELX_P HELX_P10 10 LYS A 177 ? VAL A 189 ? LYS A 177 VAL A 189 1 ? 13 
HELX_P HELX_P11 11 ASN A 190 ? ALA A 202 ? ASN A 190 ALA A 202 1 ? 13 
# 
_struct_conf_type.id          HELX_P 
_struct_conf_type.criteria    ? 
_struct_conf_type.reference   ? 
# 
loop_
_struct_conn.id 
_struct_conn.conn_type_id 
_struct_conn.pdbx_leaving_atom_flag 
_struct_conn.pdbx_PDB_id 
_struct_conn.ptnr1_label_asym_id 
_struct_conn.ptnr1_label_comp_id 
_struct_conn.ptnr1_label_seq_id 
_struct_conn.ptnr1_label_atom_id 
_struct_conn.pdbx_ptnr1_label_alt_id 
_struct_conn.pdbx_ptnr1_PDB_ins_code 
_struct_conn.pdbx_ptnr1_standard_comp_id 
_struct_conn.ptnr1_symmetry 
_struct_conn.ptnr2_label_asym_id 
_struct_conn.ptnr2_label_comp_id 
_struct_conn.ptnr2_label_seq_id 
_struct_conn.ptnr2_label_atom_id 
_struct_conn.pdbx_ptnr2_label_alt_id 
_struct_conn.pdbx_ptnr2_PDB_ins_code 
_struct_conn.ptnr1_auth_asym_id 
_struct_conn.ptnr1_auth_comp_id 
_struct_conn.ptnr1_auth_seq_id 
_struct_conn.ptnr2_auth_asym_id 
_struct_conn.ptnr2_auth_comp_id 
_struct_conn.ptnr2_auth_seq_id 
_struct_conn.ptnr2_symmetry 
_struct_conn.pdbx_ptnr3_label_atom_id 
_struct_conn.pdbx_ptnr3_label_seq_id 
_struct_conn.pdbx_ptnr3_label_comp_id 
_struct_conn.pdbx_ptnr3_label_asym_id 
_struct_conn.pdbx_ptnr3_label_alt_id 
_struct_conn.pdbx_ptnr3_PDB_ins_code 
_struct_conn.details 
_struct_conn.pdbx_dist_value 
_struct_conn.pdbx_value_order 
_struct_conn.pdbx_role 
metalc1 metalc ? ? A HIS 27  NE2 ? ? ? 1_555 B MN  . MN ? ? A HIS 27  A MN  204 1_555 ? ? ? ? ? ? ? 1.994 ? ? 
metalc2 metalc ? ? A HIS 46  ND1 ? ? ? 1_555 C ZN  . ZN ? ? A HIS 46  A ZN  205 1_555 ? ? ? ? ? ? ? 2.453 ? ? 
metalc3 metalc ? ? A HIS 82  NE2 ? ? ? 1_555 B MN  . MN ? ? A HIS 82  A MN  204 1_555 ? ? ? ? ? ? ? 2.122 ? ? 
metalc4 metalc ? ? A ASP 164 OD2 ? ? ? 1_555 B MN  . MN ? ? A ASP 164 A MN  204 1_555 ? ? ? ? ? ? ? 2.115 ? ? 
metalc5 metalc ? ? A HIS 168 NE2 ? ? ? 1_555 B MN  . MN ? ? A HIS 168 A MN  204 1_555 ? ? ? ? ? ? ? 1.919 ? ? 
metalc6 metalc ? ? A ASP 180 OD1 ? ? ? 5_655 C ZN  . ZN ? ? A ASP 180 A ZN  205 1_555 ? ? ? ? ? ? ? 2.643 ? ? 
metalc7 metalc ? ? A ASP 180 OD2 ? ? ? 5_655 C ZN  . ZN ? ? A ASP 180 A ZN  205 1_555 ? ? ? ? ? ? ? 2.121 ? ? 
metalc8 metalc ? ? C ZN  .   ZN  ? ? ? 1_555 D HOH . O  ? ? A ZN  205 A HOH 206 1_555 ? ? ? ? ? ? ? 2.343 ? ? 
metalc9 metalc ? ? C ZN  .   ZN  ? ? ? 1_555 D HOH . O  ? ? A ZN  205 A HOH 207 1_555 ? ? ? ? ? ? ? 2.333 ? ? 
# 
_struct_conn_type.id          metalc 
_struct_conn_type.criteria    ? 
_struct_conn_type.reference   ? 
# 
_struct_sheet.id               A 
_struct_sheet.type             ? 
_struct_sheet.number_strands   3 
_struct_sheet.details          ? 
# 
loop_
_struct_sheet_order.sheet_id 
_struct_sheet_order.range_id_1 
_struct_sheet_order.range_id_2 
_struct_sheet_order.offset 
_struct_sheet_order.sense 
A 1 2 ? anti-parallel 
A 2 3 ? anti-parallel 
# 
loop_
_struct_sheet_range.sheet_id 
_struct_sheet_range.id 
_struct_sheet_range.beg_label_comp_id 
_struct_sheet_range.beg_label_asym_id 
_struct_sheet_range.beg_label_seq_id 
_struct_sheet_range.pdbx_beg_PDB_ins_code 
_struct_sheet_range.end_label_comp_id 
_struct_sheet_range.end_label_asym_id 
_struct_sheet_range.end_label_seq_id 
_struct_sheet_range.pdbx_end_PDB_ins_code 
_struct_sheet_range.beg_auth_comp_id 
_struct_sheet_range.beg_auth_asym_id 
_struct_sheet_range.beg_auth_seq_id 
_struct_sheet_range.end_auth_comp_id 
_struct_sheet_range.end_auth_asym_id 
_struct_sheet_range.end_auth_seq_id 
A 1 MET A 144 ? PRO A 147 ? MET A 144 PRO A 147 
A 2 GLY A 130 ? TRP A 133 ? GLY A 130 TRP A 133 
A 3 GLY A 162 ? ASP A 164 ? GLY A 162 ASP A 164 
# 
loop_
_pdbx_struct_sheet_hbond.sheet_id 
_pdbx_struct_sheet_hbond.range_id_1 
_pdbx_struct_sheet_hbond.range_id_2 
_pdbx_struct_sheet_hbond.range_1_label_atom_id 
_pdbx_struct_sheet_hbond.range_1_label_comp_id 
_pdbx_struct_sheet_hbond.range_1_label_asym_id 
_pdbx_struct_sheet_hbond.range_1_label_seq_id 
_pdbx_struct_sheet_hbond.range_1_PDB_ins_code 
_pdbx_struct_sheet_hbond.range_1_auth_atom_id 
_pdbx_struct_sheet_hbond.range_1_auth_comp_id 
_pdbx_struct_sheet_hbond.range_1_auth_asym_id 
_pdbx_struct_sheet_hbond.range_1_auth_seq_id 
_pdbx_struct_sheet_hbond.range_2_label_atom_id 
_pdbx_struct_sheet_hbond.range_2_label_comp_id 
_pdbx_struct_sheet_hbond.range_2_label_asym_id 
_pdbx_struct_sheet_hbond.range_2_label_seq_id 
_pdbx_struct_sheet_hbond.range_2_PDB_ins_code 
_pdbx_struct_sheet_hbond.range_2_auth_atom_id 
_pdbx_struct_sheet_hbond.range_2_auth_comp_id 
_pdbx_struct_sheet_hbond.range_2_auth_asym_id 
_pdbx_struct_sheet_hbond.range_2_auth_seq_id 
A 1 2 O THR A 146 ? O THR A 146 N TRP A 131 ? N TRP A 131 
A 2 3 N ALA A 132 ? N ALA A 132 O LEU A 163 ? O LEU A 163 
# 
loop_
_struct_site.id 
_struct_site.pdbx_evidence_code 
_struct_site.pdbx_auth_asym_id 
_struct_site.pdbx_auth_comp_id 
_struct_site.pdbx_auth_seq_id 
_struct_site.pdbx_auth_ins_code 
_struct_site.pdbx_num_residues 
_struct_site.details 
AC1 Software A MN 204 ? 4 'BINDING SITE FOR RESIDUE MN A 204' 
AC2 Software A ZN 205 ? 4 'BINDING SITE FOR RESIDUE ZN A 205' 
# 
loop_
_struct_site_gen.id 
_struct_site_gen.site_id 
_struct_site_gen.pdbx_num_res 
_struct_site_gen.label_comp_id 
_struct_site_gen.label_asym_id 
_struct_site_gen.label_seq_id 
_struct_site_gen.pdbx_auth_ins_code 
_struct_site_gen.auth_comp_id 
_struct_site_gen.auth_asym_id 
_struct_site_gen.auth_seq_id 
_struct_site_gen.label_atom_id 
_struct_site_gen.label_alt_id 
_struct_site_gen.symmetry 
_struct_site_gen.details 
1 AC1 4 HIS A 27  ? HIS A 27  . ? 1_555 ? 
2 AC1 4 HIS A 82  ? HIS A 82  . ? 1_555 ? 
3 AC1 4 ASP A 164 ? ASP A 164 . ? 1_555 ? 
4 AC1 4 HIS A 168 ? HIS A 168 . ? 1_555 ? 
5 AC2 4 HIS A 46  ? HIS A 46  . ? 1_555 ? 
6 AC2 4 ASP A 180 ? ASP A 180 . ? 5_655 ? 
7 AC2 4 HOH D .   ? HOH A 206 . ? 1_555 ? 
8 AC2 4 HOH D .   ? HOH A 207 . ? 1_555 ? 
# 
_atom_sites.entry_id                    1JR9 
_atom_sites.fract_transf_matrix[1][1]   0.00843156 
_atom_sites.fract_transf_matrix[1][2]   0.00614449 
_atom_sites.fract_transf_matrix[1][3]   -0.00254562 
_atom_sites.fract_transf_matrix[2][1]   0.00455362 
_atom_sites.fract_transf_matrix[2][2]   -0.00233730 
_atom_sites.fract_transf_matrix[2][3]   0.00944075 
_atom_sites.fract_transf_matrix[3][1]   0.00710556 
_atom_sites.fract_transf_matrix[3][2]   -0.01244690 
_atom_sites.fract_transf_matrix[3][3]   -0.00650883 
_atom_sites.fract_transf_vector[1]      0.774350 
_atom_sites.fract_transf_vector[2]      0.740539 
_atom_sites.fract_transf_vector[3]      0.261719 
# 
loop_
_atom_type.symbol 
C  
MN 
N  
O  
S  
ZN 
# 
loop_
_atom_site.group_PDB 
_atom_site.id 
_atom_site.type_symbol 
_atom_site.label_atom_id 
_atom_site.label_alt_id 
_atom_site.label_comp_id 
_atom_site.label_asym_id 
_atom_site.label_entity_id 
_atom_site.label_seq_id 
_atom_site.pdbx_PDB_ins_code 
_atom_site.Cartn_x 
_atom_site.Cartn_y 
_atom_site.Cartn_z 
_atom_site.occupancy 
_atom_site.B_iso_or_equiv 
_atom_site.pdbx_formal_charge 
_atom_site.auth_seq_id 
_atom_site.auth_comp_id 
_atom_site.auth_asym_id 
_atom_site.auth_atom_id 
_atom_site.pdbx_PDB_model_num 
ATOM   1    N  N   . LYS A 1 2   ? -7.358  -6.021  19.324  1.00 30.11 ? 2   LYS A N   1 
ATOM   2    C  CA  . LYS A 1 2   ? -7.003  -4.574  19.210  1.00 30.87 ? 2   LYS A CA  1 
ATOM   3    C  C   . LYS A 1 2   ? -6.848  -4.207  17.741  1.00 30.00 ? 2   LYS A C   1 
ATOM   4    O  O   . LYS A 1 2   ? -7.330  -3.166  17.296  1.00 30.35 ? 2   LYS A O   1 
ATOM   5    C  CB  . LYS A 1 2   ? -5.695  -4.286  19.950  1.00 39.53 ? 2   LYS A CB  1 
ATOM   6    C  CG  . LYS A 1 2   ? -4.479  -4.908  19.266  1.00 43.37 ? 2   LYS A CG  1 
ATOM   7    N  N   . PHE A 1 3   ? -6.155  -5.064  16.999  1.00 28.77 ? 3   PHE A N   1 
ATOM   8    C  CA  . PHE A 1 3   ? -5.955  -4.853  15.575  1.00 29.24 ? 3   PHE A CA  1 
ATOM   9    C  C   . PHE A 1 3   ? -7.076  -5.597  14.868  1.00 29.42 ? 3   PHE A C   1 
ATOM   10   O  O   . PHE A 1 3   ? -7.259  -6.794  15.072  1.00 29.22 ? 3   PHE A O   1 
ATOM   11   C  CB  . PHE A 1 3   ? -4.594  -5.401  15.136  1.00 33.45 ? 3   PHE A CB  1 
ATOM   12   C  CG  . PHE A 1 3   ? -3.440  -4.460  15.390  1.00 33.78 ? 3   PHE A CG  1 
ATOM   13   C  CD1 . PHE A 1 3   ? -2.180  -4.959  15.704  1.00 29.90 ? 3   PHE A CD1 1 
ATOM   14   C  CD2 . PHE A 1 3   ? -3.612  -3.083  15.296  1.00 29.62 ? 3   PHE A CD2 1 
ATOM   15   C  CE1 . PHE A 1 3   ? -1.111  -4.105  15.924  1.00 28.25 ? 3   PHE A CE1 1 
ATOM   16   C  CE2 . PHE A 1 3   ? -2.552  -2.218  15.511  1.00 30.88 ? 3   PHE A CE2 1 
ATOM   17   C  CZ  . PHE A 1 3   ? -1.294  -2.729  15.826  1.00 35.48 ? 3   PHE A CZ  1 
ATOM   18   N  N   . GLU A 1 4   ? -7.830  -4.887  14.038  1.00 30.77 ? 4   GLU A N   1 
ATOM   19   C  CA  . GLU A 1 4   ? -8.948  -5.501  13.332  1.00 31.83 ? 4   GLU A CA  1 
ATOM   20   C  C   . GLU A 1 4   ? -8.898  -5.258  11.835  1.00 30.38 ? 4   GLU A C   1 
ATOM   21   O  O   . GLU A 1 4   ? -8.327  -4.266  11.379  1.00 31.19 ? 4   GLU A O   1 
ATOM   22   C  CB  . GLU A 1 4   ? -10.268 -4.936  13.852  1.00 41.23 ? 4   GLU A CB  1 
ATOM   23   C  CG  . GLU A 1 4   ? -10.391 -4.878  15.357  1.00 46.69 ? 4   GLU A CG  1 
ATOM   24   C  CD  . GLU A 1 4   ? -11.580 -4.044  15.785  1.00 48.36 ? 4   GLU A CD  1 
ATOM   25   O  OE1 . GLU A 1 4   ? -12.718 -4.391  15.394  1.00 48.27 ? 4   GLU A OE1 1 
ATOM   26   O  OE2 . GLU A 1 4   ? -11.375 -3.038  16.500  1.00 49.81 ? 4   GLU A OE2 1 
ATOM   27   N  N   . LEU A 1 5   ? -9.514  -6.162  11.077  1.00 28.51 ? 5   LEU A N   1 
ATOM   28   C  CA  . LEU A 1 5   ? -9.582  -6.030  9.629   1.00 26.48 ? 5   LEU A CA  1 
ATOM   29   C  C   . LEU A 1 5   ? -10.572 -4.899  9.361   1.00 26.38 ? 5   LEU A C   1 
ATOM   30   O  O   . LEU A 1 5   ? -11.703 -4.925  9.843   1.00 29.29 ? 5   LEU A O   1 
ATOM   31   C  CB  . LEU A 1 5   ? -10.070 -7.332  9.006   1.00 14.01 ? 5   LEU A CB  1 
ATOM   32   C  CG  . LEU A 1 5   ? -10.140 -7.356  7.485   1.00 17.72 ? 5   LEU A CG  1 
ATOM   33   C  CD1 . LEU A 1 5   ? -10.201 -8.779  6.991   1.00 20.09 ? 5   LEU A CD1 1 
ATOM   34   C  CD2 . LEU A 1 5   ? -11.347 -6.582  7.033   1.00 22.73 ? 5   LEU A CD2 1 
ATOM   35   N  N   . PRO A 1 6   ? -10.158 -3.891  8.585   1.00 25.36 ? 6   PRO A N   1 
ATOM   36   C  CA  . PRO A 1 6   ? -11.003 -2.740  8.263   1.00 25.26 ? 6   PRO A CA  1 
ATOM   37   C  C   . PRO A 1 6   ? -12.088 -3.002  7.230   1.00 26.33 ? 6   PRO A C   1 
ATOM   38   O  O   . PRO A 1 6   ? -11.995 -3.933  6.428   1.00 26.19 ? 6   PRO A O   1 
ATOM   39   C  CB  . PRO A 1 6   ? -9.992  -1.719  7.775   1.00 20.80 ? 6   PRO A CB  1 
ATOM   40   C  CG  . PRO A 1 6   ? -9.056  -2.583  6.992   1.00 25.58 ? 6   PRO A CG  1 
ATOM   41   C  CD  . PRO A 1 6   ? -8.860  -3.793  7.894   1.00 27.21 ? 6   PRO A CD  1 
ATOM   42   N  N   . GLU A 1 7   ? -13.115 -2.158  7.251   1.00 27.99 ? 7   GLU A N   1 
ATOM   43   C  CA  . GLU A 1 7   ? -14.215 -2.279  6.307   1.00 29.85 ? 7   GLU A CA  1 
ATOM   44   C  C   . GLU A 1 7   ? -13.919 -1.539  5.009   1.00 28.95 ? 7   GLU A C   1 
ATOM   45   O  O   . GLU A 1 7   ? -13.413 -0.414  5.019   1.00 28.99 ? 7   GLU A O   1 
ATOM   46   C  CB  . GLU A 1 7   ? -15.511 -1.736  6.919   1.00 40.89 ? 7   GLU A CB  1 
ATOM   47   C  CG  . GLU A 1 7   ? -16.589 -1.392  5.889   1.00 44.21 ? 7   GLU A CG  1 
ATOM   48   C  CD  . GLU A 1 7   ? -17.986 -1.349  6.484   1.00 44.38 ? 7   GLU A CD  1 
ATOM   49   O  OE1 . GLU A 1 7   ? -18.541 -2.433  6.772   1.00 44.90 ? 7   GLU A OE1 1 
ATOM   50   O  OE2 . GLU A 1 7   ? -18.529 -0.236  6.665   1.00 45.27 ? 7   GLU A OE2 1 
ATOM   51   N  N   . LEU A 1 8   ? -14.239 -2.188  3.893   1.00 27.67 ? 8   LEU A N   1 
ATOM   52   C  CA  . LEU A 1 8   ? -14.042 -1.610  2.573   1.00 25.27 ? 8   LEU A CA  1 
ATOM   53   C  C   . LEU A 1 8   ? -15.044 -0.472  2.408   1.00 25.18 ? 8   LEU A C   1 
ATOM   54   O  O   . LEU A 1 8   ? -16.255 -0.675  2.521   1.00 26.90 ? 8   LEU A O   1 
ATOM   55   C  CB  . LEU A 1 8   ? -14.280 -2.677  1.508   1.00 16.88 ? 8   LEU A CB  1 
ATOM   56   C  CG  . LEU A 1 8   ? -13.114 -3.054  0.598   1.00 15.73 ? 8   LEU A CG  1 
ATOM   57   C  CD1 . LEU A 1 8   ? -11.852 -3.208  1.410   1.00 22.60 ? 8   LEU A CD1 1 
ATOM   58   C  CD2 . LEU A 1 8   ? -13.445 -4.341  -0.124  1.00 20.55 ? 8   LEU A CD2 1 
ATOM   59   N  N   . PRO A 1 9   ? -14.551 0.747   2.148   1.00 24.99 ? 9   PRO A N   1 
ATOM   60   C  CA  . PRO A 1 9   ? -15.457 1.883   1.981   1.00 24.27 ? 9   PRO A CA  1 
ATOM   61   C  C   . PRO A 1 9   ? -16.397 1.722   0.795   1.00 24.13 ? 9   PRO A C   1 
ATOM   62   O  O   . PRO A 1 9   ? -17.176 2.619   0.487   1.00 25.56 ? 9   PRO A O   1 
ATOM   63   C  CB  . PRO A 1 9   ? -14.502 3.066   1.824   1.00 27.57 ? 9   PRO A CB  1 
ATOM   64   C  CG  . PRO A 1 9   ? -13.305 2.446   1.181   1.00 26.27 ? 9   PRO A CG  1 
ATOM   65   C  CD  . PRO A 1 9   ? -13.152 1.167   1.964   1.00 26.88 ? 9   PRO A CD  1 
ATOM   66   N  N   . TYR A 1 10  ? -16.334 0.569   0.139   1.00 23.81 ? 10  TYR A N   1 
ATOM   67   C  CA  . TYR A 1 10  ? -17.183 0.313   -1.017  1.00 24.62 ? 10  TYR A CA  1 
ATOM   68   C  C   . TYR A 1 10  ? -17.442 -1.170  -1.258  1.00 24.80 ? 10  TYR A C   1 
ATOM   69   O  O   . TYR A 1 10  ? -16.791 -2.031  -0.665  1.00 27.18 ? 10  TYR A O   1 
ATOM   70   C  CB  . TYR A 1 10  ? -16.555 0.935   -2.265  1.00 28.80 ? 10  TYR A CB  1 
ATOM   71   C  CG  . TYR A 1 10  ? -15.085 0.621   -2.431  1.00 26.60 ? 10  TYR A CG  1 
ATOM   72   C  CD1 . TYR A 1 10  ? -14.653 -0.677  -2.696  1.00 23.05 ? 10  TYR A CD1 1 
ATOM   73   C  CD2 . TYR A 1 10  ? -14.121 1.621   -2.288  1.00 24.95 ? 10  TYR A CD2 1 
ATOM   74   C  CE1 . TYR A 1 10  ? -13.299 -0.974  -2.809  1.00 23.44 ? 10  TYR A CE1 1 
ATOM   75   C  CE2 . TYR A 1 10  ? -12.763 1.333   -2.399  1.00 23.94 ? 10  TYR A CE2 1 
ATOM   76   C  CZ  . TYR A 1 10  ? -12.361 0.033   -2.659  1.00 22.18 ? 10  TYR A CZ  1 
ATOM   77   O  OH  . TYR A 1 10  ? -11.021 -0.262  -2.760  1.00 28.08 ? 10  TYR A OH  1 
ATOM   78   N  N   . ALA A 1 11  ? -18.400 -1.453  -2.134  1.00 23.43 ? 11  ALA A N   1 
ATOM   79   C  CA  . ALA A 1 11  ? -18.761 -2.820  -2.472  1.00 22.20 ? 11  ALA A CA  1 
ATOM   80   C  C   . ALA A 1 11  ? -17.552 -3.567  -3.005  1.00 21.08 ? 11  ALA A C   1 
ATOM   81   O  O   . ALA A 1 11  ? -16.545 -2.958  -3.341  1.00 21.05 ? 11  ALA A O   1 
ATOM   82   C  CB  . ALA A 1 11  ? -19.873 -2.814  -3.511  1.00 31.90 ? 11  ALA A CB  1 
ATOM   83   N  N   . TYR A 1 12  ? -17.655 -4.886  -3.079  1.00 21.09 ? 12  TYR A N   1 
ATOM   84   C  CA  . TYR A 1 12  ? -16.557 -5.701  -3.588  1.00 23.61 ? 12  TYR A CA  1 
ATOM   85   C  C   . TYR A 1 12  ? -16.533 -5.675  -5.109  1.00 24.74 ? 12  TYR A C   1 
ATOM   86   O  O   . TYR A 1 12  ? -15.514 -5.967  -5.732  1.00 27.57 ? 12  TYR A O   1 
ATOM   87   C  CB  . TYR A 1 12  ? -16.684 -7.152  -3.111  1.00 27.00 ? 12  TYR A CB  1 
ATOM   88   C  CG  . TYR A 1 12  ? -16.266 -7.384  -1.674  1.00 28.79 ? 12  TYR A CG  1 
ATOM   89   C  CD1 . TYR A 1 12  ? -17.012 -6.875  -0.611  1.00 29.15 ? 12  TYR A CD1 1 
ATOM   90   C  CD2 . TYR A 1 12  ? -15.121 -8.119  -1.380  1.00 28.73 ? 12  TYR A CD2 1 
ATOM   91   C  CE1 . TYR A 1 12  ? -16.624 -7.095  0.708   1.00 28.12 ? 12  TYR A CE1 1 
ATOM   92   C  CE2 . TYR A 1 12  ? -14.725 -8.346  -0.068  1.00 28.28 ? 12  TYR A CE2 1 
ATOM   93   C  CZ  . TYR A 1 12  ? -15.480 -7.833  0.969   1.00 28.03 ? 12  TYR A CZ  1 
ATOM   94   O  OH  . TYR A 1 12  ? -15.098 -8.071  2.267   1.00 27.05 ? 12  TYR A OH  1 
ATOM   95   N  N   . ASP A 1 13  ? -17.666 -5.325  -5.703  1.00 25.77 ? 13  ASP A N   1 
ATOM   96   C  CA  . ASP A 1 13  ? -17.787 -5.265  -7.150  1.00 25.19 ? 13  ASP A CA  1 
ATOM   97   C  C   . ASP A 1 13  ? -17.753 -3.810  -7.585  1.00 25.17 ? 13  ASP A C   1 
ATOM   98   O  O   . ASP A 1 13  ? -17.897 -3.503  -8.760  1.00 26.57 ? 13  ASP A O   1 
ATOM   99   C  CB  . ASP A 1 13  ? -19.105 -5.905  -7.586  1.00 28.72 ? 13  ASP A CB  1 
ATOM   100  C  CG  . ASP A 1 13  ? -20.313 -5.068  -7.200  1.00 32.71 ? 13  ASP A CG  1 
ATOM   101  O  OD1 . ASP A 1 13  ? -20.296 -4.471  -6.105  1.00 30.91 ? 13  ASP A OD1 1 
ATOM   102  O  OD2 . ASP A 1 13  ? -21.286 -5.014  -7.984  1.00 37.68 ? 13  ASP A OD2 1 
ATOM   103  N  N   . ALA A 1 14  ? -17.555 -2.915  -6.626  1.00 24.73 ? 14  ALA A N   1 
ATOM   104  C  CA  . ALA A 1 14  ? -17.509 -1.484  -6.905  1.00 25.08 ? 14  ALA A CA  1 
ATOM   105  C  C   . ALA A 1 14  ? -16.250 -1.076  -7.656  1.00 25.47 ? 14  ALA A C   1 
ATOM   106  O  O   . ALA A 1 14  ? -15.892 0.097   -7.678  1.00 27.78 ? 14  ALA A O   1 
ATOM   107  C  CB  . ALA A 1 14  ? -17.617 -0.695  -5.604  1.00 26.46 ? 14  ALA A CB  1 
ATOM   108  N  N   . LEU A 1 15  ? -15.582 -2.046  -8.270  1.00 26.31 ? 15  LEU A N   1 
ATOM   109  C  CA  . LEU A 1 15  ? -14.360 -1.790  -9.035  1.00 28.13 ? 15  LEU A CA  1 
ATOM   110  C  C   . LEU A 1 15  ? -14.214 -2.866  -10.126 1.00 30.94 ? 15  LEU A C   1 
ATOM   111  O  O   . LEU A 1 15  ? -13.165 -2.981  -10.777 1.00 31.87 ? 15  LEU A O   1 
ATOM   112  C  CB  . LEU A 1 15  ? -13.134 -1.841  -8.115  1.00 22.17 ? 15  LEU A CB  1 
ATOM   113  C  CG  . LEU A 1 15  ? -13.072 -0.761  -7.046  1.00 16.95 ? 15  LEU A CG  1 
ATOM   114  C  CD1 . LEU A 1 15  ? -11.970 -1.035  -6.012  1.00 22.75 ? 15  LEU A CD1 1 
ATOM   115  C  CD2 . LEU A 1 15  ? -12.775 0.621   -7.621  1.00 20.47 ? 15  LEU A CD2 1 
ATOM   116  N  N   . GLU A 1 16  ? -15.304 -3.590  -10.274 1.00 32.37 ? 16  GLU A N   1 
ATOM   117  C  CA  . GLU A 1 16  ? -15.437 -4.761  -11.159 1.00 32.39 ? 16  GLU A CA  1 
ATOM   118  C  C   . GLU A 1 16  ? -14.819 -4.603  -12.557 1.00 31.61 ? 16  GLU A C   1 
ATOM   119  O  O   . GLU A 1 16  ? -14.292 -5.559  -13.139 1.00 34.17 ? 16  GLU A O   1 
ATOM   120  C  CB  . GLU A 1 16  ? -16.902 -5.116  -11.336 1.00 37.11 ? 16  GLU A CB  1 
ATOM   121  C  CG  . GLU A 1 16  ? -17.245 -6.437  -10.653 1.00 41.28 ? 16  GLU A CG  1 
ATOM   122  C  CD  . GLU A 1 16  ? -17.321 -7.595  -11.636 1.00 45.67 ? 16  GLU A CD  1 
ATOM   123  O  OE1 . GLU A 1 16  ? -18.406 -7.786  -12.303 1.00 49.66 ? 16  GLU A OE1 1 
ATOM   124  O  OE2 . GLU A 1 16  ? -16.308 -8.373  -11.800 1.00 44.40 ? 16  GLU A OE2 1 
ATOM   125  N  N   . PRO A 1 17  ? -14.841 -3.477  -13.271 1.00 29.69 ? 17  PRO A N   1 
ATOM   126  C  CA  . PRO A 1 17  ? -14.193 -3.447  -14.553 1.00 28.72 ? 17  PRO A CA  1 
ATOM   127  C  C   . PRO A 1 17  ? -12.664 -3.617  -14.503 1.00 28.80 ? 17  PRO A C   1 
ATOM   128  O  O   . PRO A 1 17  ? -12.103 -4.470  -15.199 1.00 29.91 ? 17  PRO A O   1 
ATOM   129  C  CB  . PRO A 1 17  ? -14.470 -2.066  -15.096 1.00 28.65 ? 17  PRO A CB  1 
ATOM   130  C  CG  . PRO A 1 17  ? -15.263 -1.311  -14.052 1.00 30.49 ? 17  PRO A CG  1 
ATOM   131  C  CD  . PRO A 1 17  ? -15.513 -2.231  -12.880 1.00 24.57 ? 17  PRO A CD  1 
ATOM   132  N  N   . THR A 1 18  ? -12.009 -2.826  -13.654 1.00 27.31 ? 18  THR A N   1 
ATOM   133  C  CA  . THR A 1 18  ? -10.554 -2.868  -13.479 1.00 25.33 ? 18  THR A CA  1 
ATOM   134  C  C   . THR A 1 18  ? -10.112 -4.114  -12.715 1.00 24.35 ? 18  THR A C   1 
ATOM   135  O  O   . THR A 1 18  ? -9.532  -5.041  -13.276 1.00 24.28 ? 18  THR A O   1 
ATOM   136  C  CB  . THR A 1 18  ? -10.067 -1.660  -12.670 1.00 23.64 ? 18  THR A CB  1 
ATOM   137  O  OG1 . THR A 1 18  ? -10.663 -0.466  -13.186 1.00 31.60 ? 18  THR A OG1 1 
ATOM   138  C  CG2 . THR A 1 18  ? -8.556  -1.547  -12.742 1.00 27.44 ? 18  THR A CG2 1 
ATOM   139  N  N   . ILE A 1 19  ? -10.382 -4.101  -11.413 1.00 23.57 ? 19  ILE A N   1 
ATOM   140  C  CA  . ILE A 1 19  ? -10.038 -5.190  -10.512 1.00 22.20 ? 19  ILE A CA  1 
ATOM   141  C  C   . ILE A 1 19  ? -11.318 -5.977  -10.253 1.00 22.43 ? 19  ILE A C   1 
ATOM   142  O  O   . ILE A 1 19  ? -12.307 -5.418  -9.770  1.00 23.28 ? 19  ILE A O   1 
ATOM   143  C  CB  . ILE A 1 19  ? -9.488  -4.622  -9.182  1.00 18.87 ? 19  ILE A CB  1 
ATOM   144  C  CG1 . ILE A 1 19  ? -8.343  -3.646  -9.479  1.00 23.82 ? 19  ILE A CG1 1 
ATOM   145  C  CG2 . ILE A 1 19  ? -8.991  -5.746  -8.294  1.00 19.67 ? 19  ILE A CG2 1 
ATOM   146  C  CD1 . ILE A 1 19  ? -7.926  -2.783  -8.306  1.00 19.80 ? 19  ILE A CD1 1 
ATOM   147  N  N   . ASP A 1 20  ? -11.295 -7.267  -10.584 1.00 21.83 ? 20  ASP A N   1 
ATOM   148  C  CA  . ASP A 1 20  ? -12.453 -8.143  -10.412 1.00 22.50 ? 20  ASP A CA  1 
ATOM   149  C  C   . ASP A 1 20  ? -12.914 -8.349  -8.969  1.00 23.77 ? 20  ASP A C   1 
ATOM   150  O  O   . ASP A 1 20  ? -12.157 -8.826  -8.126  1.00 25.23 ? 20  ASP A O   1 
ATOM   151  C  CB  . ASP A 1 20  ? -12.169 -9.503  -11.046 1.00 24.13 ? 20  ASP A CB  1 
ATOM   152  C  CG  . ASP A 1 20  ? -10.976 -10.194 -10.428 1.00 22.23 ? 20  ASP A CG  1 
ATOM   153  O  OD1 . ASP A 1 20  ? -9.849  -9.659  -10.533 1.00 22.73 ? 20  ASP A OD1 1 
ATOM   154  O  OD2 . ASP A 1 20  ? -11.171 -11.277 -9.836  1.00 23.86 ? 20  ASP A OD2 1 
ATOM   155  N  N   . LYS A 1 21  ? -14.171 -7.996  -8.707  1.00 24.24 ? 21  LYS A N   1 
ATOM   156  C  CA  . LYS A 1 21  ? -14.789 -8.131  -7.388  1.00 23.80 ? 21  LYS A CA  1 
ATOM   157  C  C   . LYS A 1 21  ? -14.329 -9.402  -6.682  1.00 23.40 ? 21  LYS A C   1 
ATOM   158  O  O   . LYS A 1 21  ? -14.202 -9.442  -5.462  1.00 24.27 ? 21  LYS A O   1 
ATOM   159  C  CB  . LYS A 1 21  ? -16.312 -8.187  -7.531  1.00 28.49 ? 21  LYS A CB  1 
ATOM   160  C  CG  . LYS A 1 21  ? -16.807 -9.517  -8.100  1.00 35.17 ? 21  LYS A CG  1 
ATOM   161  C  CD  . LYS A 1 21  ? -18.321 -9.573  -8.230  1.00 35.47 ? 21  LYS A CD  1 
ATOM   162  C  CE  . LYS A 1 21  ? -18.787 -11.003 -8.499  1.00 36.20 ? 21  LYS A CE  1 
ATOM   163  N  NZ  . LYS A 1 21  ? -18.088 -11.620 -9.664  1.00 35.62 ? 21  LYS A NZ  1 
ATOM   164  N  N   . GLU A 1 22  ? -14.101 -10.443 -7.473  1.00 22.37 ? 22  GLU A N   1 
ATOM   165  C  CA  . GLU A 1 22  ? -13.672 -11.744 -6.979  1.00 22.71 ? 22  GLU A CA  1 
ATOM   166  C  C   . GLU A 1 22  ? -12.365 -11.687 -6.192  1.00 22.25 ? 22  GLU A C   1 
ATOM   167  O  O   . GLU A 1 22  ? -12.277 -12.219 -5.086  1.00 22.56 ? 22  GLU A O   1 
ATOM   168  C  CB  . GLU A 1 22  ? -13.526 -12.686 -8.164  1.00 33.01 ? 22  GLU A CB  1 
ATOM   169  C  CG  . GLU A 1 22  ? -13.237 -14.118 -7.812  1.00 31.06 ? 22  GLU A CG  1 
ATOM   170  C  CD  . GLU A 1 22  ? -12.999 -14.946 -9.057  1.00 39.06 ? 22  GLU A CD  1 
ATOM   171  O  OE1 . GLU A 1 22  ? -12.687 -16.149 -8.928  1.00 44.42 ? 22  GLU A OE1 1 
ATOM   172  O  OE2 . GLU A 1 22  ? -13.125 -14.388 -10.170 1.00 40.45 ? 22  GLU A OE2 1 
ATOM   173  N  N   . THR A 1 23  ? -11.342 -11.066 -6.772  1.00 21.62 ? 23  THR A N   1 
ATOM   174  C  CA  . THR A 1 23  ? -10.057 -10.931 -6.088  1.00 19.83 ? 23  THR A CA  1 
ATOM   175  C  C   . THR A 1 23  ? -10.264 -10.000 -4.906  1.00 18.75 ? 23  THR A C   1 
ATOM   176  O  O   . THR A 1 23  ? -9.710  -10.193 -3.829  1.00 20.81 ? 23  THR A O   1 
ATOM   177  C  CB  . THR A 1 23  ? -8.984  -10.302 -6.991  1.00 13.84 ? 23  THR A CB  1 
ATOM   178  O  OG1 . THR A 1 23  ? -8.717  -11.169 -8.097  1.00 20.66 ? 23  THR A OG1 1 
ATOM   179  C  CG2 . THR A 1 23  ? -7.709  -10.075 -6.207  1.00 13.41 ? 23  THR A CG2 1 
ATOM   180  N  N   . MET A 1 24  ? -11.060 -8.971  -5.139  1.00 17.07 ? 24  MET A N   1 
ATOM   181  C  CA  . MET A 1 24  ? -11.361 -8.013  -4.082  1.00 16.95 ? 24  MET A CA  1 
ATOM   182  C  C   . MET A 1 24  ? -11.852 -8.720  -2.823  1.00 17.36 ? 24  MET A C   1 
ATOM   183  O  O   . MET A 1 24  ? -11.472 -8.365  -1.702  1.00 18.42 ? 24  MET A O   1 
ATOM   184  C  CB  . MET A 1 24  ? -12.399 -6.995  -4.561  1.00 19.16 ? 24  MET A CB  1 
ATOM   185  C  CG  . MET A 1 24  ? -11.843 -5.943  -5.506  1.00 21.83 ? 24  MET A CG  1 
ATOM   186  S  SD  . MET A 1 24  ? -10.528 -4.962  -4.760  1.00 27.91 ? 24  MET A SD  1 
ATOM   187  C  CE  . MET A 1 24  ? -11.459 -3.988  -3.581  1.00 16.16 ? 24  MET A CE  1 
ATOM   188  N  N   . ASN A 1 25  ? -12.686 -9.718  -3.052  1.00 17.14 ? 25  ASN A N   1 
ATOM   189  C  CA  . ASN A 1 25  ? -13.279 -10.516 -1.969  1.00 17.60 ? 25  ASN A CA  1 
ATOM   190  C  C   . ASN A 1 25  ? -12.199 -11.308 -1.229  1.00 17.38 ? 25  ASN A C   1 
ATOM   191  O  O   . ASN A 1 25  ? -12.092 -11.247 0.004   1.00 18.49 ? 25  ASN A O   1 
ATOM   192  C  CB  . ASN A 1 25  ? -14.301 -11.503 -2.535  1.00 24.83 ? 25  ASN A CB  1 
ATOM   193  C  CG  . ASN A 1 25  ? -14.969 -12.350 -1.450  1.00 21.92 ? 25  ASN A CG  1 
ATOM   194  O  OD1 . ASN A 1 25  ? -14.740 -13.556 -1.381  1.00 24.49 ? 25  ASN A OD1 1 
ATOM   195  N  ND2 . ASN A 1 25  ? -15.792 -11.784 -0.585  1.00 22.47 ? 25  ASN A ND2 1 
ATOM   196  N  N   . ILE A 1 26  ? -11.423 -12.034 -2.013  1.00 15.95 ? 26  ILE A N   1 
ATOM   197  C  CA  . ILE A 1 26  ? -10.338 -12.881 -1.498  1.00 15.01 ? 26  ILE A CA  1 
ATOM   198  C  C   . ILE A 1 26  ? -9.255  -12.029 -0.826  1.00 16.26 ? 26  ILE A C   1 
ATOM   199  O  O   . ILE A 1 26  ? -9.017  -12.137 0.386   1.00 19.00 ? 26  ILE A O   1 
ATOM   200  C  CB  . ILE A 1 26  ? -9.693  -13.668 -2.643  1.00 7.54  ? 26  ILE A CB  1 
ATOM   201  C  CG1 . ILE A 1 26  ? -10.635 -14.702 -3.263  1.00 14.46 ? 26  ILE A CG1 1 
ATOM   202  C  CG2 . ILE A 1 26  ? -8.450  -14.447 -2.208  1.00 11.70 ? 26  ILE A CG2 1 
ATOM   203  C  CD1 . ILE A 1 26  ? -9.895  -15.792 -4.042  1.00 11.27 ? 26  ILE A CD1 1 
ATOM   204  N  N   . HIS A 1 27  ? -8.635  -11.205 -1.647  1.00 17.35 ? 27  HIS A N   1 
ATOM   205  C  CA  . HIS A 1 27  ? -7.537  -10.321 -1.228  1.00 16.72 ? 27  HIS A CA  1 
ATOM   206  C  C   . HIS A 1 27  ? -7.865  -9.582  0.075   1.00 17.25 ? 27  HIS A C   1 
ATOM   207  O  O   . HIS A 1 27  ? -6.965  -9.179  0.826   1.00 20.22 ? 27  HIS A O   1 
ATOM   208  C  CB  . HIS A 1 27  ? -7.265  -9.262  -2.299  1.00 14.50 ? 27  HIS A CB  1 
ATOM   209  C  CG  . HIS A 1 27  ? -5.878  -8.629  -2.164  1.00 12.19 ? 27  HIS A CG  1 
ATOM   210  N  ND1 . HIS A 1 27  ? -5.663  -7.273  -2.387  1.00 14.71 ? 27  HIS A ND1 1 
ATOM   211  C  CD2 . HIS A 1 27  ? -4.670  -9.158  -1.836  1.00 17.27 ? 27  HIS A CD2 1 
ATOM   212  C  CE1 . HIS A 1 27  ? -4.379  -7.024  -2.195  1.00 20.50 ? 27  HIS A CE1 1 
ATOM   213  N  NE2 . HIS A 1 27  ? -3.773  -8.137  -1.865  1.00 16.59 ? 27  HIS A NE2 1 
ATOM   214  N  N   . HIS A 1 28  ? -9.150  -9.417  0.328   1.00 15.83 ? 28  HIS A N   1 
ATOM   215  C  CA  . HIS A 1 28  ? -9.615  -8.680  1.513   1.00 16.43 ? 28  HIS A CA  1 
ATOM   216  C  C   . HIS A 1 28  ? -9.957  -9.606  2.684   1.00 16.86 ? 28  HIS A C   1 
ATOM   217  O  O   . HIS A 1 28  ? -9.369  -9.506  3.769   1.00 18.92 ? 28  HIS A O   1 
ATOM   218  C  CB  . HIS A 1 28  ? -10.880 -7.880  1.198   1.00 17.63 ? 28  HIS A CB  1 
ATOM   219  C  CG  . HIS A 1 28  ? -11.385 -7.092  2.410   1.00 13.18 ? 28  HIS A CG  1 
ATOM   220  N  ND1 . HIS A 1 28  ? -12.469 -7.524  3.172   1.00 18.61 ? 28  HIS A ND1 1 
ATOM   221  C  CD2 . HIS A 1 28  ? -10.962 -5.931  2.977   1.00 17.31 ? 28  HIS A CD2 1 
ATOM   222  C  CE1 . HIS A 1 28  ? -12.664 -6.648  4.142   1.00 24.22 ? 28  HIS A CE1 1 
ATOM   223  N  NE2 . HIS A 1 28  ? -11.774 -5.693  4.040   1.00 24.32 ? 28  HIS A NE2 1 
ATOM   224  N  N   . THR A 1 29  ? -10.906 -10.485 2.434   1.00 16.59 ? 29  THR A N   1 
ATOM   225  C  CA  . THR A 1 29  ? -11.437 -11.389 3.466   1.00 15.56 ? 29  THR A CA  1 
ATOM   226  C  C   . THR A 1 29  ? -10.543 -12.606 3.729   1.00 15.54 ? 29  THR A C   1 
ATOM   227  O  O   . THR A 1 29  ? -10.820 -13.420 4.623   1.00 18.51 ? 29  THR A O   1 
ATOM   228  C  CB  . THR A 1 29  ? -12.804 -11.933 3.048   1.00 10.67 ? 29  THR A CB  1 
ATOM   229  O  OG1 . THR A 1 29  ? -12.653 -12.868 1.990   1.00 18.17 ? 29  THR A OG1 1 
ATOM   230  C  CG2 . THR A 1 29  ? -13.758 -10.841 2.560   1.00 13.04 ? 29  THR A CG2 1 
ATOM   231  N  N   . LYS A 1 30  ? -9.484  -12.731 2.960   1.00 15.31 ? 30  LYS A N   1 
ATOM   232  C  CA  . LYS A 1 30  ? -8.562  -13.870 3.104   1.00 15.72 ? 30  LYS A CA  1 
ATOM   233  C  C   . LYS A 1 30  ? -7.177  -13.394 3.547   1.00 14.35 ? 30  LYS A C   1 
ATOM   234  O  O   . LYS A 1 30  ? -6.865  -13.363 4.748   1.00 16.49 ? 30  LYS A O   1 
ATOM   235  C  CB  . LYS A 1 30  ? -8.436  -14.616 1.776   1.00 24.71 ? 30  LYS A CB  1 
ATOM   236  C  CG  . LYS A 1 30  ? -9.686  -15.432 1.429   1.00 28.25 ? 30  LYS A CG  1 
ATOM   237  C  CD  . LYS A 1 30  ? -10.077 -16.429 2.524   1.00 31.86 ? 30  LYS A CD  1 
ATOM   238  C  CE  . LYS A 1 30  ? -11.412 -17.126 2.250   1.00 34.15 ? 30  LYS A CE  1 
ATOM   239  N  NZ  . LYS A 1 30  ? -12.559 -16.208 2.291   1.00 30.66 ? 30  LYS A NZ  1 
ATOM   240  N  N   . HIS A 1 31  ? -6.389  -13.040 2.553   1.00 12.07 ? 31  HIS A N   1 
ATOM   241  C  CA  . HIS A 1 31  ? -5.011  -12.571 2.749   1.00 10.29 ? 31  HIS A CA  1 
ATOM   242  C  C   . HIS A 1 31  ? -4.938  -11.572 3.906   1.00 9.82  ? 31  HIS A C   1 
ATOM   243  O  O   . HIS A 1 31  ? -4.469  -11.899 5.005   1.00 10.28 ? 31  HIS A O   1 
ATOM   244  C  CB  . HIS A 1 31  ? -4.504  -11.884 1.482   1.00 3.00  ? 31  HIS A CB  1 
ATOM   245  C  CG  . HIS A 1 31  ? -4.441  -12.829 0.282   1.00 3.65  ? 31  HIS A CG  1 
ATOM   246  N  ND1 . HIS A 1 31  ? -3.567  -13.910 0.243   1.00 3.00  ? 31  HIS A ND1 1 
ATOM   247  C  CD2 . HIS A 1 31  ? -5.128  -12.850 -0.888  1.00 10.24 ? 31  HIS A CD2 1 
ATOM   248  C  CE1 . HIS A 1 31  ? -3.740  -14.536 -0.907  1.00 7.94  ? 31  HIS A CE1 1 
ATOM   249  N  NE2 . HIS A 1 31  ? -4.668  -13.916 -1.594  1.00 11.02 ? 31  HIS A NE2 1 
ATOM   250  N  N   . HIS A 1 32  ? -5.408  -10.371 3.619   1.00 9.71  ? 32  HIS A N   1 
ATOM   251  C  CA  . HIS A 1 32  ? -5.398  -9.270  4.589   1.00 10.06 ? 32  HIS A CA  1 
ATOM   252  C  C   . HIS A 1 32  ? -5.777  -9.777  5.981   1.00 11.89 ? 32  HIS A C   1 
ATOM   253  O  O   . HIS A 1 32  ? -4.988  -9.682  6.932   1.00 14.01 ? 32  HIS A O   1 
ATOM   254  C  CB  . HIS A 1 32  ? -6.381  -8.173  4.189   1.00 5.61  ? 32  HIS A CB  1 
ATOM   255  C  CG  . HIS A 1 32  ? -6.131  -6.878  4.963   1.00 4.08  ? 32  HIS A CG  1 
ATOM   256  N  ND1 . HIS A 1 32  ? -6.884  -5.729  4.748   1.00 8.87  ? 32  HIS A ND1 1 
ATOM   257  C  CD2 . HIS A 1 32  ? -5.225  -6.568  5.929   1.00 4.96  ? 32  HIS A CD2 1 
ATOM   258  C  CE1 . HIS A 1 32  ? -6.433  -4.787  5.559   1.00 9.58  ? 32  HIS A CE1 1 
ATOM   259  N  NE2 . HIS A 1 32  ? -5.445  -5.272  6.269   1.00 12.07 ? 32  HIS A NE2 1 
ATOM   260  N  N   . ASN A 1 33  ? -6.985  -10.306 6.075   1.00 12.87 ? 33  ASN A N   1 
ATOM   261  C  CA  . ASN A 1 33  ? -7.494  -10.841 7.345   1.00 15.15 ? 33  ASN A CA  1 
ATOM   262  C  C   . ASN A 1 33  ? -6.412  -11.680 8.002   1.00 15.04 ? 33  ASN A C   1 
ATOM   263  O  O   . ASN A 1 33  ? -6.054  -11.454 9.162   1.00 16.23 ? 33  ASN A O   1 
ATOM   264  C  CB  . ASN A 1 33  ? -8.729  -11.710 7.125   1.00 26.11 ? 33  ASN A CB  1 
ATOM   265  C  CG  . ASN A 1 33  ? -9.363  -12.160 8.444   1.00 26.55 ? 33  ASN A CG  1 
ATOM   266  O  OD1 . ASN A 1 33  ? -9.241  -13.325 8.821   1.00 30.46 ? 33  ASN A OD1 1 
ATOM   267  N  ND2 . ASN A 1 33  ? -10.037 -11.297 9.182   1.00 17.72 ? 33  ASN A ND2 1 
ATOM   268  N  N   . THR A 1 34  ? -5.886  -12.644 7.256   1.00 13.51 ? 34  THR A N   1 
ATOM   269  C  CA  . THR A 1 34  ? -4.835  -13.499 7.783   1.00 12.50 ? 34  THR A CA  1 
ATOM   270  C  C   . THR A 1 34  ? -3.782  -12.654 8.498   1.00 12.08 ? 34  THR A C   1 
ATOM   271  O  O   . THR A 1 34  ? -3.454  -12.912 9.655   1.00 12.94 ? 34  THR A O   1 
ATOM   272  C  CB  . THR A 1 34  ? -4.154  -14.317 6.658   1.00 10.36 ? 34  THR A CB  1 
ATOM   273  O  OG1 . THR A 1 34  ? -5.031  -15.370 6.230   1.00 17.70 ? 34  THR A OG1 1 
ATOM   274  C  CG2 . THR A 1 34  ? -2.840  -14.910 7.144   1.00 9.62  ? 34  THR A CG2 1 
ATOM   275  N  N   . TYR A 1 35  ? -3.268  -11.636 7.816   1.00 11.40 ? 35  TYR A N   1 
ATOM   276  C  CA  . TYR A 1 35  ? -2.254  -10.774 8.405   1.00 10.32 ? 35  TYR A CA  1 
ATOM   277  C  C   . TYR A 1 35  ? -2.712  -10.202 9.725   1.00 10.96 ? 35  TYR A C   1 
ATOM   278  O  O   . TYR A 1 35  ? -1.958  -10.194 10.689  1.00 13.71 ? 35  TYR A O   1 
ATOM   279  C  CB  . TYR A 1 35  ? -1.903  -9.623  7.470   1.00 9.38  ? 35  TYR A CB  1 
ATOM   280  C  CG  . TYR A 1 35  ? -1.288  -10.070 6.176   1.00 10.60 ? 35  TYR A CG  1 
ATOM   281  C  CD1 . TYR A 1 35  ? -0.278  -11.026 6.163   1.00 9.61  ? 35  TYR A CD1 1 
ATOM   282  C  CD2 . TYR A 1 35  ? -1.705  -9.532  4.963   1.00 8.78  ? 35  TYR A CD2 1 
ATOM   283  C  CE1 . TYR A 1 35  ? 0.302   -11.437 4.973   1.00 8.59  ? 35  TYR A CE1 1 
ATOM   284  C  CE2 . TYR A 1 35  ? -1.132  -9.936  3.768   1.00 14.33 ? 35  TYR A CE2 1 
ATOM   285  C  CZ  . TYR A 1 35  ? -0.132  -10.887 3.782   1.00 8.42  ? 35  TYR A CZ  1 
ATOM   286  O  OH  . TYR A 1 35  ? 0.415   -11.298 2.596   1.00 17.38 ? 35  TYR A OH  1 
ATOM   287  N  N   . VAL A 1 36  ? -3.942  -9.711  9.774   1.00 11.37 ? 36  VAL A N   1 
ATOM   288  C  CA  . VAL A 1 36  ? -4.457  -9.148  11.014  1.00 12.71 ? 36  VAL A CA  1 
ATOM   289  C  C   . VAL A 1 36  ? -4.474  -10.235 12.085  1.00 14.63 ? 36  VAL A C   1 
ATOM   290  O  O   . VAL A 1 36  ? -4.331  -9.956  13.278  1.00 14.79 ? 36  VAL A O   1 
ATOM   291  C  CB  . VAL A 1 36  ? -5.883  -8.600  10.837  1.00 10.63 ? 36  VAL A CB  1 
ATOM   292  C  CG1 . VAL A 1 36  ? -6.411  -8.084  12.167  1.00 14.18 ? 36  VAL A CG1 1 
ATOM   293  C  CG2 . VAL A 1 36  ? -5.885  -7.487  9.805   1.00 12.20 ? 36  VAL A CG2 1 
ATOM   294  N  N   . THR A 1 37  ? -4.649  -11.477 11.646  1.00 15.61 ? 37  THR A N   1 
ATOM   295  C  CA  . THR A 1 37  ? -4.678  -12.610 12.556  1.00 16.90 ? 37  THR A CA  1 
ATOM   296  C  C   . THR A 1 37  ? -3.267  -12.879 13.064  1.00 17.56 ? 37  THR A C   1 
ATOM   297  O  O   . THR A 1 37  ? -2.982  -12.683 14.240  1.00 19.24 ? 37  THR A O   1 
ATOM   298  C  CB  . THR A 1 37  ? -5.244  -13.868 11.851  1.00 24.22 ? 37  THR A CB  1 
ATOM   299  O  OG1 . THR A 1 37  ? -6.655  -13.709 11.653  1.00 22.53 ? 37  THR A OG1 1 
ATOM   300  C  CG2 . THR A 1 37  ? -4.987  -15.120 12.680  1.00 22.90 ? 37  THR A CG2 1 
ATOM   301  N  N   . LYS A 1 38  ? -2.385  -13.317 12.169  1.00 17.70 ? 38  LYS A N   1 
ATOM   302  C  CA  . LYS A 1 38  ? -0.997  -13.606 12.521  1.00 17.14 ? 38  LYS A CA  1 
ATOM   303  C  C   . LYS A 1 38  ? -0.411  -12.496 13.396  1.00 17.26 ? 38  LYS A C   1 
ATOM   304  O  O   . LYS A 1 38  ? 0.367   -12.753 14.313  1.00 19.60 ? 38  LYS A O   1 
ATOM   305  C  CB  . LYS A 1 38  ? -0.147  -13.736 11.250  1.00 18.67 ? 38  LYS A CB  1 
ATOM   306  C  CG  . LYS A 1 38  ? -0.529  -14.877 10.331  1.00 15.32 ? 38  LYS A CG  1 
ATOM   307  C  CD  . LYS A 1 38  ? -0.062  -16.203 10.885  1.00 18.58 ? 38  LYS A CD  1 
ATOM   308  C  CE  . LYS A 1 38  ? -0.152  -17.288 9.834   1.00 24.82 ? 38  LYS A CE  1 
ATOM   309  N  NZ  . LYS A 1 38  ? 0.449   -18.570 10.302  1.00 32.23 ? 38  LYS A NZ  1 
ATOM   310  N  N   . LEU A 1 39  ? -0.792  -11.261 13.101  1.00 15.88 ? 39  LEU A N   1 
ATOM   311  C  CA  . LEU A 1 39  ? -0.302  -10.108 13.840  1.00 15.81 ? 39  LEU A CA  1 
ATOM   312  C  C   . LEU A 1 39  ? -0.745  -10.166 15.301  1.00 17.23 ? 39  LEU A C   1 
ATOM   313  O  O   . LEU A 1 39  ? 0.068   -10.395 16.192  1.00 19.15 ? 39  LEU A O   1 
ATOM   314  C  CB  . LEU A 1 39  ? -0.799  -8.814  13.169  1.00 12.17 ? 39  LEU A CB  1 
ATOM   315  C  CG  . LEU A 1 39  ? -0.380  -7.461  13.758  1.00 13.44 ? 39  LEU A CG  1 
ATOM   316  C  CD1 . LEU A 1 39  ? 1.134   -7.380  13.889  1.00 10.20 ? 39  LEU A CD1 1 
ATOM   317  C  CD2 . LEU A 1 39  ? -0.905  -6.346  12.864  1.00 7.84  ? 39  LEU A CD2 1 
ATOM   318  N  N   . ASN A 1 40  ? -2.034  -9.961  15.545  1.00 17.84 ? 40  ASN A N   1 
ATOM   319  C  CA  . ASN A 1 40  ? -2.568  -9.980  16.904  1.00 17.84 ? 40  ASN A CA  1 
ATOM   320  C  C   . ASN A 1 40  ? -2.081  -11.172 17.733  1.00 18.16 ? 40  ASN A C   1 
ATOM   321  O  O   . ASN A 1 40  ? -1.863  -11.051 18.938  1.00 19.75 ? 40  ASN A O   1 
ATOM   322  C  CB  . ASN A 1 40  ? -4.103  -9.998  16.877  1.00 20.82 ? 40  ASN A CB  1 
ATOM   323  C  CG  . ASN A 1 40  ? -4.702  -8.691  16.392  1.00 20.88 ? 40  ASN A CG  1 
ATOM   324  O  OD1 . ASN A 1 40  ? -4.374  -7.613  16.895  1.00 15.74 ? 40  ASN A OD1 1 
ATOM   325  N  ND2 . ASN A 1 40  ? -5.602  -8.783  15.418  1.00 19.37 ? 40  ASN A ND2 1 
ATOM   326  N  N   . GLY A 1 41  ? -1.920  -12.319 17.081  1.00 17.69 ? 41  GLY A N   1 
ATOM   327  C  CA  . GLY A 1 41  ? -1.496  -13.522 17.777  1.00 18.36 ? 41  GLY A CA  1 
ATOM   328  C  C   . GLY A 1 41  ? -0.006  -13.685 18.003  1.00 18.85 ? 41  GLY A C   1 
ATOM   329  O  O   . GLY A 1 41  ? 0.445   -14.758 18.416  1.00 18.29 ? 41  GLY A O   1 
ATOM   330  N  N   . ALA A 1 42  ? 0.759   -12.633 17.722  1.00 18.50 ? 42  ALA A N   1 
ATOM   331  C  CA  . ALA A 1 42  ? 2.207   -12.661 17.909  1.00 17.68 ? 42  ALA A CA  1 
ATOM   332  C  C   . ALA A 1 42  ? 2.519   -11.770 19.096  1.00 17.52 ? 42  ALA A C   1 
ATOM   333  O  O   . ALA A 1 42  ? 3.315   -12.125 19.961  1.00 17.31 ? 42  ALA A O   1 
ATOM   334  C  CB  . ALA A 1 42  ? 2.912   -12.148 16.665  1.00 9.45  ? 42  ALA A CB  1 
ATOM   335  N  N   . LEU A 1 43  ? 1.876   -10.609 19.118  1.00 18.20 ? 43  LEU A N   1 
ATOM   336  C  CA  . LEU A 1 43  ? 2.030   -9.647  20.200  1.00 19.54 ? 43  LEU A CA  1 
ATOM   337  C  C   . LEU A 1 43  ? 1.300   -10.206 21.409  1.00 20.37 ? 43  LEU A C   1 
ATOM   338  O  O   . LEU A 1 43  ? 1.241   -9.575  22.454  1.00 22.18 ? 43  LEU A O   1 
ATOM   339  C  CB  . LEU A 1 43  ? 1.384   -8.311  19.829  1.00 17.05 ? 43  LEU A CB  1 
ATOM   340  C  CG  . LEU A 1 43  ? 1.755   -7.645  18.506  1.00 23.31 ? 43  LEU A CG  1 
ATOM   341  C  CD1 . LEU A 1 43  ? 0.804   -6.488  18.268  1.00 23.66 ? 43  LEU A CD1 1 
ATOM   342  C  CD2 . LEU A 1 43  ? 3.199   -7.165  18.533  1.00 22.20 ? 43  LEU A CD2 1 
ATOM   343  N  N   . GLU A 1 44  ? 0.719   -11.384 21.250  1.00 22.09 ? 44  GLU A N   1 
ATOM   344  C  CA  . GLU A 1 44  ? -0.012  -11.998 22.342  1.00 24.63 ? 44  GLU A CA  1 
ATOM   345  C  C   . GLU A 1 44  ? 0.954   -12.340 23.453  1.00 25.62 ? 44  GLU A C   1 
ATOM   346  O  O   . GLU A 1 44  ? 1.800   -13.226 23.305  1.00 27.04 ? 44  GLU A O   1 
ATOM   347  C  CB  . GLU A 1 44  ? -0.726  -13.261 21.865  1.00 38.86 ? 44  GLU A CB  1 
ATOM   348  C  CG  . GLU A 1 44  ? -1.569  -13.933 22.934  1.00 38.77 ? 44  GLU A CG  1 
ATOM   349  C  CD  . GLU A 1 44  ? -2.604  -13.002 23.538  1.00 43.28 ? 44  GLU A CD  1 
ATOM   350  O  OE1 . GLU A 1 44  ? -3.320  -13.435 24.466  1.00 46.95 ? 44  GLU A OE1 1 
ATOM   351  O  OE2 . GLU A 1 44  ? -2.704  -11.838 23.092  1.00 47.03 ? 44  GLU A OE2 1 
ATOM   352  N  N   . GLY A 1 45  ? 0.828   -11.624 24.566  1.00 25.70 ? 45  GLY A N   1 
ATOM   353  C  CA  . GLY A 1 45  ? 1.702   -11.861 25.695  1.00 25.54 ? 45  GLY A CA  1 
ATOM   354  C  C   . GLY A 1 45  ? 2.829   -10.859 25.800  1.00 26.11 ? 45  GLY A C   1 
ATOM   355  O  O   . GLY A 1 45  ? 3.402   -10.683 26.877  1.00 27.97 ? 45  GLY A O   1 
ATOM   356  N  N   . HIS A 1 46  ? 3.154   -10.201 24.691  1.00 24.80 ? 46  HIS A N   1 
ATOM   357  C  CA  . HIS A 1 46  ? 4.228   -9.204  24.670  1.00 22.92 ? 46  HIS A CA  1 
ATOM   358  C  C   . HIS A 1 46  ? 3.633   -7.814  24.985  1.00 22.87 ? 46  HIS A C   1 
ATOM   359  O  O   . HIS A 1 46  ? 3.464   -6.973  24.093  1.00 22.19 ? 46  HIS A O   1 
ATOM   360  C  CB  . HIS A 1 46  ? 4.902   -9.234  23.295  1.00 16.09 ? 46  HIS A CB  1 
ATOM   361  C  CG  . HIS A 1 46  ? 5.641   -10.535 23.021  1.00 22.11 ? 46  HIS A CG  1 
ATOM   362  N  ND1 . HIS A 1 46  ? 6.954   -10.731 23.431  1.00 29.43 ? 46  HIS A ND1 1 
ATOM   363  C  CD2 . HIS A 1 46  ? 5.256   -11.672 22.394  1.00 25.45 ? 46  HIS A CD2 1 
ATOM   364  C  CE1 . HIS A 1 46  ? 7.319   -11.942 23.058  1.00 28.46 ? 46  HIS A CE1 1 
ATOM   365  N  NE2 . HIS A 1 46  ? 6.318   -12.518 22.440  1.00 20.78 ? 46  HIS A NE2 1 
ATOM   366  N  N   . GLU A 1 47  ? 3.359   -7.655  26.267  1.00 26.18 ? 47  GLU A N   1 
ATOM   367  C  CA  . GLU A 1 47  ? 2.691   -6.476  26.874  1.00 31.57 ? 47  GLU A CA  1 
ATOM   368  C  C   . GLU A 1 47  ? 3.035   -5.106  26.240  1.00 32.39 ? 47  GLU A C   1 
ATOM   369  O  O   . GLU A 1 47  ? 2.222   -4.508  25.528  1.00 35.53 ? 47  GLU A O   1 
ATOM   370  C  CB  . GLU A 1 47  ? 3.026   -6.374  28.357  1.00 52.09 ? 47  GLU A CB  1 
ATOM   371  C  CG  . GLU A 1 47  ? 1.801   -6.005  29.196  1.00 53.01 ? 47  GLU A CG  1 
ATOM   372  C  CD  . GLU A 1 47  ? 2.069   -6.040  30.696  1.00 49.39 ? 47  GLU A CD  1 
ATOM   373  O  OE1 . GLU A 1 47  ? 2.782   -6.987  31.198  1.00 47.66 ? 47  GLU A OE1 1 
ATOM   374  O  OE2 . GLU A 1 47  ? 1.582   -5.120  31.454  1.00 41.11 ? 47  GLU A OE2 1 
ATOM   375  N  N   . ASP A 1 48  ? 4.224   -4.586  26.517  1.00 33.10 ? 48  ASP A N   1 
ATOM   376  C  CA  . ASP A 1 48  ? 4.605   -3.228  26.043  1.00 33.89 ? 48  ASP A CA  1 
ATOM   377  C  C   . ASP A 1 48  ? 4.303   -3.025  24.557  1.00 33.14 ? 48  ASP A C   1 
ATOM   378  O  O   . ASP A 1 48  ? 3.984   -1.913  24.133  1.00 33.36 ? 48  ASP A O   1 
ATOM   379  C  CB  . ASP A 1 48  ? 6.082   -2.933  26.310  1.00 45.20 ? 48  ASP A CB  1 
ATOM   380  C  CG  . ASP A 1 48  ? 7.027   -4.006  25.794  1.00 49.10 ? 48  ASP A CG  1 
ATOM   381  O  OD1 . ASP A 1 48  ? 6.610   -4.869  24.937  1.00 47.40 ? 48  ASP A OD1 1 
ATOM   382  O  OD2 . ASP A 1 48  ? 8.243   -4.042  26.220  1.00 44.75 ? 48  ASP A OD2 1 
ATOM   383  N  N   . LEU A 1 49  ? 4.409   -4.095  23.771  1.00 32.29 ? 49  LEU A N   1 
ATOM   384  C  CA  . LEU A 1 49  ? 4.138   -4.030  22.335  1.00 31.26 ? 49  LEU A CA  1 
ATOM   385  C  C   . LEU A 1 49  ? 2.650   -3.831  22.099  1.00 32.37 ? 49  LEU A C   1 
ATOM   386  O  O   . LEU A 1 49  ? 2.227   -2.918  21.386  1.00 33.35 ? 49  LEU A O   1 
ATOM   387  C  CB  . LEU A 1 49  ? 4.546   -5.332  21.645  1.00 23.58 ? 49  LEU A CB  1 
ATOM   388  C  CG  . LEU A 1 49  ? 6.006   -5.756  21.559  1.00 25.24 ? 49  LEU A CG  1 
ATOM   389  C  CD1 . LEU A 1 49  ? 6.089   -7.068  20.791  1.00 27.90 ? 49  LEU A CD1 1 
ATOM   390  C  CD2 . LEU A 1 49  ? 6.812   -4.679  20.860  1.00 27.10 ? 49  LEU A CD2 1 
ATOM   391  N  N   . LYS A 1 50  ? 1.871   -4.718  22.708  1.00 33.43 ? 50  LYS A N   1 
ATOM   392  C  CA  . LYS A 1 50  ? 0.417   -4.730  22.608  1.00 34.85 ? 50  LYS A CA  1 
ATOM   393  C  C   . LYS A 1 50  ? -0.228  -3.376  22.929  1.00 36.13 ? 50  LYS A C   1 
ATOM   394  O  O   . LYS A 1 50  ? -1.443  -3.208  22.784  1.00 37.97 ? 50  LYS A O   1 
ATOM   395  C  CB  . LYS A 1 50  ? -0.125  -5.829  23.530  1.00 34.92 ? 50  LYS A CB  1 
ATOM   396  C  CG  . LYS A 1 50  ? -1.605  -6.136  23.405  1.00 35.57 ? 50  LYS A CG  1 
ATOM   397  C  CD  . LYS A 1 50  ? -1.915  -7.443  24.119  1.00 37.52 ? 50  LYS A CD  1 
ATOM   398  C  CE  . LYS A 1 50  ? -3.384  -7.569  24.488  1.00 42.26 ? 50  LYS A CE  1 
ATOM   399  N  NZ  . LYS A 1 50  ? -4.297  -7.498  23.314  1.00 44.66 ? 50  LYS A NZ  1 
ATOM   400  N  N   . ASN A 1 51  ? 0.584   -2.408  23.350  1.00 36.00 ? 51  ASN A N   1 
ATOM   401  C  CA  . ASN A 1 51  ? 0.075   -1.078  23.674  1.00 35.68 ? 51  ASN A CA  1 
ATOM   402  C  C   . ASN A 1 51  ? 0.491   -0.022  22.655  1.00 34.83 ? 51  ASN A C   1 
ATOM   403  O  O   . ASN A 1 51  ? 0.245   1.168   22.852  1.00 34.79 ? 51  ASN A O   1 
ATOM   404  C  CB  . ASN A 1 51  ? 0.548   -0.655  25.067  1.00 44.63 ? 51  ASN A CB  1 
ATOM   405  C  CG  . ASN A 1 51  ? -0.183  -1.384  26.180  1.00 45.03 ? 51  ASN A CG  1 
ATOM   406  O  OD1 . ASN A 1 51  ? -0.164  -2.614  26.251  1.00 41.12 ? 51  ASN A OD1 1 
ATOM   407  N  ND2 . ASN A 1 51  ? -0.836  -0.625  27.055  1.00 41.61 ? 51  ASN A ND2 1 
ATOM   408  N  N   . LYS A 1 52  ? 1.114   -0.455  21.563  1.00 33.48 ? 52  LYS A N   1 
ATOM   409  C  CA  . LYS A 1 52  ? 1.560   0.477   20.534  1.00 31.80 ? 52  LYS A CA  1 
ATOM   410  C  C   . LYS A 1 52  ? 0.710   0.479   19.275  1.00 31.09 ? 52  LYS A C   1 
ATOM   411  O  O   . LYS A 1 52  ? 0.148   -0.546  18.875  1.00 31.97 ? 52  LYS A O   1 
ATOM   412  C  CB  . LYS A 1 52  ? 3.004   0.182   20.134  1.00 31.41 ? 52  LYS A CB  1 
ATOM   413  C  CG  . LYS A 1 52  ? 4.043   0.627   21.133  1.00 31.03 ? 52  LYS A CG  1 
ATOM   414  C  CD  . LYS A 1 52  ? 5.412   0.189   20.654  1.00 33.12 ? 52  LYS A CD  1 
ATOM   415  C  CE  . LYS A 1 52  ? 6.475   0.431   21.699  1.00 36.48 ? 52  LYS A CE  1 
ATOM   416  N  NZ  . LYS A 1 52  ? 7.745   -0.226  21.290  1.00 37.69 ? 52  LYS A NZ  1 
ATOM   417  N  N   . SER A 1 53  ? 0.642   1.651   18.649  1.00 28.86 ? 53  SER A N   1 
ATOM   418  C  CA  . SER A 1 53  ? -0.099  1.835   17.415  1.00 26.15 ? 53  SER A CA  1 
ATOM   419  C  C   . SER A 1 53  ? 0.614   1.063   16.311  1.00 24.72 ? 53  SER A C   1 
ATOM   420  O  O   . SER A 1 53  ? 1.841   0.966   16.308  1.00 24.64 ? 53  SER A O   1 
ATOM   421  C  CB  . SER A 1 53  ? -0.129  3.318   17.052  1.00 24.90 ? 53  SER A CB  1 
ATOM   422  O  OG  . SER A 1 53  ? 1.187   3.805   16.839  1.00 26.60 ? 53  SER A OG  1 
ATOM   423  N  N   . LEU A 1 54  ? -0.154  0.512   15.379  1.00 23.39 ? 54  LEU A N   1 
ATOM   424  C  CA  . LEU A 1 54  ? 0.431   -0.237  14.277  1.00 23.62 ? 54  LEU A CA  1 
ATOM   425  C  C   . LEU A 1 54  ? 1.629   0.503   13.696  1.00 24.08 ? 54  LEU A C   1 
ATOM   426  O  O   . LEU A 1 54  ? 2.661   -0.099  13.408  1.00 24.54 ? 54  LEU A O   1 
ATOM   427  C  CB  . LEU A 1 54  ? -0.595  -0.452  13.167  1.00 17.17 ? 54  LEU A CB  1 
ATOM   428  C  CG  . LEU A 1 54  ? 0.041   -0.912  11.852  1.00 17.71 ? 54  LEU A CG  1 
ATOM   429  C  CD1 . LEU A 1 54  ? 0.465   -2.366  11.963  1.00 19.43 ? 54  LEU A CD1 1 
ATOM   430  C  CD2 . LEU A 1 54  ? -0.944  -0.726  10.717  1.00 21.71 ? 54  LEU A CD2 1 
ATOM   431  N  N   . ASN A 1 55  ? 1.486   1.812   13.519  1.00 24.88 ? 55  ASN A N   1 
ATOM   432  C  CA  . ASN A 1 55  ? 2.561   2.620   12.960  1.00 25.96 ? 55  ASN A CA  1 
ATOM   433  C  C   . ASN A 1 55  ? 3.799   2.562   13.830  1.00 26.17 ? 55  ASN A C   1 
ATOM   434  O  O   . ASN A 1 55  ? 4.857   2.137   13.369  1.00 28.24 ? 55  ASN A O   1 
ATOM   435  C  CB  . ASN A 1 55  ? 2.109   4.069   12.782  1.00 30.50 ? 55  ASN A CB  1 
ATOM   436  C  CG  . ASN A 1 55  ? 1.151   4.234   11.624  1.00 33.10 ? 55  ASN A CG  1 
ATOM   437  O  OD1 . ASN A 1 55  ? 1.470   3.887   10.484  1.00 30.76 ? 55  ASN A OD1 1 
ATOM   438  N  ND2 . ASN A 1 55  ? -0.032  4.760   11.908  1.00 33.80 ? 55  ASN A ND2 1 
ATOM   439  N  N   . ASP A 1 56  ? 3.680   2.994   15.080  1.00 25.60 ? 56  ASP A N   1 
ATOM   440  C  CA  . ASP A 1 56  ? 4.824   2.946   15.978  1.00 26.02 ? 56  ASP A CA  1 
ATOM   441  C  C   . ASP A 1 56  ? 5.404   1.531   15.897  1.00 25.88 ? 56  ASP A C   1 
ATOM   442  O  O   . ASP A 1 56  ? 6.573   1.334   15.565  1.00 27.14 ? 56  ASP A O   1 
ATOM   443  C  CB  . ASP A 1 56  ? 4.395   3.256   17.419  1.00 32.24 ? 56  ASP A CB  1 
ATOM   444  C  CG  . ASP A 1 56  ? 3.907   4.687   17.592  1.00 32.06 ? 56  ASP A CG  1 
ATOM   445  O  OD1 . ASP A 1 56  ? 3.593   5.084   18.736  1.00 30.28 ? 56  ASP A OD1 1 
ATOM   446  O  OD2 . ASP A 1 56  ? 3.835   5.415   16.580  1.00 38.14 ? 56  ASP A OD2 1 
ATOM   447  N  N   . LEU A 1 57  ? 4.561   0.548   16.186  1.00 25.18 ? 57  LEU A N   1 
ATOM   448  C  CA  . LEU A 1 57  ? 4.959   -0.849  16.150  1.00 24.50 ? 57  LEU A CA  1 
ATOM   449  C  C   . LEU A 1 57  ? 5.795   -1.190  14.904  1.00 24.68 ? 57  LEU A C   1 
ATOM   450  O  O   . LEU A 1 57  ? 6.882   -1.779  15.005  1.00 24.91 ? 57  LEU A O   1 
ATOM   451  C  CB  . LEU A 1 57  ? 3.711   -1.741  16.173  1.00 21.10 ? 57  LEU A CB  1 
ATOM   452  C  CG  . LEU A 1 57  ? 4.028   -3.221  15.947  1.00 24.38 ? 57  LEU A CG  1 
ATOM   453  C  CD1 . LEU A 1 57  ? 5.226   -3.706  16.765  1.00 30.78 ? 57  LEU A CD1 1 
ATOM   454  C  CD2 . LEU A 1 57  ? 2.869   -4.145  16.322  1.00 22.63 ? 57  LEU A CD2 1 
ATOM   455  N  N   . ILE A 1 58  ? 5.273   -0.821  13.750  1.00 25.51 ? 58  ILE A N   1 
ATOM   456  C  CA  . ILE A 1 58  ? 5.922   -1.112  12.456  1.00 24.73 ? 58  ILE A CA  1 
ATOM   457  C  C   . ILE A 1 58  ? 7.251   -0.355  12.311  1.00 24.78 ? 58  ILE A C   1 
ATOM   458  O  O   . ILE A 1 58  ? 8.258   -0.914  11.849  1.00 24.60 ? 58  ILE A O   1 
ATOM   459  C  CB  . ILE A 1 58  ? 5.006   -0.709  11.301  1.00 21.89 ? 58  ILE A CB  1 
ATOM   460  C  CG1 . ILE A 1 58  ? 3.903   -1.736  11.032  1.00 24.54 ? 58  ILE A CG1 1 
ATOM   461  C  CG2 . ILE A 1 58  ? 5.752   -0.546  9.975   1.00 27.86 ? 58  ILE A CG2 1 
ATOM   462  C  CD1 . ILE A 1 58  ? 4.389   -3.182  11.150  1.00 23.16 ? 58  ILE A CD1 1 
ATOM   463  N  N   . SER A 1 59  ? 7.218   0.902   12.708  1.00 24.24 ? 59  SER A N   1 
ATOM   464  C  CA  . SER A 1 59  ? 8.387   1.795   12.629  1.00 24.65 ? 59  SER A CA  1 
ATOM   465  C  C   . SER A 1 59  ? 9.611   1.145   13.289  1.00 25.40 ? 59  SER A C   1 
ATOM   466  O  O   . SER A 1 59  ? 10.499  0.613   12.605  1.00 26.13 ? 59  SER A O   1 
ATOM   467  C  CB  . SER A 1 59  ? 8.088   3.114   13.343  1.00 25.44 ? 59  SER A CB  1 
ATOM   468  O  OG  . SER A 1 59  ? 7.114   3.848   12.616  1.00 28.47 ? 59  SER A OG  1 
ATOM   469  N  N   . ASN A 1 60  ? 9.611   1.215   14.607  1.00 26.18 ? 60  ASN A N   1 
ATOM   470  C  CA  . ASN A 1 60  ? 10.695  0.670   15.442  1.00 26.19 ? 60  ASN A CA  1 
ATOM   471  C  C   . ASN A 1 60  ? 10.596  -0.856  15.523  1.00 24.43 ? 60  ASN A C   1 
ATOM   472  O  O   . ASN A 1 60  ? 10.087  -1.411  16.508  1.00 25.08 ? 60  ASN A O   1 
ATOM   473  C  CB  . ASN A 1 60  ? 10.597  1.237   16.861  1.00 33.71 ? 60  ASN A CB  1 
ATOM   474  C  CG  . ASN A 1 60  ? 11.561  2.397   17.114  1.00 37.61 ? 60  ASN A CG  1 
ATOM   475  O  OD1 . ASN A 1 60  ? 11.125  3.537   17.268  1.00 40.58 ? 60  ASN A OD1 1 
ATOM   476  N  ND2 . ASN A 1 60  ? 12.861  2.176   17.167  1.00 35.29 ? 60  ASN A ND2 1 
ATOM   477  N  N   . LEU A 1 61  ? 11.092  -1.492  14.477  1.00 23.03 ? 61  LEU A N   1 
ATOM   478  C  CA  . LEU A 1 61  ? 11.104  -2.960  14.369  1.00 22.33 ? 61  LEU A CA  1 
ATOM   479  C  C   . LEU A 1 61  ? 12.200  -3.526  15.252  1.00 23.55 ? 61  LEU A C   1 
ATOM   480  O  O   . LEU A 1 61  ? 12.481  -4.715  15.206  1.00 23.67 ? 61  LEU A O   1 
ATOM   481  C  CB  . LEU A 1 61  ? 11.355  -3.377  12.919  1.00 22.13 ? 61  LEU A CB  1 
ATOM   482  C  CG  . LEU A 1 61  ? 10.214  -4.213  12.335  1.00 20.80 ? 61  LEU A CG  1 
ATOM   483  C  CD1 . LEU A 1 61  ? 9.045   -4.392  13.307  1.00 20.46 ? 61  LEU A CD1 1 
ATOM   484  C  CD2 . LEU A 1 61  ? 9.610   -3.597  11.071  1.00 21.71 ? 61  LEU A CD2 1 
ATOM   485  N  N   . ASP A 1 62  ? 12.828  -2.678  16.058  1.00 25.83 ? 62  ASP A N   1 
ATOM   486  C  CA  . ASP A 1 62  ? 13.883  -3.157  16.947  1.00 27.78 ? 62  ASP A CA  1 
ATOM   487  C  C   . ASP A 1 62  ? 13.333  -3.554  18.308  1.00 27.99 ? 62  ASP A C   1 
ATOM   488  O  O   . ASP A 1 62  ? 13.719  -4.580  18.862  1.00 30.48 ? 62  ASP A O   1 
ATOM   489  C  CB  . ASP A 1 62  ? 14.978  -2.101  17.130  1.00 35.84 ? 62  ASP A CB  1 
ATOM   490  C  CG  . ASP A 1 62  ? 16.004  -2.122  16.009  1.00 37.90 ? 62  ASP A CG  1 
ATOM   491  O  OD1 . ASP A 1 62  ? 16.425  -3.231  15.617  1.00 32.13 ? 62  ASP A OD1 1 
ATOM   492  O  OD2 . ASP A 1 62  ? 16.397  -1.035  15.529  1.00 39.70 ? 62  ASP A OD2 1 
ATOM   493  N  N   . ALA A 1 63  ? 12.422  -2.746  18.840  1.00 26.92 ? 63  ALA A N   1 
ATOM   494  C  CA  . ALA A 1 63  ? 11.821  -3.015  20.142  1.00 26.83 ? 63  ALA A CA  1 
ATOM   495  C  C   . ALA A 1 63  ? 11.197  -4.405  20.226  1.00 25.93 ? 63  ALA A C   1 
ATOM   496  O  O   . ALA A 1 63  ? 10.886  -4.889  21.315  1.00 26.84 ? 63  ALA A O   1 
ATOM   497  C  CB  . ALA A 1 63  ? 10.777  -1.956  20.464  1.00 33.83 ? 63  ALA A CB  1 
ATOM   498  N  N   . VAL A 1 64  ? 11.008  -5.045  19.078  1.00 24.48 ? 64  VAL A N   1 
ATOM   499  C  CA  . VAL A 1 64  ? 10.431  -6.380  19.060  1.00 24.19 ? 64  VAL A CA  1 
ATOM   500  C  C   . VAL A 1 64  ? 11.539  -7.423  19.160  1.00 23.91 ? 64  VAL A C   1 
ATOM   501  O  O   . VAL A 1 64  ? 12.546  -7.341  18.457  1.00 24.48 ? 64  VAL A O   1 
ATOM   502  C  CB  . VAL A 1 64  ? 9.608   -6.631  17.766  1.00 26.20 ? 64  VAL A CB  1 
ATOM   503  C  CG1 . VAL A 1 64  ? 8.427   -5.680  17.703  1.00 22.86 ? 64  VAL A CG1 1 
ATOM   504  C  CG2 . VAL A 1 64  ? 10.479  -6.448  16.548  1.00 22.98 ? 64  VAL A CG2 1 
ATOM   505  N  N   . PRO A 1 65  ? 11.371  -8.410  20.051  1.00 23.87 ? 65  PRO A N   1 
ATOM   506  C  CA  . PRO A 1 65  ? 12.374  -9.464  20.225  1.00 24.74 ? 65  PRO A CA  1 
ATOM   507  C  C   . PRO A 1 65  ? 12.632  -10.231 18.934  1.00 25.37 ? 65  PRO A C   1 
ATOM   508  O  O   . PRO A 1 65  ? 11.727  -10.415 18.122  1.00 26.87 ? 65  PRO A O   1 
ATOM   509  C  CB  . PRO A 1 65  ? 11.765  -10.345 21.317  1.00 23.87 ? 65  PRO A CB  1 
ATOM   510  C  CG  . PRO A 1 65  ? 10.305  -10.151 21.129  1.00 25.49 ? 65  PRO A CG  1 
ATOM   511  C  CD  . PRO A 1 65  ? 10.202  -8.664  20.906  1.00 25.55 ? 65  PRO A CD  1 
ATOM   512  N  N   . GLU A 1 66  ? 13.871  -10.676 18.752  1.00 25.86 ? 66  GLU A N   1 
ATOM   513  C  CA  . GLU A 1 66  ? 14.254  -11.417 17.559  1.00 25.98 ? 66  GLU A CA  1 
ATOM   514  C  C   . GLU A 1 66  ? 13.236  -12.514 17.269  1.00 25.85 ? 66  GLU A C   1 
ATOM   515  O  O   . GLU A 1 66  ? 12.733  -12.632 16.148  1.00 27.06 ? 66  GLU A O   1 
ATOM   516  C  CB  . GLU A 1 66  ? 15.636  -12.058 17.742  1.00 27.54 ? 66  GLU A CB  1 
ATOM   517  C  CG  . GLU A 1 66  ? 16.728  -11.123 18.244  1.00 32.66 ? 66  GLU A CG  1 
ATOM   518  C  CD  . GLU A 1 66  ? 16.563  -10.750 19.708  1.00 36.92 ? 66  GLU A CD  1 
ATOM   519  O  OE1 . GLU A 1 66  ? 16.430  -11.663 20.556  1.00 36.83 ? 66  GLU A OE1 1 
ATOM   520  O  OE2 . GLU A 1 66  ? 16.577  -9.538  20.006  1.00 38.36 ? 66  GLU A OE2 1 
ATOM   521  N  N   . ASN A 1 67  ? 12.924  -13.293 18.299  1.00 25.08 ? 67  ASN A N   1 
ATOM   522  C  CA  . ASN A 1 67  ? 12.000  -14.416 18.196  1.00 24.26 ? 67  ASN A CA  1 
ATOM   523  C  C   . ASN A 1 67  ? 10.688  -14.177 17.454  1.00 23.81 ? 67  ASN A C   1 
ATOM   524  O  O   . ASN A 1 67  ? 10.060  -15.130 17.005  1.00 25.23 ? 67  ASN A O   1 
ATOM   525  C  CB  . ASN A 1 67  ? 11.691  -14.953 19.591  1.00 24.32 ? 67  ASN A CB  1 
ATOM   526  C  CG  . ASN A 1 67  ? 11.635  -16.469 19.631  1.00 29.33 ? 67  ASN A CG  1 
ATOM   527  O  OD1 . ASN A 1 67  ? 12.631  -17.146 19.372  1.00 28.69 ? 67  ASN A OD1 1 
ATOM   528  N  ND2 . ASN A 1 67  ? 10.469  -17.010 19.955  1.00 31.62 ? 67  ASN A ND2 1 
ATOM   529  N  N   . ILE A 1 68  ? 10.266  -12.925 17.320  1.00 22.72 ? 68  ILE A N   1 
ATOM   530  C  CA  . ILE A 1 68  ? 9.014   -12.633 16.624  1.00 21.36 ? 68  ILE A CA  1 
ATOM   531  C  C   . ILE A 1 68  ? 9.098   -11.364 15.786  1.00 21.70 ? 68  ILE A C   1 
ATOM   532  O  O   . ILE A 1 68  ? 8.100   -10.914 15.230  1.00 22.46 ? 68  ILE A O   1 
ATOM   533  C  CB  . ILE A 1 68  ? 7.852   -12.464 17.613  1.00 14.99 ? 68  ILE A CB  1 
ATOM   534  C  CG1 . ILE A 1 68  ? 8.079   -11.215 18.467  1.00 18.74 ? 68  ILE A CG1 1 
ATOM   535  C  CG2 . ILE A 1 68  ? 7.736   -13.696 18.489  1.00 19.43 ? 68  ILE A CG2 1 
ATOM   536  C  CD1 . ILE A 1 68  ? 6.960   -10.927 19.442  1.00 24.26 ? 68  ILE A CD1 1 
ATOM   537  N  N   . ARG A 1 69  ? 10.290  -10.784 15.712  1.00 21.63 ? 69  ARG A N   1 
ATOM   538  C  CA  . ARG A 1 69  ? 10.508  -9.564  14.942  1.00 20.96 ? 69  ARG A CA  1 
ATOM   539  C  C   . ARG A 1 69  ? 9.985   -9.756  13.516  1.00 20.25 ? 69  ARG A C   1 
ATOM   540  O  O   . ARG A 1 69  ? 9.212   -8.938  13.000  1.00 20.47 ? 69  ARG A O   1 
ATOM   541  C  CB  . ARG A 1 69  ? 12.005  -9.240  14.925  1.00 26.54 ? 69  ARG A CB  1 
ATOM   542  C  CG  . ARG A 1 69  ? 12.376  -7.906  14.306  1.00 21.86 ? 69  ARG A CG  1 
ATOM   543  C  CD  . ARG A 1 69  ? 13.268  -7.113  15.240  1.00 13.10 ? 69  ARG A CD  1 
ATOM   544  N  NE  . ARG A 1 69  ? 14.442  -7.858  15.668  1.00 18.10 ? 69  ARG A NE  1 
ATOM   545  C  CZ  . ARG A 1 69  ? 15.246  -7.465  16.649  1.00 25.04 ? 69  ARG A CZ  1 
ATOM   546  N  NH1 . ARG A 1 69  ? 14.998  -6.334  17.302  1.00 21.67 ? 69  ARG A NH1 1 
ATOM   547  N  NH2 . ARG A 1 69  ? 16.299  -8.201  16.981  1.00 29.22 ? 69  ARG A NH2 1 
ATOM   548  N  N   . THR A 1 70  ? 10.404  -10.850 12.888  1.00 17.93 ? 70  THR A N   1 
ATOM   549  C  CA  . THR A 1 70  ? 9.988   -11.164 11.532  1.00 17.25 ? 70  THR A CA  1 
ATOM   550  C  C   . THR A 1 70  ? 8.471   -11.170 11.378  1.00 17.72 ? 70  THR A C   1 
ATOM   551  O  O   . THR A 1 70  ? 7.927   -10.489 10.516  1.00 19.28 ? 70  THR A O   1 
ATOM   552  C  CB  . THR A 1 70  ? 10.533  -12.533 11.104  1.00 18.57 ? 70  THR A CB  1 
ATOM   553  O  OG1 . THR A 1 70  ? 11.956  -12.450 10.970  1.00 27.94 ? 70  THR A OG1 1 
ATOM   554  C  CG2 . THR A 1 70  ? 9.922   -12.968 9.776   1.00 19.28 ? 70  THR A CG2 1 
ATOM   555  N  N   . ALA A 1 71  ? 7.791   -11.946 12.213  1.00 17.78 ? 71  ALA A N   1 
ATOM   556  C  CA  . ALA A 1 71  ? 6.334   -12.043 12.152  1.00 15.63 ? 71  ALA A CA  1 
ATOM   557  C  C   . ALA A 1 71  ? 5.633   -10.698 12.274  1.00 14.22 ? 71  ALA A C   1 
ATOM   558  O  O   . ALA A 1 71  ? 4.646   -10.456 11.591  1.00 15.44 ? 71  ALA A O   1 
ATOM   559  C  CB  . ALA A 1 71  ? 5.827   -12.989 13.231  1.00 18.53 ? 71  ALA A CB  1 
ATOM   560  N  N   . VAL A 1 72  ? 6.126   -9.823  13.144  1.00 13.51 ? 72  VAL A N   1 
ATOM   561  C  CA  . VAL A 1 72  ? 5.508   -8.507  13.308  1.00 13.01 ? 72  VAL A CA  1 
ATOM   562  C  C   . VAL A 1 72  ? 5.805   -7.728  12.050  1.00 12.99 ? 72  VAL A C   1 
ATOM   563  O  O   . VAL A 1 72  ? 5.098   -6.793  11.683  1.00 13.95 ? 72  VAL A O   1 
ATOM   564  C  CB  . VAL A 1 72  ? 6.096   -7.734  14.503  1.00 14.70 ? 72  VAL A CB  1 
ATOM   565  C  CG1 . VAL A 1 72  ? 5.551   -6.308  14.514  1.00 10.66 ? 72  VAL A CG1 1 
ATOM   566  C  CG2 . VAL A 1 72  ? 5.750   -8.451  15.805  1.00 11.66 ? 72  VAL A CG2 1 
ATOM   567  N  N   . ARG A 1 73  ? 6.874   -8.130  11.385  1.00 12.11 ? 73  ARG A N   1 
ATOM   568  C  CA  . ARG A 1 73  ? 7.272   -7.485  10.154  1.00 12.03 ? 73  ARG A CA  1 
ATOM   569  C  C   . ARG A 1 73  ? 6.311   -7.915  9.057   1.00 12.11 ? 73  ARG A C   1 
ATOM   570  O  O   . ARG A 1 73  ? 5.391   -7.186  8.698   1.00 12.38 ? 73  ARG A O   1 
ATOM   571  C  CB  . ARG A 1 73  ? 8.687   -7.912  9.788   1.00 15.19 ? 73  ARG A CB  1 
ATOM   572  C  CG  . ARG A 1 73  ? 9.263   -7.167  8.633   1.00 14.40 ? 73  ARG A CG  1 
ATOM   573  C  CD  . ARG A 1 73  ? 10.569  -7.768  8.222   1.00 6.24  ? 73  ARG A CD  1 
ATOM   574  N  NE  . ARG A 1 73  ? 11.397  -6.746  7.610   1.00 12.70 ? 73  ARG A NE  1 
ATOM   575  C  CZ  . ARG A 1 73  ? 12.510  -7.000  6.941   1.00 20.44 ? 73  ARG A CZ  1 
ATOM   576  N  NH1 . ARG A 1 73  ? 12.920  -8.253  6.798   1.00 27.39 ? 73  ARG A NH1 1 
ATOM   577  N  NH2 . ARG A 1 73  ? 13.214  -6.002  6.427   1.00 26.18 ? 73  ARG A NH2 1 
ATOM   578  N  N   . ASN A 1 74  ? 6.537   -9.117  8.540   1.00 11.73 ? 74  ASN A N   1 
ATOM   579  C  CA  . ASN A 1 74  ? 5.721   -9.678  7.478   1.00 12.82 ? 74  ASN A CA  1 
ATOM   580  C  C   . ASN A 1 74  ? 4.210   -9.469  7.669   1.00 13.57 ? 74  ASN A C   1 
ATOM   581  O  O   . ASN A 1 74  ? 3.472   -9.222  6.704   1.00 14.13 ? 74  ASN A O   1 
ATOM   582  C  CB  . ASN A 1 74  ? 5.994   -11.179 7.364   1.00 19.87 ? 74  ASN A CB  1 
ATOM   583  C  CG  . ASN A 1 74  ? 7.446   -11.496 7.001   1.00 24.52 ? 74  ASN A CG  1 
ATOM   584  O  OD1 . ASN A 1 74  ? 8.183   -10.606 6.580   1.00 30.61 ? 74  ASN A OD1 1 
ATOM   585  N  ND2 . ASN A 1 74  ? 7.908   -12.725 7.140   1.00 21.08 ? 74  ASN A ND2 1 
ATOM   586  N  N   . ASN A 1 75  ? 3.751   -9.569  8.899   1.00 12.47 ? 75  ASN A N   1 
ATOM   587  C  CA  . ASN A 1 75  ? 2.311   -9.448  9.196   1.00 11.64 ? 75  ASN A CA  1 
ATOM   588  C  C   . ASN A 1 75  ? 1.922   -8.003  9.542   1.00 12.31 ? 75  ASN A C   1 
ATOM   589  O  O   . ASN A 1 75  ? 0.807   -7.551  9.235   1.00 13.53 ? 75  ASN A O   1 
ATOM   590  C  CB  . ASN A 1 75  ? 1.944   -10.356 10.366  1.00 10.60 ? 75  ASN A CB  1 
ATOM   591  C  CG  . ASN A 1 75  ? 2.223   -11.831 10.073  1.00 17.32 ? 75  ASN A CG  1 
ATOM   592  O  OD1 . ASN A 1 75  ? 1.718   -12.370 9.089   1.00 18.10 ? 75  ASN A OD1 1 
ATOM   593  N  ND2 . ASN A 1 75  ? 3.009   -12.525 10.875  1.00 24.45 ? 75  ASN A ND2 1 
ATOM   594  N  N   . GLY A 1 76  ? 2.849   -7.315  10.175  1.00 13.84 ? 76  GLY A N   1 
ATOM   595  C  CA  . GLY A 1 76  ? 2.650   -5.920  10.607  1.00 14.32 ? 76  GLY A CA  1 
ATOM   596  C  C   . GLY A 1 76  ? 2.628   -4.975  9.400   1.00 15.77 ? 76  GLY A C   1 
ATOM   597  O  O   . GLY A 1 76  ? 1.888   -3.979  9.381   1.00 15.74 ? 76  GLY A O   1 
ATOM   598  N  N   . GLY A 1 77  ? 3.449   -5.321  8.426   1.00 16.52 ? 77  GLY A N   1 
ATOM   599  C  CA  . GLY A 1 77  ? 3.601   -4.540  7.187   1.00 17.00 ? 77  GLY A CA  1 
ATOM   600  C  C   . GLY A 1 77  ? 2.394   -4.746  6.266   1.00 17.98 ? 77  GLY A C   1 
ATOM   601  O  O   . GLY A 1 77  ? 1.806   -3.780  5.758   1.00 19.30 ? 77  GLY A O   1 
ATOM   602  N  N   . GLY A 1 78  ? 2.066   -6.010  6.078   1.00 17.04 ? 78  GLY A N   1 
ATOM   603  C  CA  . GLY A 1 78  ? 0.947   -6.429  5.220   1.00 16.63 ? 78  GLY A CA  1 
ATOM   604  C  C   . GLY A 1 78  ? -0.351  -5.748  5.664   1.00 16.26 ? 78  GLY A C   1 
ATOM   605  O  O   . GLY A 1 78  ? -1.059  -5.131  4.853   1.00 15.55 ? 78  GLY A O   1 
ATOM   606  N  N   . HIS A 1 79  ? -0.619  -5.887  6.947   1.00 16.38 ? 79  HIS A N   1 
ATOM   607  C  CA  . HIS A 1 79  ? -1.820  -5.326  7.585   1.00 16.50 ? 79  HIS A CA  1 
ATOM   608  C  C   . HIS A 1 79  ? -1.879  -3.804  7.397   1.00 17.61 ? 79  HIS A C   1 
ATOM   609  O  O   . HIS A 1 79  ? -2.964  -3.215  7.287   1.00 18.99 ? 79  HIS A O   1 
ATOM   610  C  CB  . HIS A 1 79  ? -1.808  -5.634  9.083   1.00 10.29 ? 79  HIS A CB  1 
ATOM   611  C  CG  . HIS A 1 79  ? -2.856  -4.844  9.868   1.00 15.07 ? 79  HIS A CG  1 
ATOM   612  N  ND1 . HIS A 1 79  ? -4.219  -4.984  9.625   1.00 19.63 ? 79  HIS A ND1 1 
ATOM   613  C  CD2 . HIS A 1 79  ? -2.741  -3.928  10.867  1.00 24.78 ? 79  HIS A CD2 1 
ATOM   614  C  CE1 . HIS A 1 79  ? -4.869  -4.181  10.450  1.00 24.00 ? 79  HIS A CE1 1 
ATOM   615  N  NE2 . HIS A 1 79  ? -4.001  -3.545  11.197  1.00 24.31 ? 79  HIS A NE2 1 
ATOM   616  N  N   . ALA A 1 80  ? -0.702  -3.208  7.364   1.00 18.83 ? 80  ALA A N   1 
ATOM   617  C  CA  . ALA A 1 80  ? -0.547  -1.751  7.219   1.00 18.25 ? 80  ALA A CA  1 
ATOM   618  C  C   . ALA A 1 80  ? -0.667  -1.328  5.749   1.00 19.05 ? 80  ALA A C   1 
ATOM   619  O  O   . ALA A 1 80  ? -1.364  -0.356  5.420   1.00 20.68 ? 80  ALA A O   1 
ATOM   620  C  CB  . ALA A 1 80  ? 0.827   -1.317  7.734   1.00 14.99 ? 80  ALA A CB  1 
ATOM   621  N  N   . ASN A 1 81  ? 0.023   -2.079  4.912   1.00 17.89 ? 81  ASN A N   1 
ATOM   622  C  CA  . ASN A 1 81  ? 0.081   -1.833  3.460   1.00 16.10 ? 81  ASN A CA  1 
ATOM   623  C  C   . ASN A 1 81  ? -1.303  -1.954  2.814   1.00 17.14 ? 81  ASN A C   1 
ATOM   624  O  O   . ASN A 1 81  ? -1.759  -1.045  2.106   1.00 18.58 ? 81  ASN A O   1 
ATOM   625  C  CB  . ASN A 1 81  ? 1.010   -2.850  2.796   1.00 6.20  ? 81  ASN A CB  1 
ATOM   626  C  CG  . ASN A 1 81  ? 2.469   -2.689  3.224   1.00 5.71  ? 81  ASN A CG  1 
ATOM   627  O  OD1 . ASN A 1 81  ? 2.800   -1.738  3.929   1.00 12.89 ? 81  ASN A OD1 1 
ATOM   628  N  ND2 . ASN A 1 81  ? 3.371   -3.570  2.835   1.00 11.52 ? 81  ASN A ND2 1 
ATOM   629  N  N   . HIS A 1 82  ? -1.932  -3.083  3.074   1.00 17.50 ? 82  HIS A N   1 
ATOM   630  C  CA  . HIS A 1 82  ? -3.259  -3.396  2.524   1.00 16.36 ? 82  HIS A CA  1 
ATOM   631  C  C   . HIS A 1 82  ? -4.305  -2.415  3.062   1.00 17.55 ? 82  HIS A C   1 
ATOM   632  O  O   . HIS A 1 82  ? -5.232  -2.013  2.344   1.00 19.11 ? 82  HIS A O   1 
ATOM   633  C  CB  . HIS A 1 82  ? -3.646  -4.825  2.893   1.00 6.75  ? 82  HIS A CB  1 
ATOM   634  C  CG  . HIS A 1 82  ? -3.002  -5.856  1.964   1.00 4.01  ? 82  HIS A CG  1 
ATOM   635  N  ND1 . HIS A 1 82  ? -1.961  -6.678  2.385   1.00 10.49 ? 82  HIS A ND1 1 
ATOM   636  C  CD2 . HIS A 1 82  ? -3.245  -6.183  0.667   1.00 10.75 ? 82  HIS A CD2 1 
ATOM   637  C  CE1 . HIS A 1 82  ? -1.614  -7.451  1.371   1.00 14.22 ? 82  HIS A CE1 1 
ATOM   638  N  NE2 . HIS A 1 82  ? -2.369  -7.169  0.340   1.00 3.79  ? 82  HIS A NE2 1 
ATOM   639  N  N   . SER A 1 83  ? -4.128  -2.053  4.318   1.00 18.34 ? 83  SER A N   1 
ATOM   640  C  CA  . SER A 1 83  ? -5.025  -1.107  4.997   1.00 20.65 ? 83  SER A CA  1 
ATOM   641  C  C   . SER A 1 83  ? -5.104  0.190   4.188   1.00 22.63 ? 83  SER A C   1 
ATOM   642  O  O   . SER A 1 83  ? -6.196  0.723   3.940   1.00 25.26 ? 83  SER A O   1 
ATOM   643  C  CB  . SER A 1 83  ? -4.494  -0.795  6.398   1.00 17.94 ? 83  SER A CB  1 
ATOM   644  O  OG  . SER A 1 83  ? -5.084  -1.670  7.348   1.00 26.65 ? 83  SER A OG  1 
ATOM   645  N  N   . LEU A 1 84  ? -3.925  0.643   3.802   1.00 23.21 ? 84  LEU A N   1 
ATOM   646  C  CA  . LEU A 1 84  ? -3.747  1.868   3.008   1.00 23.70 ? 84  LEU A CA  1 
ATOM   647  C  C   . LEU A 1 84  ? -4.300  1.659   1.598   1.00 23.51 ? 84  LEU A C   1 
ATOM   648  O  O   . LEU A 1 84  ? -5.072  2.479   1.092   1.00 24.54 ? 84  LEU A O   1 
ATOM   649  C  CB  . LEU A 1 84  ? -2.255  2.202   2.910   1.00 31.41 ? 84  LEU A CB  1 
ATOM   650  C  CG  . LEU A 1 84  ? -1.973  3.705   2.871   1.00 27.89 ? 84  LEU A CG  1 
ATOM   651  C  CD1 . LEU A 1 84  ? -0.477  4.031   2.861   1.00 26.15 ? 84  LEU A CD1 1 
ATOM   652  C  CD2 . LEU A 1 84  ? -2.555  4.392   1.635   1.00 24.92 ? 84  LEU A CD2 1 
ATOM   653  N  N   . PHE A 1 85  ? -3.901  0.552   0.976   1.00 21.95 ? 85  PHE A N   1 
ATOM   654  C  CA  . PHE A 1 85  ? -4.321  0.203   -0.378  1.00 19.57 ? 85  PHE A CA  1 
ATOM   655  C  C   . PHE A 1 85  ? -5.826  0.374   -0.579  1.00 19.80 ? 85  PHE A C   1 
ATOM   656  O  O   . PHE A 1 85  ? -6.261  1.127   -1.446  1.00 20.92 ? 85  PHE A O   1 
ATOM   657  C  CB  . PHE A 1 85  ? -3.901  -1.242  -0.675  1.00 10.36 ? 85  PHE A CB  1 
ATOM   658  C  CG  . PHE A 1 85  ? -3.992  -1.626  -2.125  1.00 10.97 ? 85  PHE A CG  1 
ATOM   659  C  CD1 . PHE A 1 85  ? -3.501  -0.787  -3.113  1.00 16.80 ? 85  PHE A CD1 1 
ATOM   660  C  CD2 . PHE A 1 85  ? -4.515  -2.856  -2.499  1.00 12.81 ? 85  PHE A CD2 1 
ATOM   661  C  CE1 . PHE A 1 85  ? -3.527  -1.167  -4.454  1.00 17.20 ? 85  PHE A CE1 1 
ATOM   662  C  CE2 . PHE A 1 85  ? -4.544  -3.246  -3.838  1.00 14.33 ? 85  PHE A CE2 1 
ATOM   663  C  CZ  . PHE A 1 85  ? -4.050  -2.401  -4.814  1.00 13.54 ? 85  PHE A CZ  1 
ATOM   664  N  N   . TRP A 1 86  ? -6.614  -0.317  0.238   1.00 20.81 ? 86  TRP A N   1 
ATOM   665  C  CA  . TRP A 1 86  ? -8.072  -0.265  0.165   1.00 21.17 ? 86  TRP A CA  1 
ATOM   666  C  C   . TRP A 1 86  ? -8.616  1.151   -0.002  1.00 23.17 ? 86  TRP A C   1 
ATOM   667  O  O   . TRP A 1 86  ? -9.647  1.351   -0.647  1.00 25.31 ? 86  TRP A O   1 
ATOM   668  C  CB  . TRP A 1 86  ? -8.691  -0.854  1.438   1.00 15.30 ? 86  TRP A CB  1 
ATOM   669  C  CG  . TRP A 1 86  ? -8.390  -2.298  1.732   1.00 12.62 ? 86  TRP A CG  1 
ATOM   670  C  CD1 . TRP A 1 86  ? -8.504  -2.912  2.946   1.00 14.70 ? 86  TRP A CD1 1 
ATOM   671  C  CD2 . TRP A 1 86  ? -7.976  -3.317  0.807   1.00 12.30 ? 86  TRP A CD2 1 
ATOM   672  N  NE1 . TRP A 1 86  ? -8.192  -4.243  2.838   1.00 20.61 ? 86  TRP A NE1 1 
ATOM   673  C  CE2 . TRP A 1 86  ? -7.865  -4.520  1.539   1.00 12.65 ? 86  TRP A CE2 1 
ATOM   674  C  CE3 . TRP A 1 86  ? -7.695  -3.334  -0.564  1.00 12.17 ? 86  TRP A CE3 1 
ATOM   675  C  CZ2 . TRP A 1 86  ? -7.481  -5.723  0.951   1.00 7.49  ? 86  TRP A CZ2 1 
ATOM   676  C  CZ3 . TRP A 1 86  ? -7.313  -4.533  -1.147  1.00 17.76 ? 86  TRP A CZ3 1 
ATOM   677  C  CH2 . TRP A 1 86  ? -7.211  -5.711  -0.388  1.00 14.36 ? 86  TRP A CH2 1 
ATOM   678  N  N   . LYS A 1 87  ? -7.926  2.127   0.587   1.00 24.09 ? 87  LYS A N   1 
ATOM   679  C  CA  . LYS A 1 87  ? -8.368  3.518   0.538   1.00 24.61 ? 87  LYS A CA  1 
ATOM   680  C  C   . LYS A 1 87  ? -7.841  4.298   -0.651  1.00 24.33 ? 87  LYS A C   1 
ATOM   681  O  O   . LYS A 1 87  ? -8.319  5.391   -0.935  1.00 24.98 ? 87  LYS A O   1 
ATOM   682  C  CB  . LYS A 1 87  ? -7.965  4.244   1.827   1.00 29.30 ? 87  LYS A CB  1 
ATOM   683  C  CG  . LYS A 1 87  ? -8.267  3.452   3.092   1.00 29.26 ? 87  LYS A CG  1 
ATOM   684  C  CD  . LYS A 1 87  ? -8.426  4.348   4.309   1.00 30.24 ? 87  LYS A CD  1 
ATOM   685  C  CE  . LYS A 1 87  ? -7.159  5.104   4.638   1.00 22.59 ? 87  LYS A CE  1 
ATOM   686  N  NZ  . LYS A 1 87  ? -7.319  5.836   5.924   1.00 29.39 ? 87  LYS A NZ  1 
ATOM   687  N  N   . LEU A 1 88  ? -6.857  3.736   -1.342  1.00 25.19 ? 88  LEU A N   1 
ATOM   688  C  CA  . LEU A 1 88  ? -6.269  4.399   -2.496  1.00 26.48 ? 88  LEU A CA  1 
ATOM   689  C  C   . LEU A 1 88  ? -6.927  3.980   -3.802  1.00 27.74 ? 88  LEU A C   1 
ATOM   690  O  O   . LEU A 1 88  ? -6.251  3.810   -4.818  1.00 30.96 ? 88  LEU A O   1 
ATOM   691  C  CB  . LEU A 1 88  ? -4.766  4.116   -2.563  1.00 24.48 ? 88  LEU A CB  1 
ATOM   692  C  CG  . LEU A 1 88  ? -3.944  4.691   -1.410  1.00 23.68 ? 88  LEU A CG  1 
ATOM   693  C  CD1 . LEU A 1 88  ? -2.483  4.332   -1.612  1.00 28.14 ? 88  LEU A CD1 1 
ATOM   694  C  CD2 . LEU A 1 88  ? -4.122  6.200   -1.345  1.00 22.37 ? 88  LEU A CD2 1 
ATOM   695  N  N   . MET A 1 89  ? -8.245  3.815   -3.769  1.00 27.44 ? 89  MET A N   1 
ATOM   696  C  CA  . MET A 1 89  ? -9.007  3.423   -4.950  1.00 26.72 ? 89  MET A CA  1 
ATOM   697  C  C   . MET A 1 89  ? -10.445 3.876   -4.738  1.00 27.95 ? 89  MET A C   1 
ATOM   698  O  O   . MET A 1 89  ? -10.859 4.114   -3.602  1.00 28.63 ? 89  MET A O   1 
ATOM   699  C  CB  . MET A 1 89  ? -8.968  1.901   -5.138  1.00 19.06 ? 89  MET A CB  1 
ATOM   700  C  CG  . MET A 1 89  ? -7.576  1.283   -5.035  1.00 19.86 ? 89  MET A CG  1 
ATOM   701  S  SD  . MET A 1 89  ? -7.474  -0.410  -5.649  1.00 29.28 ? 89  MET A SD  1 
ATOM   702  C  CE  . MET A 1 89  ? -8.434  -1.282  -4.395  1.00 24.78 ? 89  MET A CE  1 
ATOM   703  N  N   . SER A 1 90  ? -11.206 4.001   -5.821  1.00 29.01 ? 90  SER A N   1 
ATOM   704  C  CA  . SER A 1 90  ? -12.594 4.432   -5.702  1.00 30.00 ? 90  SER A CA  1 
ATOM   705  C  C   . SER A 1 90  ? -13.380 4.351   -6.996  1.00 31.07 ? 90  SER A C   1 
ATOM   706  O  O   . SER A 1 90  ? -12.873 4.694   -8.074  1.00 32.80 ? 90  SER A O   1 
ATOM   707  C  CB  . SER A 1 90  ? -12.661 5.872   -5.191  1.00 32.19 ? 90  SER A CB  1 
ATOM   708  O  OG  . SER A 1 90  ? -14.011 6.308   -5.144  1.00 36.00 ? 90  SER A OG  1 
ATOM   709  N  N   . PRO A 1 91  ? -14.640 3.894   -6.904  1.00 32.44 ? 91  PRO A N   1 
ATOM   710  C  CA  . PRO A 1 91  ? -15.510 3.812   -8.054  1.00 33.67 ? 91  PRO A CA  1 
ATOM   711  C  C   . PRO A 1 91  ? -15.703 5.190   -8.633  1.00 35.36 ? 91  PRO A C   1 
ATOM   712  O  O   . PRO A 1 91  ? -15.946 5.307   -9.875  1.00 35.31 ? 91  PRO A O   1 
ATOM   713  C  CB  . PRO A 1 91  ? -16.796 3.240   -7.503  1.00 33.31 ? 91  PRO A CB  1 
ATOM   714  C  CG  . PRO A 1 91  ? -16.606 3.014   -6.011  1.00 34.04 ? 91  PRO A CG  1 
ATOM   715  C  CD  . PRO A 1 91  ? -15.222 3.438   -5.638  1.00 36.92 ? 91  PRO A CD  1 
ATOM   716  N  N   . ASN A 1 92  ? -15.593 6.173   -7.747  1.00 37.75 ? 92  ASN A N   1 
ATOM   717  C  CA  . ASN A 1 92  ? -15.737 7.602   -8.097  1.00 40.13 ? 92  ASN A CA  1 
ATOM   718  C  C   . ASN A 1 92  ? -14.384 8.318   -8.030  1.00 39.83 ? 92  ASN A C   1 
ATOM   719  O  O   . ASN A 1 92  ? -14.290 9.468   -7.578  1.00 40.68 ? 92  ASN A O   1 
ATOM   720  C  CB  . ASN A 1 92  ? -16.666 8.325   -7.109  1.00 51.03 ? 92  ASN A CB  1 
ATOM   721  C  CG  . ASN A 1 92  ? -17.678 7.408   -6.419  1.00 52.51 ? 92  ASN A CG  1 
ATOM   722  O  OD1 . ASN A 1 92  ? -18.447 6.727   -7.093  1.00 49.68 ? 92  ASN A OD1 1 
ATOM   723  N  ND2 . ASN A 1 92  ? -17.731 7.354   -5.099  1.00 48.35 ? 92  ASN A ND2 1 
ATOM   724  N  N   . GLY A 1 93  ? -13.356 7.625   -8.490  1.00 39.32 ? 93  GLY A N   1 
ATOM   725  C  CA  . GLY A 1 93  ? -11.983 8.156   -8.466  1.00 38.70 ? 93  GLY A CA  1 
ATOM   726  C  C   . GLY A 1 93  ? -11.322 8.065   -9.845  1.00 39.10 ? 93  GLY A C   1 
ATOM   727  O  O   . GLY A 1 93  ? -12.003 7.926   -10.873 1.00 39.64 ? 93  GLY A O   1 
ATOM   728  N  N   . GLY A 1 94  ? -10.003 8.151   -9.794  1.00 38.59 ? 94  GLY A N   1 
ATOM   729  C  CA  . GLY A 1 94  ? -9.137  8.097   -10.981 1.00 36.95 ? 94  GLY A CA  1 
ATOM   730  C  C   . GLY A 1 94  ? -8.840  9.516   -11.468 1.00 36.56 ? 94  GLY A C   1 
ATOM   731  O  O   . GLY A 1 94  ? -8.983  10.493  -10.717 1.00 36.16 ? 94  GLY A O   1 
ATOM   732  N  N   . GLY A 1 95  ? -8.431  9.581   -12.720 1.00 36.23 ? 95  GLY A N   1 
ATOM   733  C  CA  . GLY A 1 95  ? -8.113  10.850  -13.393 1.00 36.34 ? 95  GLY A CA  1 
ATOM   734  C  C   . GLY A 1 95  ? -6.646  11.229  -13.172 1.00 36.54 ? 95  GLY A C   1 
ATOM   735  O  O   . GLY A 1 95  ? -5.760  10.362  -13.139 1.00 37.00 ? 95  GLY A O   1 
ATOM   736  N  N   . LYS A 1 96  ? -6.453  12.530  -13.032 1.00 35.95 ? 96  LYS A N   1 
ATOM   737  C  CA  . LYS A 1 96  ? -5.127  13.134  -12.826 1.00 36.42 ? 96  LYS A CA  1 
ATOM   738  C  C   . LYS A 1 96  ? -5.011  13.688  -11.402 1.00 36.15 ? 96  LYS A C   1 
ATOM   739  O  O   . LYS A 1 96  ? -6.013  14.086  -10.788 1.00 37.82 ? 96  LYS A O   1 
ATOM   740  C  CB  . LYS A 1 96  ? -4.919  14.280  -13.815 1.00 42.46 ? 96  LYS A CB  1 
ATOM   741  C  CG  . LYS A 1 96  ? -6.097  15.253  -13.850 1.00 43.25 ? 96  LYS A CG  1 
ATOM   742  C  CD  . LYS A 1 96  ? -6.095  16.151  -15.088 1.00 46.53 ? 96  LYS A CD  1 
ATOM   743  C  CE  . LYS A 1 96  ? -7.232  17.175  -15.081 1.00 51.73 ? 96  LYS A CE  1 
ATOM   744  N  NZ  . LYS A 1 96  ? -7.215  18.058  -16.257 1.00 55.73 ? 96  LYS A NZ  1 
ATOM   745  N  N   . PRO A 1 97  ? -3.798  13.743  -10.830 1.00 35.09 ? 97  PRO A N   1 
ATOM   746  C  CA  . PRO A 1 97  ? -3.611  14.237  -9.470  1.00 35.26 ? 97  PRO A CA  1 
ATOM   747  C  C   . PRO A 1 97  ? -4.121  15.655  -9.328  1.00 36.37 ? 97  PRO A C   1 
ATOM   748  O  O   . PRO A 1 97  ? -4.288  16.358  -10.374 1.00 37.51 ? 97  PRO A O   1 
ATOM   749  C  CB  . PRO A 1 97  ? -2.121  14.133  -9.250  1.00 33.80 ? 97  PRO A CB  1 
ATOM   750  C  CG  . PRO A 1 97  ? -1.499  13.558  -10.515 1.00 34.27 ? 97  PRO A CG  1 
ATOM   751  C  CD  . PRO A 1 97  ? -2.581  13.311  -11.518 1.00 31.74 ? 97  PRO A CD  1 
ATOM   752  N  N   . THR A 1 98  ? -4.348  16.024  -8.063  1.00 37.27 ? 98  THR A N   1 
ATOM   753  C  CA  . THR A 1 98  ? -4.857  17.361  -7.667  1.00 38.45 ? 98  THR A CA  1 
ATOM   754  C  C   . THR A 1 98  ? -4.168  17.814  -6.377  1.00 40.25 ? 98  THR A C   1 
ATOM   755  O  O   . THR A 1 98  ? -3.564  17.005  -5.658  1.00 41.54 ? 98  THR A O   1 
ATOM   756  C  CB  . THR A 1 98  ? -6.366  17.298  -7.423  1.00 42.22 ? 98  THR A CB  1 
ATOM   757  O  OG1 . THR A 1 98  ? -6.844  18.569  -7.006  1.00 40.14 ? 98  THR A OG1 1 
ATOM   758  C  CG2 . THR A 1 98  ? -6.755  16.287  -6.344  1.00 39.50 ? 98  THR A CG2 1 
ATOM   759  N  N   . GLY A 1 99  ? -4.283  19.105  -6.127  1.00 42.24 ? 99  GLY A N   1 
ATOM   760  C  CA  . GLY A 1 99  ? -3.701  19.745  -4.938  1.00 43.69 ? 99  GLY A CA  1 
ATOM   761  C  C   . GLY A 1 99  ? -2.191  19.925  -5.121  1.00 44.00 ? 99  GLY A C   1 
ATOM   762  O  O   . GLY A 1 99  ? -1.652  19.717  -6.219  1.00 44.00 ? 99  GLY A O   1 
ATOM   763  N  N   . GLU A 1 100 ? -1.562  20.309  -4.026  1.00 44.00 ? 100 GLU A N   1 
ATOM   764  C  CA  . GLU A 1 100 ? -0.112  20.546  -3.973  1.00 44.00 ? 100 GLU A CA  1 
ATOM   765  C  C   . GLU A 1 100 ? 0.641   19.315  -4.480  1.00 44.00 ? 100 GLU A C   1 
ATOM   766  O  O   . GLU A 1 100 ? 1.737   19.427  -5.049  1.00 44.00 ? 100 GLU A O   1 
ATOM   767  C  CB  . GLU A 1 100 ? 0.315   20.837  -2.534  1.00 54.52 ? 100 GLU A CB  1 
ATOM   768  C  CG  . GLU A 1 100 ? -0.555  21.897  -1.856  1.00 58.62 ? 100 GLU A CG  1 
ATOM   769  C  CD  . GLU A 1 100 ? -0.253  22.058  -0.366  1.00 58.06 ? 100 GLU A CD  1 
ATOM   770  O  OE1 . GLU A 1 100 ? 0.479   21.186  0.241   1.00 59.87 ? 100 GLU A OE1 1 
ATOM   771  O  OE2 . GLU A 1 100 ? -0.730  23.065  0.284   1.00 60.00 ? 100 GLU A OE2 1 
ATOM   772  N  N   . VAL A 1 101 ? 0.021   18.171  -4.255  1.00 44.00 ? 101 VAL A N   1 
ATOM   773  C  CA  . VAL A 1 101 ? 0.571   16.874  -4.673  1.00 44.00 ? 101 VAL A CA  1 
ATOM   774  C  C   . VAL A 1 101 ? 0.819   16.890  -6.182  1.00 44.00 ? 101 VAL A C   1 
ATOM   775  O  O   . VAL A 1 101 ? 1.836   16.371  -6.666  1.00 44.00 ? 101 VAL A O   1 
ATOM   776  C  CB  . VAL A 1 101 ? -0.411  15.753  -4.334  1.00 41.42 ? 101 VAL A CB  1 
ATOM   777  C  CG1 . VAL A 1 101 ? 0.115   14.364  -4.705  1.00 41.60 ? 101 VAL A CG1 1 
ATOM   778  C  CG2 . VAL A 1 101 ? -0.748  15.682  -2.844  1.00 47.46 ? 101 VAL A CG2 1 
ATOM   779  N  N   . ALA A 1 102 ? -0.131  17.493  -6.873  1.00 44.00 ? 102 ALA A N   1 
ATOM   780  C  CA  . ALA A 1 102 ? -0.085  17.639  -8.333  1.00 44.00 ? 102 ALA A CA  1 
ATOM   781  C  C   . ALA A 1 102 ? 1.146   18.456  -8.718  1.00 44.00 ? 102 ALA A C   1 
ATOM   782  O  O   . ALA A 1 102 ? 2.020   17.984  -9.461  1.00 44.00 ? 102 ALA A O   1 
ATOM   783  C  CB  . ALA A 1 102 ? -1.343  18.354  -8.828  1.00 46.80 ? 102 ALA A CB  1 
ATOM   784  N  N   . ASP A 1 103 ? 1.172   19.668  -8.192  1.00 43.57 ? 103 ASP A N   1 
ATOM   785  C  CA  . ASP A 1 103 ? 2.282   20.603  -8.416  1.00 43.83 ? 103 ASP A CA  1 
ATOM   786  C  C   . ASP A 1 103 ? 3.595   19.864  -8.195  1.00 42.94 ? 103 ASP A C   1 
ATOM   787  O  O   . ASP A 1 103 ? 4.384   19.680  -9.125  1.00 42.64 ? 103 ASP A O   1 
ATOM   788  C  CB  . ASP A 1 103 ? 2.181   21.777  -7.440  1.00 49.69 ? 103 ASP A CB  1 
ATOM   789  C  CG  . ASP A 1 103 ? 0.880   22.568  -7.591  1.00 53.62 ? 103 ASP A CG  1 
ATOM   790  O  OD1 . ASP A 1 103 ? 0.565   23.466  -6.719  1.00 49.76 ? 103 ASP A OD1 1 
ATOM   791  O  OD2 . ASP A 1 103 ? 0.097   22.337  -8.590  1.00 50.72 ? 103 ASP A OD2 1 
ATOM   792  N  N   . LYS A 1 104 ? 3.816   19.433  -6.956  1.00 42.70 ? 104 LYS A N   1 
ATOM   793  C  CA  . LYS A 1 104 ? 5.023   18.704  -6.585  1.00 41.64 ? 104 LYS A CA  1 
ATOM   794  C  C   . LYS A 1 104 ? 5.368   17.652  -7.629  1.00 40.49 ? 104 LYS A C   1 
ATOM   795  O  O   . LYS A 1 104 ? 6.529   17.486  -8.000  1.00 39.89 ? 104 LYS A O   1 
ATOM   796  C  CB  . LYS A 1 104 ? 4.832   18.022  -5.231  1.00 44.12 ? 104 LYS A CB  1 
ATOM   797  C  CG  . LYS A 1 104 ? 5.998   17.135  -4.831  1.00 45.56 ? 104 LYS A CG  1 
ATOM   798  C  CD  . LYS A 1 104 ? 7.259   17.940  -4.550  1.00 44.52 ? 104 LYS A CD  1 
ATOM   799  C  CE  . LYS A 1 104 ? 7.191   18.615  -3.188  1.00 45.37 ? 104 LYS A CE  1 
ATOM   800  N  NZ  . LYS A 1 104 ? 5.990   19.483  -3.034  1.00 49.83 ? 104 LYS A NZ  1 
ATOM   801  N  N   . ILE A 1 105 ? 4.349   16.941  -8.097  1.00 40.39 ? 105 ILE A N   1 
ATOM   802  C  CA  . ILE A 1 105 ? 4.548   15.904  -9.100  1.00 41.61 ? 105 ILE A CA  1 
ATOM   803  C  C   . ILE A 1 105 ? 5.174   16.484  -10.369 1.00 41.76 ? 105 ILE A C   1 
ATOM   804  O  O   . ILE A 1 105 ? 6.063   15.868  -10.968 1.00 42.47 ? 105 ILE A O   1 
ATOM   805  C  CB  . ILE A 1 105 ? 3.207   15.191  -9.443  1.00 44.83 ? 105 ILE A CB  1 
ATOM   806  C  CG1 . ILE A 1 105 ? 2.722   14.265  -8.325  1.00 40.54 ? 105 ILE A CG1 1 
ATOM   807  C  CG2 . ILE A 1 105 ? 3.297   14.318  -10.696 1.00 44.90 ? 105 ILE A CG2 1 
ATOM   808  C  CD1 . ILE A 1 105 ? 1.529   13.402  -8.737  1.00 41.70 ? 105 ILE A CD1 1 
ATOM   809  N  N   . ASN A 1 106 ? 4.718   17.670  -10.771 1.00 41.36 ? 106 ASN A N   1 
ATOM   810  C  CA  . ASN A 1 106 ? 5.248   18.317  -11.966 1.00 40.92 ? 106 ASN A CA  1 
ATOM   811  C  C   . ASN A 1 106 ? 6.630   18.873  -11.666 1.00 40.55 ? 106 ASN A C   1 
ATOM   812  O  O   . ASN A 1 106 ? 7.544   18.762  -12.483 1.00 40.45 ? 106 ASN A O   1 
ATOM   813  C  CB  . ASN A 1 106 ? 4.333   19.450  -12.416 1.00 44.81 ? 106 ASN A CB  1 
ATOM   814  C  CG  . ASN A 1 106 ? 2.872   19.096  -12.289 1.00 44.37 ? 106 ASN A CG  1 
ATOM   815  O  OD1 . ASN A 1 106 ? 2.461   17.974  -12.588 1.00 47.25 ? 106 ASN A OD1 1 
ATOM   816  N  ND2 . ASN A 1 106 ? 2.072   20.059  -11.851 1.00 46.43 ? 106 ASN A ND2 1 
ATOM   817  N  N   . ASP A 1 107 ? 6.778   19.487  -10.497 1.00 39.91 ? 107 ASP A N   1 
ATOM   818  C  CA  . ASP A 1 107 ? 8.074   20.018  -10.099 1.00 39.74 ? 107 ASP A CA  1 
ATOM   819  C  C   . ASP A 1 107 ? 9.025   18.842  -10.260 1.00 38.71 ? 107 ASP A C   1 
ATOM   820  O  O   . ASP A 1 107 ? 10.132  18.968  -10.780 1.00 39.03 ? 107 ASP A O   1 
ATOM   821  C  CB  . ASP A 1 107 ? 8.053   20.454  -8.629  1.00 46.16 ? 107 ASP A CB  1 
ATOM   822  C  CG  . ASP A 1 107 ? 7.150   21.652  -8.380  1.00 50.34 ? 107 ASP A CG  1 
ATOM   823  O  OD1 . ASP A 1 107 ? 6.449   22.083  -9.321  1.00 52.11 ? 107 ASP A OD1 1 
ATOM   824  O  OD2 . ASP A 1 107 ? 7.139   22.162  -7.236  1.00 47.89 ? 107 ASP A OD2 1 
ATOM   825  N  N   . LYS A 1 108 ? 8.551   17.683  -9.821  1.00 37.65 ? 108 LYS A N   1 
ATOM   826  C  CA  . LYS A 1 108 ? 9.344   16.476  -9.895  1.00 36.24 ? 108 LYS A CA  1 
ATOM   827  C  C   . LYS A 1 108 ? 9.732   16.017  -11.286 1.00 34.92 ? 108 LYS A C   1 
ATOM   828  O  O   . LYS A 1 108 ? 10.711  16.496  -11.852 1.00 34.91 ? 108 LYS A O   1 
ATOM   829  N  N   . TYR A 1 109 ? 8.952   15.093  -11.839 1.00 34.19 ? 109 TYR A N   1 
ATOM   830  C  CA  . TYR A 1 109 ? 9.225   14.513  -13.152 1.00 33.53 ? 109 TYR A CA  1 
ATOM   831  C  C   . TYR A 1 109 ? 8.723   15.358  -14.316 1.00 33.64 ? 109 TYR A C   1 
ATOM   832  O  O   . TYR A 1 109 ? 8.559   14.862  -15.432 1.00 33.62 ? 109 TYR A O   1 
ATOM   833  C  CB  . TYR A 1 109 ? 8.610   13.109  -13.213 1.00 36.39 ? 109 TYR A CB  1 
ATOM   834  C  CG  . TYR A 1 109 ? 8.719   12.368  -11.894 1.00 37.26 ? 109 TYR A CG  1 
ATOM   835  C  CD1 . TYR A 1 109 ? 7.874   12.677  -10.823 1.00 31.21 ? 109 TYR A CD1 1 
ATOM   836  C  CD2 . TYR A 1 109 ? 9.721   11.421  -11.686 1.00 37.60 ? 109 TYR A CD2 1 
ATOM   837  C  CE1 . TYR A 1 109 ? 8.029   12.070  -9.585  1.00 28.99 ? 109 TYR A CE1 1 
ATOM   838  C  CE2 . TYR A 1 109 ? 9.883   10.804  -10.446 1.00 34.72 ? 109 TYR A CE2 1 
ATOM   839  C  CZ  . TYR A 1 109 ? 9.034   11.136  -9.404  1.00 32.26 ? 109 TYR A CZ  1 
ATOM   840  O  OH  . TYR A 1 109 ? 9.192   10.533  -8.180  1.00 36.75 ? 109 TYR A OH  1 
ATOM   841  N  N   . GLY A 1 110 ? 8.489   16.637  -14.051 1.00 33.81 ? 110 GLY A N   1 
ATOM   842  C  CA  . GLY A 1 110 ? 8.014   17.531  -15.088 1.00 34.31 ? 110 GLY A CA  1 
ATOM   843  C  C   . GLY A 1 110 ? 6.513   17.461  -15.260 1.00 35.13 ? 110 GLY A C   1 
ATOM   844  O  O   . GLY A 1 110 ? 5.804   18.437  -15.007 1.00 34.79 ? 110 GLY A O   1 
ATOM   845  N  N   . SER A 1 111 ? 6.029   16.299  -15.688 1.00 35.59 ? 111 SER A N   1 
ATOM   846  C  CA  . SER A 1 111 ? 4.601   16.103  -15.905 1.00 36.31 ? 111 SER A CA  1 
ATOM   847  C  C   . SER A 1 111 ? 4.103   14.829  -15.242 1.00 38.02 ? 111 SER A C   1 
ATOM   848  O  O   . SER A 1 111 ? 4.877   13.895  -15.003 1.00 38.64 ? 111 SER A O   1 
ATOM   849  C  CB  . SER A 1 111 ? 4.301   16.031  -17.401 1.00 34.19 ? 111 SER A CB  1 
ATOM   850  O  OG  . SER A 1 111 ? 4.929   14.907  -17.991 1.00 32.93 ? 111 SER A OG  1 
ATOM   851  N  N   . PHE A 1 112 ? 2.803   14.794  -14.956 1.00 39.16 ? 112 PHE A N   1 
ATOM   852  C  CA  . PHE A 1 112 ? 2.186   13.631  -14.336 1.00 39.71 ? 112 PHE A CA  1 
ATOM   853  C  C   . PHE A 1 112 ? 2.456   12.385  -15.184 1.00 40.71 ? 112 PHE A C   1 
ATOM   854  O  O   . PHE A 1 112 ? 2.925   11.364  -14.670 1.00 41.42 ? 112 PHE A O   1 
ATOM   855  C  CB  . PHE A 1 112 ? 0.681   13.863  -14.183 1.00 37.10 ? 112 PHE A CB  1 
ATOM   856  C  CG  . PHE A 1 112 ? -0.091  12.647  -13.681 1.00 41.68 ? 112 PHE A CG  1 
ATOM   857  C  CD1 . PHE A 1 112 ? 0.469   11.811  -12.711 1.00 43.14 ? 112 PHE A CD1 1 
ATOM   858  C  CD2 . PHE A 1 112 ? -1.365  12.380  -14.195 1.00 42.67 ? 112 PHE A CD2 1 
ATOM   859  C  CE1 . PHE A 1 112 ? -0.249  10.700  -12.251 1.00 41.33 ? 112 PHE A CE1 1 
ATOM   860  C  CE2 . PHE A 1 112 ? -2.082  11.271  -13.735 1.00 42.14 ? 112 PHE A CE2 1 
ATOM   861  C  CZ  . PHE A 1 112 ? -1.524  10.431  -12.763 1.00 40.87 ? 112 PHE A CZ  1 
ATOM   862  N  N   . GLU A 1 113 ? 2.165   12.472  -16.482 1.00 40.77 ? 113 GLU A N   1 
ATOM   863  C  CA  . GLU A 1 113 ? 2.401   11.351  -17.385 1.00 39.88 ? 113 GLU A CA  1 
ATOM   864  C  C   . GLU A 1 113 ? 3.854   10.925  -17.244 1.00 39.45 ? 113 GLU A C   1 
ATOM   865  O  O   . GLU A 1 113 ? 4.188   9.755   -17.415 1.00 40.26 ? 113 GLU A O   1 
ATOM   866  C  CB  . GLU A 1 113 ? 2.135   11.750  -18.841 1.00 41.88 ? 113 GLU A CB  1 
ATOM   867  C  CG  . GLU A 1 113 ? 0.717   12.207  -19.141 1.00 44.42 ? 113 GLU A CG  1 
ATOM   868  C  CD  . GLU A 1 113 ? 0.416   13.587  -18.586 1.00 45.58 ? 113 GLU A CD  1 
ATOM   869  O  OE1 . GLU A 1 113 ? 1.180   14.526  -18.889 1.00 49.76 ? 113 GLU A OE1 1 
ATOM   870  O  OE2 . GLU A 1 113 ? -0.585  13.738  -17.855 1.00 45.42 ? 113 GLU A OE2 1 
ATOM   871  N  N   . LYS A 1 114 ? 4.717   11.891  -16.945 1.00 39.16 ? 114 LYS A N   1 
ATOM   872  C  CA  . LYS A 1 114 ? 6.124   11.590  -16.770 1.00 38.90 ? 114 LYS A CA  1 
ATOM   873  C  C   . LYS A 1 114 ? 6.264   10.720  -15.538 1.00 38.22 ? 114 LYS A C   1 
ATOM   874  O  O   . LYS A 1 114 ? 6.855   9.642   -15.591 1.00 38.93 ? 114 LYS A O   1 
ATOM   875  N  N   . PHE A 1 115 ? 5.707   11.198  -14.428 1.00 36.71 ? 115 PHE A N   1 
ATOM   876  C  CA  . PHE A 1 115 ? 5.729   10.472  -13.162 1.00 35.06 ? 115 PHE A CA  1 
ATOM   877  C  C   . PHE A 1 115 ? 5.202   9.061   -13.383 1.00 34.49 ? 115 PHE A C   1 
ATOM   878  O  O   . PHE A 1 115 ? 5.877   8.081   -13.063 1.00 35.47 ? 115 PHE A O   1 
ATOM   879  C  CB  . PHE A 1 115 ? 4.853   11.202  -12.141 1.00 30.48 ? 115 PHE A CB  1 
ATOM   880  C  CG  . PHE A 1 115 ? 4.436   10.354  -10.977 1.00 30.80 ? 115 PHE A CG  1 
ATOM   881  C  CD1 . PHE A 1 115 ? 5.348   9.980   -10.003 1.00 31.80 ? 115 PHE A CD1 1 
ATOM   882  C  CD2 . PHE A 1 115 ? 3.115   9.939   -10.852 1.00 36.15 ? 115 PHE A CD2 1 
ATOM   883  C  CE1 . PHE A 1 115 ? 4.948   9.203   -8.917  1.00 35.96 ? 115 PHE A CE1 1 
ATOM   884  C  CE2 . PHE A 1 115 ? 2.707   9.163   -9.772  1.00 34.18 ? 115 PHE A CE2 1 
ATOM   885  C  CZ  . PHE A 1 115 ? 3.625   8.796   -8.801  1.00 30.92 ? 115 PHE A CZ  1 
ATOM   886  N  N   . GLN A 1 116 ? 3.996   8.966   -13.935 1.00 33.34 ? 116 GLN A N   1 
ATOM   887  C  CA  . GLN A 1 116 ? 3.376   7.675   -14.212 1.00 33.28 ? 116 GLN A CA  1 
ATOM   888  C  C   . GLN A 1 116 ? 4.382   6.722   -14.838 1.00 33.66 ? 116 GLN A C   1 
ATOM   889  O  O   . GLN A 1 116 ? 4.640   5.638   -14.319 1.00 35.99 ? 116 GLN A O   1 
ATOM   890  C  CB  . GLN A 1 116 ? 2.212   7.834   -15.187 1.00 33.86 ? 116 GLN A CB  1 
ATOM   891  C  CG  . GLN A 1 116 ? 1.062   8.697   -14.713 1.00 35.58 ? 116 GLN A CG  1 
ATOM   892  C  CD  . GLN A 1 116 ? -0.059  8.737   -15.736 1.00 33.93 ? 116 GLN A CD  1 
ATOM   893  O  OE1 . GLN A 1 116 ? -1.116  9.309   -15.493 1.00 35.17 ? 116 GLN A OE1 1 
ATOM   894  N  NE2 . GLN A 1 116 ? 0.173   8.124   -16.890 1.00 30.84 ? 116 GLN A NE2 1 
ATOM   895  N  N   . GLU A 1 117 ? 4.946   7.140   -15.964 1.00 33.48 ? 117 GLU A N   1 
ATOM   896  C  CA  . GLU A 1 117 ? 5.915   6.326   -16.681 1.00 33.27 ? 117 GLU A CA  1 
ATOM   897  C  C   . GLU A 1 117 ? 7.018   5.809   -15.753 1.00 31.29 ? 117 GLU A C   1 
ATOM   898  O  O   . GLU A 1 117 ? 7.573   4.721   -15.963 1.00 31.19 ? 117 GLU A O   1 
ATOM   899  C  CB  . GLU A 1 117 ? 6.542   7.133   -17.817 1.00 41.68 ? 117 GLU A CB  1 
ATOM   900  C  CG  . GLU A 1 117 ? 7.394   6.280   -18.758 1.00 45.14 ? 117 GLU A CG  1 
ATOM   901  C  CD  . GLU A 1 117 ? 7.915   7.062   -19.966 1.00 47.17 ? 117 GLU A CD  1 
ATOM   902  O  OE1 . GLU A 1 117 ? 7.086   7.660   -20.753 1.00 49.58 ? 117 GLU A OE1 1 
ATOM   903  O  OE2 . GLU A 1 117 ? 9.183   7.125   -20.196 1.00 47.60 ? 117 GLU A OE2 1 
ATOM   904  N  N   . GLU A 1 118 ? 7.319   6.596   -14.742 1.00 29.34 ? 118 GLU A N   1 
ATOM   905  C  CA  . GLU A 1 118 ? 8.353   6.243   -13.758 1.00 28.17 ? 118 GLU A CA  1 
ATOM   906  C  C   . GLU A 1 118 ? 7.812   5.186   -12.790 1.00 26.98 ? 118 GLU A C   1 
ATOM   907  O  O   . GLU A 1 118 ? 8.461   4.160   -12.536 1.00 28.36 ? 118 GLU A O   1 
ATOM   908  C  CB  . GLU A 1 118 ? 8.776   7.482   -12.968 1.00 30.46 ? 118 GLU A CB  1 
ATOM   909  C  CG  . GLU A 1 118 ? 9.838   8.317   -13.690 1.00 31.67 ? 118 GLU A CG  1 
ATOM   910  C  CD  . GLU A 1 118 ? 11.138  7.549   -13.942 1.00 34.10 ? 118 GLU A CD  1 
ATOM   911  O  OE1 . GLU A 1 118 ? 11.768  7.004   -12.957 1.00 37.59 ? 118 GLU A OE1 1 
ATOM   912  O  OE2 . GLU A 1 118 ? 11.607  7.448   -15.141 1.00 36.12 ? 118 GLU A OE2 1 
ATOM   913  N  N   . PHE A 1 119 ? 6.629   5.478   -12.283 1.00 24.44 ? 119 PHE A N   1 
ATOM   914  C  CA  . PHE A 1 119 ? 5.925   4.605   -11.332 1.00 20.87 ? 119 PHE A CA  1 
ATOM   915  C  C   . PHE A 1 119 ? 5.730   3.212   -11.937 1.00 18.97 ? 119 PHE A C   1 
ATOM   916  O  O   . PHE A 1 119 ? 6.204   2.206   -11.388 1.00 18.25 ? 119 PHE A O   1 
ATOM   917  C  CB  . PHE A 1 119 ? 4.552   5.195   -10.999 1.00 17.23 ? 119 PHE A CB  1 
ATOM   918  C  CG  . PHE A 1 119 ? 3.973   4.667   -9.685  1.00 20.87 ? 119 PHE A CG  1 
ATOM   919  C  CD1 . PHE A 1 119 ? 3.942   5.491   -8.553  1.00 18.89 ? 119 PHE A CD1 1 
ATOM   920  C  CD2 . PHE A 1 119 ? 3.476   3.361   -9.612  1.00 22.43 ? 119 PHE A CD2 1 
ATOM   921  C  CE1 . PHE A 1 119 ? 3.413   5.009   -7.350  1.00 16.77 ? 119 PHE A CE1 1 
ATOM   922  C  CE2 . PHE A 1 119 ? 2.947   2.878   -8.409  1.00 21.81 ? 119 PHE A CE2 1 
ATOM   923  C  CZ  . PHE A 1 119 ? 2.916   3.702   -7.278  1.00 16.63 ? 119 PHE A CZ  1 
ATOM   924  N  N   . ALA A 1 120 ? 5.032   3.206   -13.057 1.00 17.66 ? 120 ALA A N   1 
ATOM   925  C  CA  . ALA A 1 120 ? 4.722   1.977   -13.803 1.00 16.47 ? 120 ALA A CA  1 
ATOM   926  C  C   . ALA A 1 120 ? 5.972   1.104   -13.932 1.00 16.52 ? 120 ALA A C   1 
ATOM   927  O  O   . ALA A 1 120 ? 5.909   -0.126  -13.789 1.00 18.33 ? 120 ALA A O   1 
ATOM   928  C  CB  . ALA A 1 120 ? 4.221   2.331   -15.205 1.00 5.65  ? 120 ALA A CB  1 
ATOM   929  N  N   . ALA A 1 121 ? 7.074   1.778   -14.200 1.00 16.20 ? 121 ALA A N   1 
ATOM   930  C  CA  . ALA A 1 121 ? 8.385   1.133   -14.372 1.00 15.77 ? 121 ALA A CA  1 
ATOM   931  C  C   . ALA A 1 121 ? 8.834   0.479   -13.063 1.00 15.33 ? 121 ALA A C   1 
ATOM   932  O  O   . ALA A 1 121 ? 9.350   -0.649  -13.056 1.00 17.04 ? 121 ALA A O   1 
ATOM   933  C  CB  . ALA A 1 121 ? 9.429   2.172   -14.787 1.00 18.10 ? 121 ALA A CB  1 
ATOM   934  N  N   . ALA A 1 122 ? 8.620   1.217   -11.991 1.00 14.47 ? 122 ALA A N   1 
ATOM   935  C  CA  . ALA A 1 122 ? 8.987   0.785   -10.633 1.00 13.90 ? 122 ALA A CA  1 
ATOM   936  C  C   . ALA A 1 122 ? 8.156   -0.431  -10.215 1.00 14.48 ? 122 ALA A C   1 
ATOM   937  O  O   . ALA A 1 122 ? 8.692   -1.431  -9.713  1.00 14.59 ? 122 ALA A O   1 
ATOM   938  C  CB  . ALA A 1 122 ? 8.733   1.918   -9.637  1.00 8.40  ? 122 ALA A CB  1 
ATOM   939  N  N   . ALA A 1 123 ? 6.862   -0.303  -10.438 1.00 14.11 ? 123 ALA A N   1 
ATOM   940  C  CA  . ALA A 1 123 ? 5.880   -1.344  -10.096 1.00 13.41 ? 123 ALA A CA  1 
ATOM   941  C  C   . ALA A 1 123 ? 6.186   -2.647  -10.842 1.00 13.53 ? 123 ALA A C   1 
ATOM   942  O  O   . ALA A 1 123 ? 5.868   -3.746  -10.365 1.00 16.81 ? 123 ALA A O   1 
ATOM   943  C  CB  . ALA A 1 123 ? 4.473   -0.882  -10.481 1.00 15.91 ? 123 ALA A CB  1 
ATOM   944  N  N   . ALA A 1 124 ? 6.800   -2.484  -11.999 1.00 13.46 ? 124 ALA A N   1 
ATOM   945  C  CA  . ALA A 1 124 ? 7.162   -3.612  -12.874 1.00 14.08 ? 124 ALA A CA  1 
ATOM   946  C  C   . ALA A 1 124 ? 8.589   -4.089  -12.579 1.00 13.44 ? 124 ALA A C   1 
ATOM   947  O  O   . ALA A 1 124 ? 8.976   -5.208  -12.947 1.00 15.16 ? 124 ALA A O   1 
ATOM   948  C  CB  . ALA A 1 124 ? 7.087   -3.182  -14.340 1.00 22.11 ? 124 ALA A CB  1 
ATOM   949  N  N   . GLY A 1 125 ? 9.329   -3.219  -11.920 1.00 13.58 ? 125 GLY A N   1 
ATOM   950  C  CA  . GLY A 1 125 ? 10.729  -3.479  -11.552 1.00 12.56 ? 125 GLY A CA  1 
ATOM   951  C  C   . GLY A 1 125 ? 10.810  -4.578  -10.487 1.00 12.32 ? 125 GLY A C   1 
ATOM   952  O  O   . GLY A 1 125 ? 11.546  -5.564  -10.641 1.00 13.00 ? 125 GLY A O   1 
ATOM   953  N  N   . ARG A 1 126 ? 10.044  -4.367  -9.436  1.00 11.72 ? 126 ARG A N   1 
ATOM   954  C  CA  . ARG A 1 126 ? 9.984   -5.280  -8.282  1.00 10.45 ? 126 ARG A CA  1 
ATOM   955  C  C   . ARG A 1 126 ? 9.807   -6.735  -8.735  1.00 8.73  ? 126 ARG A C   1 
ATOM   956  O  O   . ARG A 1 126 ? 8.762   -7.108  -9.290  1.00 9.11  ? 126 ARG A O   1 
ATOM   957  C  CB  . ARG A 1 126 ? 8.806   -4.910  -7.379  1.00 7.25  ? 126 ARG A CB  1 
ATOM   958  C  CG  . ARG A 1 126 ? 8.735   -5.762  -6.109  1.00 16.41 ? 126 ARG A CG  1 
ATOM   959  C  CD  . ARG A 1 126 ? 10.111  -6.057  -5.508  1.00 18.32 ? 126 ARG A CD  1 
ATOM   960  N  NE  . ARG A 1 126 ? 10.828  -4.843  -5.091  1.00 23.29 ? 126 ARG A NE  1 
ATOM   961  C  CZ  . ARG A 1 126 ? 11.987  -4.851  -4.417  1.00 20.64 ? 126 ARG A CZ  1 
ATOM   962  N  NH1 . ARG A 1 126 ? 12.578  -6.003  -4.074  1.00 22.27 ? 126 ARG A NH1 1 
ATOM   963  N  NH2 . ARG A 1 126 ? 12.640  -3.745  -4.038  1.00 19.48 ? 126 ARG A NH2 1 
ATOM   964  N  N   . PHE A 1 127 ? 10.851  -7.502  -8.472  1.00 8.30  ? 127 PHE A N   1 
ATOM   965  C  CA  . PHE A 1 127 ? 10.906  -8.945  -8.773  1.00 8.83  ? 127 PHE A CA  1 
ATOM   966  C  C   . PHE A 1 127 ? 10.263  -9.699  -7.614  1.00 10.26 ? 127 PHE A C   1 
ATOM   967  O  O   . PHE A 1 127 ? 10.406  -9.306  -6.455  1.00 10.91 ? 127 PHE A O   1 
ATOM   968  C  CB  . PHE A 1 127 ? 12.370  -9.371  -8.924  1.00 5.77  ? 127 PHE A CB  1 
ATOM   969  C  CG  . PHE A 1 127 ? 12.552  -10.672 -9.707  1.00 3.00  ? 127 PHE A CG  1 
ATOM   970  C  CD1 . PHE A 1 127 ? 12.212  -10.728 -11.064 1.00 6.71  ? 127 PHE A CD1 1 
ATOM   971  C  CD2 . PHE A 1 127 ? 13.063  -11.806 -9.065  1.00 10.09 ? 127 PHE A CD2 1 
ATOM   972  C  CE1 . PHE A 1 127 ? 12.384  -11.919 -11.779 1.00 8.77  ? 127 PHE A CE1 1 
ATOM   973  C  CE2 . PHE A 1 127 ? 13.235  -12.997 -9.780  1.00 7.95  ? 127 PHE A CE2 1 
ATOM   974  C  CZ  . PHE A 1 127 ? 12.895  -13.054 -11.137 1.00 6.14  ? 127 PHE A CZ  1 
ATOM   975  N  N   . GLY A 1 128 ? 9.568   -10.789 -7.924  1.00 10.20 ? 128 GLY A N   1 
ATOM   976  C  CA  . GLY A 1 128 ? 8.900   -11.541 -6.882  1.00 9.43  ? 128 GLY A CA  1 
ATOM   977  C  C   . GLY A 1 128 ? 7.786   -10.684 -6.313  1.00 10.08 ? 128 GLY A C   1 
ATOM   978  O  O   . GLY A 1 128 ? 7.184   -9.883  -7.029  1.00 11.49 ? 128 GLY A O   1 
ATOM   979  N  N   . SER A 1 129 ? 7.510   -10.840 -5.025  1.00 9.46  ? 129 SER A N   1 
ATOM   980  C  CA  . SER A 1 129 ? 6.461   -10.063 -4.382  1.00 10.88 ? 129 SER A CA  1 
ATOM   981  C  C   . SER A 1 129 ? 7.013   -8.719  -3.941  1.00 12.13 ? 129 SER A C   1 
ATOM   982  O  O   . SER A 1 129 ? 8.215   -8.482  -4.010  1.00 14.93 ? 129 SER A O   1 
ATOM   983  C  CB  . SER A 1 129 ? 5.926   -10.815 -3.170  1.00 19.76 ? 129 SER A CB  1 
ATOM   984  O  OG  . SER A 1 129 ? 5.707   -12.178 -3.488  1.00 28.18 ? 129 SER A OG  1 
ATOM   985  N  N   . GLY A 1 130 ? 6.132   -7.845  -3.472  1.00 12.74 ? 130 GLY A N   1 
ATOM   986  C  CA  . GLY A 1 130 ? 6.560   -6.535  -3.029  1.00 12.36 ? 130 GLY A CA  1 
ATOM   987  C  C   . GLY A 1 130 ? 5.563   -5.481  -3.456  1.00 13.88 ? 130 GLY A C   1 
ATOM   988  O  O   . GLY A 1 130 ? 4.584   -5.787  -4.137  1.00 13.15 ? 130 GLY A O   1 
ATOM   989  N  N   . TRP A 1 131 ? 5.811   -4.241  -3.050  1.00 14.67 ? 131 TRP A N   1 
ATOM   990  C  CA  . TRP A 1 131 ? 4.938   -3.125  -3.388  1.00 15.74 ? 131 TRP A CA  1 
ATOM   991  C  C   . TRP A 1 131 ? 5.764   -1.962  -3.948  1.00 16.77 ? 131 TRP A C   1 
ATOM   992  O  O   . TRP A 1 131 ? 6.972   -1.882  -3.725  1.00 17.66 ? 131 TRP A O   1 
ATOM   993  C  CB  . TRP A 1 131 ? 4.189   -2.641  -2.142  1.00 18.68 ? 131 TRP A CB  1 
ATOM   994  C  CG  . TRP A 1 131 ? 3.111   -3.553  -1.582  1.00 15.45 ? 131 TRP A CG  1 
ATOM   995  C  CD1 . TRP A 1 131 ? 3.238   -4.865  -1.214  1.00 14.89 ? 131 TRP A CD1 1 
ATOM   996  C  CD2 . TRP A 1 131 ? 1.765   -3.180  -1.265  1.00 9.70  ? 131 TRP A CD2 1 
ATOM   997  N  NE1 . TRP A 1 131 ? 2.056   -5.327  -0.686  1.00 10.96 ? 131 TRP A NE1 1 
ATOM   998  C  CE2 . TRP A 1 131 ? 1.136   -4.312  -0.704  1.00 12.05 ? 131 TRP A CE2 1 
ATOM   999  C  CE3 . TRP A 1 131 ? 1.032   -1.991  -1.396  1.00 13.00 ? 131 TRP A CE3 1 
ATOM   1000 C  CZ2 . TRP A 1 131 ? -0.197  -4.292  -0.280  1.00 19.64 ? 131 TRP A CZ2 1 
ATOM   1001 C  CZ3 . TRP A 1 131 ? -0.294  -1.972  -0.970  1.00 13.60 ? 131 TRP A CZ3 1 
ATOM   1002 C  CH2 . TRP A 1 131 ? -0.893  -3.115  -0.418  1.00 12.90 ? 131 TRP A CH2 1 
ATOM   1003 N  N   . ALA A 1 132 ? 5.103   -1.069  -4.679  1.00 17.37 ? 132 ALA A N   1 
ATOM   1004 C  CA  . ALA A 1 132 ? 5.751   0.113   -5.240  1.00 17.17 ? 132 ALA A CA  1 
ATOM   1005 C  C   . ALA A 1 132 ? 5.115   1.291   -4.516  1.00 17.64 ? 132 ALA A C   1 
ATOM   1006 O  O   . ALA A 1 132 ? 3.945   1.225   -4.138  1.00 19.05 ? 132 ALA A O   1 
ATOM   1007 C  CB  . ALA A 1 132 ? 5.488   0.203   -6.728  1.00 23.13 ? 132 ALA A CB  1 
ATOM   1008 N  N   . TRP A 1 133 ? 5.868   2.366   -4.308  1.00 17.60 ? 133 TRP A N   1 
ATOM   1009 C  CA  . TRP A 1 133 ? 5.315   3.505   -3.587  1.00 17.66 ? 133 TRP A CA  1 
ATOM   1010 C  C   . TRP A 1 133 ? 5.803   4.871   -4.037  1.00 18.70 ? 133 TRP A C   1 
ATOM   1011 O  O   . TRP A 1 133 ? 6.728   5.000   -4.834  1.00 19.74 ? 133 TRP A O   1 
ATOM   1012 C  CB  . TRP A 1 133 ? 5.620   3.385   -2.094  1.00 17.05 ? 133 TRP A CB  1 
ATOM   1013 C  CG  . TRP A 1 133 ? 5.619   1.994   -1.570  1.00 16.76 ? 133 TRP A CG  1 
ATOM   1014 C  CD1 . TRP A 1 133 ? 6.530   1.014   -1.838  1.00 16.08 ? 133 TRP A CD1 1 
ATOM   1015 C  CD2 . TRP A 1 133 ? 4.647   1.415   -0.698  1.00 15.23 ? 133 TRP A CD2 1 
ATOM   1016 N  NE1 . TRP A 1 133 ? 6.183   -0.140  -1.187  1.00 22.80 ? 133 TRP A NE1 1 
ATOM   1017 C  CE2 . TRP A 1 133 ? 5.031   0.077   -0.478  1.00 13.96 ? 133 TRP A CE2 1 
ATOM   1018 C  CE3 . TRP A 1 133 ? 3.487   1.898   -0.079  1.00 19.46 ? 133 TRP A CE3 1 
ATOM   1019 C  CZ2 . TRP A 1 133 ? 4.295   -0.789  0.339   1.00 16.58 ? 133 TRP A CZ2 1 
ATOM   1020 C  CZ3 . TRP A 1 133 ? 2.754   1.034   0.734   1.00 18.28 ? 133 TRP A CZ3 1 
ATOM   1021 C  CH2 . TRP A 1 133 ? 3.163   -0.294  0.933   1.00 14.34 ? 133 TRP A CH2 1 
ATOM   1022 N  N   . LEU A 1 134 ? 5.150   5.888   -3.490  1.00 20.39 ? 134 LEU A N   1 
ATOM   1023 C  CA  . LEU A 1 134 ? 5.478   7.284   -3.735  1.00 22.61 ? 134 LEU A CA  1 
ATOM   1024 C  C   . LEU A 1 134 ? 5.757   7.976   -2.389  1.00 24.50 ? 134 LEU A C   1 
ATOM   1025 O  O   . LEU A 1 134 ? 4.946   8.777   -1.902  1.00 26.41 ? 134 LEU A O   1 
ATOM   1026 C  CB  . LEU A 1 134 ? 4.302   8.019   -4.385  1.00 20.70 ? 134 LEU A CB  1 
ATOM   1027 C  CG  . LEU A 1 134 ? 4.472   9.540   -4.380  1.00 20.19 ? 134 LEU A CG  1 
ATOM   1028 C  CD1 . LEU A 1 134 ? 5.660   10.011  -5.220  1.00 19.82 ? 134 LEU A CD1 1 
ATOM   1029 C  CD2 . LEU A 1 134 ? 3.252   10.279  -4.934  1.00 20.04 ? 134 LEU A CD2 1 
ATOM   1030 N  N   . VAL A 1 135 ? 6.904   7.641   -1.823  1.00 24.75 ? 135 VAL A N   1 
ATOM   1031 C  CA  . VAL A 1 135 ? 7.341   8.158   -0.509  1.00 24.98 ? 135 VAL A CA  1 
ATOM   1032 C  C   . VAL A 1 135 ? 7.367   9.692   -0.483  1.00 26.38 ? 135 VAL A C   1 
ATOM   1033 O  O   . VAL A 1 135 ? 7.130   10.353  -1.505  1.00 27.44 ? 135 VAL A O   1 
ATOM   1034 C  CB  . VAL A 1 135 ? 8.751   7.661   -0.184  1.00 22.25 ? 135 VAL A CB  1 
ATOM   1035 C  CG1 . VAL A 1 135 ? 8.989   6.216   -0.621  1.00 18.51 ? 135 VAL A CG1 1 
ATOM   1036 C  CG2 . VAL A 1 135 ? 9.846   8.488   -0.859  1.00 23.98 ? 135 VAL A CG2 1 
ATOM   1037 N  N   . VAL A 1 136 ? 7.660   10.185  0.713   1.00 27.66 ? 136 VAL A N   1 
ATOM   1038 C  CA  . VAL A 1 136 ? 7.754   11.625  1.006   1.00 29.41 ? 136 VAL A CA  1 
ATOM   1039 C  C   . VAL A 1 136 ? 8.810   11.874  2.089   1.00 30.75 ? 136 VAL A C   1 
ATOM   1040 O  O   . VAL A 1 136 ? 8.480   12.088  3.265   1.00 30.26 ? 136 VAL A O   1 
ATOM   1041 C  CB  . VAL A 1 136 ? 6.408   12.148  1.517   1.00 32.45 ? 136 VAL A CB  1 
ATOM   1042 C  CG1 . VAL A 1 136 ? 6.484   13.588  2.031   1.00 31.05 ? 136 VAL A CG1 1 
ATOM   1043 C  CG2 . VAL A 1 136 ? 5.320   12.149  0.442   1.00 35.21 ? 136 VAL A CG2 1 
ATOM   1044 N  N   . ASN A 1 137 ? 10.056  11.835  1.653   1.00 33.14 ? 137 ASN A N   1 
ATOM   1045 C  CA  . ASN A 1 137 ? 11.221  12.050  2.530   1.00 35.74 ? 137 ASN A CA  1 
ATOM   1046 C  C   . ASN A 1 137 ? 11.489  13.550  2.681   1.00 37.97 ? 137 ASN A C   1 
ATOM   1047 O  O   . ASN A 1 137 ? 12.119  14.176  1.817   1.00 38.89 ? 137 ASN A O   1 
ATOM   1048 C  CB  . ASN A 1 137 ? 12.457  11.380  1.929   1.00 38.53 ? 137 ASN A CB  1 
ATOM   1049 C  CG  . ASN A 1 137 ? 13.624  11.283  2.913   1.00 43.50 ? 137 ASN A CG  1 
ATOM   1050 O  OD1 . ASN A 1 137 ? 14.183  10.203  3.099   1.00 41.35 ? 137 ASN A OD1 1 
ATOM   1051 N  ND2 . ASN A 1 137 ? 14.030  12.358  3.563   1.00 45.09 ? 137 ASN A ND2 1 
ATOM   1052 N  N   . ASN A 1 138 ? 10.999  14.078  3.788   1.00 20.00 ? 138 ASN A N   1 
ATOM   1053 C  CA  . ASN A 1 138 ? 11.126  15.506  4.118   1.00 20.00 ? 138 ASN A CA  1 
ATOM   1054 C  C   . ASN A 1 138 ? 10.132  16.302  3.274   1.00 20.00 ? 138 ASN A C   1 
ATOM   1055 O  O   . ASN A 1 138 ? 8.952   15.960  3.177   1.00 20.00 ? 138 ASN A O   1 
ATOM   1056 N  N   . GLY A 1 139 ? 10.612  17.362  2.662   1.00 20.00 ? 139 GLY A N   1 
ATOM   1057 C  CA  . GLY A 1 139 ? 9.749   18.206  1.819   1.00 20.00 ? 139 GLY A CA  1 
ATOM   1058 C  C   . GLY A 1 139 ? 9.703   17.649  0.394   1.00 20.00 ? 139 GLY A C   1 
ATOM   1059 O  O   . GLY A 1 139 ? 9.044   18.217  -0.492  1.00 20.00 ? 139 GLY A O   1 
ATOM   1060 N  N   . GLU A 1 140 ? 10.413  16.548  0.232   1.00 38.01 ? 140 GLU A N   1 
ATOM   1061 C  CA  . GLU A 1 140 ? 10.549  15.866  -1.062  1.00 38.07 ? 140 GLU A CA  1 
ATOM   1062 C  C   . GLU A 1 140 ? 9.798   14.532  -1.064  1.00 36.71 ? 140 GLU A C   1 
ATOM   1063 O  O   . GLU A 1 140 ? 9.434   14.004  -0.002  1.00 37.91 ? 140 GLU A O   1 
ATOM   1064 C  CB  . GLU A 1 140 ? 12.026  15.589  -1.350  1.00 45.10 ? 140 GLU A CB  1 
ATOM   1065 C  CG  . GLU A 1 140 ? 12.841  15.313  -0.084  1.00 50.51 ? 140 GLU A CG  1 
ATOM   1066 C  CD  . GLU A 1 140 ? 14.293  14.930  -0.382  1.00 50.65 ? 140 GLU A CD  1 
ATOM   1067 O  OE1 . GLU A 1 140 ? 15.127  14.753  0.587   1.00 50.15 ? 140 GLU A OE1 1 
ATOM   1068 O  OE2 . GLU A 1 140 ? 14.683  14.782  -1.603  1.00 50.73 ? 140 GLU A OE2 1 
ATOM   1069 N  N   . ILE A 1 141 ? 9.595   14.040  -2.271  1.00 34.10 ? 141 ILE A N   1 
ATOM   1070 C  CA  . ILE A 1 141 ? 8.900   12.768  -2.518  1.00 31.76 ? 141 ILE A CA  1 
ATOM   1071 C  C   . ILE A 1 141 ? 9.585   12.023  -3.653  1.00 31.62 ? 141 ILE A C   1 
ATOM   1072 O  O   . ILE A 1 141 ? 9.813   12.579  -4.727  1.00 33.26 ? 141 ILE A O   1 
ATOM   1073 C  CB  . ILE A 1 141 ? 7.443   13.036  -2.903  1.00 26.46 ? 141 ILE A CB  1 
ATOM   1074 C  CG1 . ILE A 1 141 ? 7.306   13.875  -4.175  1.00 30.84 ? 141 ILE A CG1 1 
ATOM   1075 C  CG2 . ILE A 1 141 ? 6.669   13.791  -1.821  1.00 30.02 ? 141 ILE A CG2 1 
ATOM   1076 C  CD1 . ILE A 1 141 ? 5.877   13.905  -4.720  1.00 32.97 ? 141 ILE A CD1 1 
ATOM   1077 N  N   . GLU A 1 142 ? 9.923   10.765  -3.413  1.00 29.85 ? 142 GLU A N   1 
ATOM   1078 C  CA  . GLU A 1 142 ? 10.568  9.961   -4.434  1.00 27.60 ? 142 GLU A CA  1 
ATOM   1079 C  C   . GLU A 1 142 ? 9.726   8.737   -4.726  1.00 26.02 ? 142 GLU A C   1 
ATOM   1080 O  O   . GLU A 1 142 ? 8.623   8.594   -4.209  1.00 26.95 ? 142 GLU A O   1 
ATOM   1081 C  CB  . GLU A 1 142 ? 11.969  9.532   -3.985  1.00 33.54 ? 142 GLU A CB  1 
ATOM   1082 C  CG  . GLU A 1 142 ? 12.195  9.533   -2.482  1.00 38.03 ? 142 GLU A CG  1 
ATOM   1083 C  CD  . GLU A 1 142 ? 13.316  8.596   -2.062  1.00 40.22 ? 142 GLU A CD  1 
ATOM   1084 O  OE1 . GLU A 1 142 ? 14.455  8.759   -2.550  1.00 38.95 ? 142 GLU A OE1 1 
ATOM   1085 O  OE2 . GLU A 1 142 ? 13.055  7.690   -1.240  1.00 40.23 ? 142 GLU A OE2 1 
ATOM   1086 N  N   . ILE A 1 143 ? 10.259  7.858   -5.562  1.00 24.32 ? 143 ILE A N   1 
ATOM   1087 C  CA  . ILE A 1 143 ? 9.578   6.631   -5.945  1.00 22.99 ? 143 ILE A CA  1 
ATOM   1088 C  C   . ILE A 1 143 ? 10.459  5.450   -5.601  1.00 22.70 ? 143 ILE A C   1 
ATOM   1089 O  O   . ILE A 1 143 ? 11.623  5.398   -5.996  1.00 23.12 ? 143 ILE A O   1 
ATOM   1090 C  CB  . ILE A 1 143 ? 9.285   6.594   -7.469  1.00 28.71 ? 143 ILE A CB  1 
ATOM   1091 C  CG1 . ILE A 1 143 ? 8.005   7.371   -7.778  1.00 24.76 ? 143 ILE A CG1 1 
ATOM   1092 C  CG2 . ILE A 1 143 ? 9.182   5.150   -7.953  1.00 28.02 ? 143 ILE A CG2 1 
ATOM   1093 C  CD1 . ILE A 1 143 ? 7.624   7.342   -9.242  1.00 23.10 ? 143 ILE A CD1 1 
ATOM   1094 N  N   . MET A 1 144 ? 9.894   4.494   -4.878  1.00 22.79 ? 144 MET A N   1 
ATOM   1095 C  CA  . MET A 1 144 ? 10.636  3.307   -4.489  1.00 22.49 ? 144 MET A CA  1 
ATOM   1096 C  C   . MET A 1 144 ? 9.739   2.073   -4.541  1.00 22.40 ? 144 MET A C   1 
ATOM   1097 O  O   . MET A 1 144 ? 8.574   2.151   -4.938  1.00 24.48 ? 144 MET A O   1 
ATOM   1098 C  CB  . MET A 1 144 ? 11.187  3.487   -3.076  1.00 22.13 ? 144 MET A CB  1 
ATOM   1099 C  CG  . MET A 1 144 ? 10.110  3.662   -2.019  1.00 21.90 ? 144 MET A CG  1 
ATOM   1100 S  SD  . MET A 1 144 ? 10.800  3.906   -0.372  1.00 34.69 ? 144 MET A SD  1 
ATOM   1101 C  CE  . MET A 1 144 ? 11.442  2.275   -0.044  1.00 23.84 ? 144 MET A CE  1 
ATOM   1102 N  N   . SER A 1 145 ? 10.293  0.935   -4.143  1.00 20.39 ? 145 SER A N   1 
ATOM   1103 C  CA  . SER A 1 145 ? 9.546   -0.311  -4.119  1.00 17.53 ? 145 SER A CA  1 
ATOM   1104 C  C   . SER A 1 145 ? 10.087  -1.185  -2.995  1.00 17.35 ? 145 SER A C   1 
ATOM   1105 O  O   . SER A 1 145 ? 11.274  -1.520  -2.974  1.00 16.80 ? 145 SER A O   1 
ATOM   1106 C  CB  . SER A 1 145 ? 9.684   -1.046  -5.453  1.00 15.74 ? 145 SER A CB  1 
ATOM   1107 O  OG  . SER A 1 145 ? 10.915  -1.742  -5.531  1.00 19.97 ? 145 SER A OG  1 
ATOM   1108 N  N   . THR A 1 146 ? 9.214   -1.541  -2.057  1.00 16.85 ? 146 THR A N   1 
ATOM   1109 C  CA  . THR A 1 146 ? 9.590   -2.393  -0.929  1.00 15.17 ? 146 THR A CA  1 
ATOM   1110 C  C   . THR A 1 146 ? 9.252   -3.843  -1.276  1.00 15.03 ? 146 THR A C   1 
ATOM   1111 O  O   . THR A 1 146 ? 8.169   -4.131  -1.775  1.00 17.52 ? 146 THR A O   1 
ATOM   1112 C  CB  . THR A 1 146 ? 8.812   -2.014  0.332   1.00 9.62  ? 146 THR A CB  1 
ATOM   1113 O  OG1 . THR A 1 146 ? 7.454   -2.446  0.198   1.00 8.86  ? 146 THR A OG1 1 
ATOM   1114 C  CG2 . THR A 1 146 ? 8.838   -0.506  0.530   1.00 19.43 ? 146 THR A CG2 1 
ATOM   1115 N  N   . PRO A 1 147 ? 10.175  -4.778  -1.009  1.00 13.92 ? 147 PRO A N   1 
ATOM   1116 C  CA  . PRO A 1 147 ? 9.907   -6.183  -1.320  1.00 12.94 ? 147 PRO A CA  1 
ATOM   1117 C  C   . PRO A 1 147 ? 8.888   -6.808  -0.374  1.00 12.49 ? 147 PRO A C   1 
ATOM   1118 O  O   . PRO A 1 147 ? 8.589   -6.261  0.686   1.00 14.63 ? 147 PRO A O   1 
ATOM   1119 C  CB  . PRO A 1 147 ? 11.279  -6.822  -1.178  1.00 15.24 ? 147 PRO A CB  1 
ATOM   1120 C  CG  . PRO A 1 147 ? 11.839  -6.075  -0.027  1.00 19.22 ? 147 PRO A CG  1 
ATOM   1121 C  CD  . PRO A 1 147 ? 11.489  -4.633  -0.359  1.00 19.61 ? 147 PRO A CD  1 
ATOM   1122 N  N   . ILE A 1 148 ? 8.357   -7.955  -0.780  1.00 11.18 ? 148 ILE A N   1 
ATOM   1123 C  CA  . ILE A 1 148 ? 7.388   -8.701  0.003   1.00 8.77  ? 148 ILE A CA  1 
ATOM   1124 C  C   . ILE A 1 148 ? 6.383   -7.751  0.663   1.00 8.43  ? 148 ILE A C   1 
ATOM   1125 O  O   . ILE A 1 148 ? 5.688   -6.985  -0.014  1.00 9.37  ? 148 ILE A O   1 
ATOM   1126 C  CB  . ILE A 1 148 ? 8.105   -9.537  1.068   1.00 7.12  ? 148 ILE A CB  1 
ATOM   1127 C  CG1 . ILE A 1 148 ? 9.229   -10.396 0.487   1.00 3.00  ? 148 ILE A CG1 1 
ATOM   1128 C  CG2 . ILE A 1 148 ? 7.164   -10.503 1.789   1.00 23.14 ? 148 ILE A CG2 1 
ATOM   1129 C  CD1 . ILE A 1 148 ? 8.744   -11.362 -0.597  1.00 3.00  ? 148 ILE A CD1 1 
ATOM   1130 N  N   . GLN A 1 149 ? 6.310   -7.802  1.986   1.00 9.12  ? 149 GLN A N   1 
ATOM   1131 C  CA  . GLN A 1 149 ? 5.408   -6.904  2.727   1.00 11.67 ? 149 GLN A CA  1 
ATOM   1132 C  C   . GLN A 1 149 ? 6.041   -5.711  3.435   1.00 11.79 ? 149 GLN A C   1 
ATOM   1133 O  O   . GLN A 1 149 ? 5.341   -4.877  4.012   1.00 11.47 ? 149 GLN A O   1 
ATOM   1134 C  CB  . GLN A 1 149 ? 4.663   -7.735  3.774   1.00 20.04 ? 149 GLN A CB  1 
ATOM   1135 C  CG  . GLN A 1 149 ? 3.620   -8.680  3.160   1.00 23.37 ? 149 GLN A CG  1 
ATOM   1136 C  CD  . GLN A 1 149 ? 2.528   -7.959  2.359   1.00 22.44 ? 149 GLN A CD  1 
ATOM   1137 O  OE1 . GLN A 1 149 ? 2.155   -6.834  2.692   1.00 21.97 ? 149 GLN A OE1 1 
ATOM   1138 N  NE2 . GLN A 1 149 ? 1.984   -8.549  1.309   1.00 16.51 ? 149 GLN A NE2 1 
ATOM   1139 N  N   . ASP A 1 150 ? 7.366   -5.628  3.398   1.00 12.82 ? 150 ASP A N   1 
ATOM   1140 C  CA  . ASP A 1 150 ? 8.060   -4.516  4.033   1.00 13.77 ? 150 ASP A CA  1 
ATOM   1141 C  C   . ASP A 1 150 ? 7.297   -3.244  3.687   1.00 14.25 ? 150 ASP A C   1 
ATOM   1142 O  O   . ASP A 1 150 ? 6.736   -3.139  2.600   1.00 15.03 ? 150 ASP A O   1 
ATOM   1143 C  CB  . ASP A 1 150 ? 9.496   -4.415  3.507   1.00 14.58 ? 150 ASP A CB  1 
ATOM   1144 C  CG  . ASP A 1 150 ? 10.411  -5.503  4.060   1.00 20.69 ? 150 ASP A CG  1 
ATOM   1145 O  OD1 . ASP A 1 150 ? 10.820  -5.411  5.233   1.00 25.39 ? 150 ASP A OD1 1 
ATOM   1146 O  OD2 . ASP A 1 150 ? 10.726  -6.457  3.323   1.00 24.89 ? 150 ASP A OD2 1 
ATOM   1147 N  N   . ASN A 1 151 ? 7.257   -2.294  4.612   1.00 14.26 ? 151 ASN A N   1 
ATOM   1148 C  CA  . ASN A 1 151 ? 6.576   -1.027  4.377   1.00 16.31 ? 151 ASN A CA  1 
ATOM   1149 C  C   . ASN A 1 151 ? 7.619   0.082   4.490   1.00 20.53 ? 151 ASN A C   1 
ATOM   1150 O  O   . ASN A 1 151 ? 8.475   0.047   5.376   1.00 24.49 ? 151 ASN A O   1 
ATOM   1151 C  CB  . ASN A 1 151 ? 5.466   -0.826  5.406   1.00 8.93  ? 151 ASN A CB  1 
ATOM   1152 C  CG  . ASN A 1 151 ? 4.794   0.545   5.301   1.00 10.12 ? 151 ASN A CG  1 
ATOM   1153 O  OD1 . ASN A 1 151 ? 5.361   1.542   5.742   1.00 12.56 ? 151 ASN A OD1 1 
ATOM   1154 N  ND2 . ASN A 1 151 ? 3.605   0.655   4.738   1.00 13.01 ? 151 ASN A ND2 1 
ATOM   1155 N  N   . PRO A 1 152 ? 7.569   1.079   3.589   1.00 22.17 ? 152 PRO A N   1 
ATOM   1156 C  CA  . PRO A 1 152 ? 8.533   2.185   3.612   1.00 23.01 ? 152 PRO A CA  1 
ATOM   1157 C  C   . PRO A 1 152 ? 8.666   2.951   4.931   1.00 22.74 ? 152 PRO A C   1 
ATOM   1158 O  O   . PRO A 1 152 ? 9.671   3.631   5.158   1.00 22.49 ? 152 PRO A O   1 
ATOM   1159 C  CB  . PRO A 1 152 ? 8.073   3.073   2.449   1.00 25.67 ? 152 PRO A CB  1 
ATOM   1160 C  CG  . PRO A 1 152 ? 6.619   2.774   2.340   1.00 30.12 ? 152 PRO A CG  1 
ATOM   1161 C  CD  . PRO A 1 152 ? 6.579   1.280   2.518   1.00 29.20 ? 152 PRO A CD  1 
ATOM   1162 N  N   . LEU A 1 153 ? 7.666   2.836   5.799   1.00 23.14 ? 153 LEU A N   1 
ATOM   1163 C  CA  . LEU A 1 153 ? 7.706   3.525   7.084   1.00 22.70 ? 153 LEU A CA  1 
ATOM   1164 C  C   . LEU A 1 153 ? 8.819   2.915   7.929   1.00 22.21 ? 153 LEU A C   1 
ATOM   1165 O  O   . LEU A 1 153 ? 9.253   3.490   8.922   1.00 21.90 ? 153 LEU A O   1 
ATOM   1166 C  CB  . LEU A 1 153 ? 6.366   3.377   7.811   1.00 19.00 ? 153 LEU A CB  1 
ATOM   1167 C  CG  . LEU A 1 153 ? 5.901   4.589   8.626   1.00 25.29 ? 153 LEU A CG  1 
ATOM   1168 C  CD1 . LEU A 1 153 ? 6.926   4.947   9.689   1.00 26.93 ? 153 LEU A CD1 1 
ATOM   1169 C  CD2 . LEU A 1 153 ? 5.690   5.762   7.686   1.00 28.52 ? 153 LEU A CD2 1 
ATOM   1170 N  N   . MET A 1 154 ? 9.285   1.746   7.507   1.00 22.28 ? 154 MET A N   1 
ATOM   1171 C  CA  . MET A 1 154 ? 10.337  1.024   8.205   1.00 22.24 ? 154 MET A CA  1 
ATOM   1172 C  C   . MET A 1 154 ? 11.728  1.542   7.845   1.00 23.64 ? 154 MET A C   1 
ATOM   1173 O  O   . MET A 1 154 ? 12.737  0.992   8.286   1.00 25.45 ? 154 MET A O   1 
ATOM   1174 C  CB  . MET A 1 154 ? 10.216  -0.467  7.883   1.00 15.86 ? 154 MET A CB  1 
ATOM   1175 C  CG  . MET A 1 154 ? 8.848   -1.043  8.243   1.00 18.18 ? 154 MET A CG  1 
ATOM   1176 S  SD  . MET A 1 154 ? 8.533   -2.753  7.710   1.00 29.06 ? 154 MET A SD  1 
ATOM   1177 C  CE  . MET A 1 154 ? 10.005  -3.105  6.760   1.00 17.54 ? 154 MET A CE  1 
ATOM   1178 N  N   . GLU A 1 155 ? 11.773  2.600   7.039   1.00 25.02 ? 155 GLU A N   1 
ATOM   1179 C  CA  . GLU A 1 155 ? 13.034  3.214   6.629   1.00 25.72 ? 155 GLU A CA  1 
ATOM   1180 C  C   . GLU A 1 155 ? 12.957  4.711   6.869   1.00 26.01 ? 155 GLU A C   1 
ATOM   1181 O  O   . GLU A 1 155 ? 13.841  5.463   6.464   1.00 27.28 ? 155 GLU A O   1 
ATOM   1182 C  CB  . GLU A 1 155 ? 13.317  2.950   5.150   1.00 32.02 ? 155 GLU A CB  1 
ATOM   1183 C  CG  . GLU A 1 155 ? 13.762  1.530   4.837   1.00 36.24 ? 155 GLU A CG  1 
ATOM   1184 C  CD  . GLU A 1 155 ? 13.909  1.281   3.346   1.00 33.55 ? 155 GLU A CD  1 
ATOM   1185 O  OE1 . GLU A 1 155 ? 12.892  1.400   2.633   1.00 34.10 ? 155 GLU A OE1 1 
ATOM   1186 O  OE2 . GLU A 1 155 ? 15.029  0.967   2.883   1.00 34.85 ? 155 GLU A OE2 1 
ATOM   1187 N  N   . GLY A 1 156 ? 11.879  5.137   7.519   1.00 26.12 ? 156 GLY A N   1 
ATOM   1188 C  CA  . GLY A 1 156 ? 11.698  6.542   7.823   1.00 26.07 ? 156 GLY A CA  1 
ATOM   1189 C  C   . GLY A 1 156 ? 11.025  7.331   6.724   1.00 26.96 ? 156 GLY A C   1 
ATOM   1190 O  O   . GLY A 1 156 ? 11.035  8.560   6.745   1.00 28.71 ? 156 GLY A O   1 
ATOM   1191 N  N   . LYS A 1 157 ? 10.428  6.633   5.765   1.00 27.08 ? 157 LYS A N   1 
ATOM   1192 C  CA  . LYS A 1 157 ? 9.754   7.302   4.660   1.00 26.56 ? 157 LYS A CA  1 
ATOM   1193 C  C   . LYS A 1 157 ? 8.242   7.103   4.746   1.00 27.40 ? 157 LYS A C   1 
ATOM   1194 O  O   . LYS A 1 157 ? 7.755   5.970   4.772   1.00 28.83 ? 157 LYS A O   1 
ATOM   1195 C  CB  . LYS A 1 157 ? 10.312  6.777   3.334   1.00 25.69 ? 157 LYS A CB  1 
ATOM   1196 C  CG  . LYS A 1 157 ? 11.816  7.009   3.207   1.00 22.32 ? 157 LYS A CG  1 
ATOM   1197 C  CD  . LYS A 1 157 ? 12.427  6.321   1.999   1.00 24.01 ? 157 LYS A CD  1 
ATOM   1198 C  CE  . LYS A 1 157 ? 13.942  6.458   2.030   1.00 26.19 ? 157 LYS A CE  1 
ATOM   1199 N  NZ  . LYS A 1 157 ? 14.604  5.686   0.946   1.00 25.06 ? 157 LYS A NZ  1 
ATOM   1200 N  N   . LYS A 1 158 ? 7.510   8.215   4.798   1.00 26.92 ? 158 LYS A N   1 
ATOM   1201 C  CA  . LYS A 1 158 ? 6.056   8.187   4.912   1.00 26.72 ? 158 LYS A CA  1 
ATOM   1202 C  C   . LYS A 1 158 ? 5.367   7.992   3.566   1.00 25.87 ? 158 LYS A C   1 
ATOM   1203 O  O   . LYS A 1 158 ? 5.495   8.824   2.668   1.00 27.01 ? 158 LYS A O   1 
ATOM   1204 C  CB  . LYS A 1 158 ? 5.567   9.481   5.563   1.00 31.17 ? 158 LYS A CB  1 
ATOM   1205 C  CG  . LYS A 1 158 ? 6.449   9.955   6.710   1.00 36.31 ? 158 LYS A CG  1 
ATOM   1206 C  CD  . LYS A 1 158 ? 5.638   10.427  7.908   1.00 38.50 ? 158 LYS A CD  1 
ATOM   1207 C  CE  . LYS A 1 158 ? 4.671   9.347   8.382   1.00 38.23 ? 158 LYS A CE  1 
ATOM   1208 N  NZ  . LYS A 1 158 ? 3.866   9.764   9.566   1.00 36.37 ? 158 LYS A NZ  1 
ATOM   1209 N  N   . PRO A 1 159 ? 4.610   6.891   3.416   1.00 25.42 ? 159 PRO A N   1 
ATOM   1210 C  CA  . PRO A 1 159 ? 3.891   6.571   2.179   1.00 24.08 ? 159 PRO A CA  1 
ATOM   1211 C  C   . PRO A 1 159 ? 2.637   7.418   1.957   1.00 23.05 ? 159 PRO A C   1 
ATOM   1212 O  O   . PRO A 1 159 ? 2.059   7.949   2.903   1.00 24.73 ? 159 PRO A O   1 
ATOM   1213 C  CB  . PRO A 1 159 ? 3.563   5.093   2.357   1.00 19.19 ? 159 PRO A CB  1 
ATOM   1214 C  CG  . PRO A 1 159 ? 3.264   5.022   3.811   1.00 27.11 ? 159 PRO A CG  1 
ATOM   1215 C  CD  . PRO A 1 159 ? 4.397   5.833   4.423   1.00 26.56 ? 159 PRO A CD  1 
ATOM   1216 N  N   . ILE A 1 160 ? 2.230   7.539   0.696   1.00 21.96 ? 160 ILE A N   1 
ATOM   1217 C  CA  . ILE A 1 160 ? 1.047   8.303   0.333   1.00 19.33 ? 160 ILE A CA  1 
ATOM   1218 C  C   . ILE A 1 160 ? 0.371   7.642   -0.865  1.00 18.39 ? 160 ILE A C   1 
ATOM   1219 O  O   . ILE A 1 160 ? -0.750  7.994   -1.236  1.00 18.45 ? 160 ILE A O   1 
ATOM   1220 C  CB  . ILE A 1 160 ? 1.403   9.761   -0.008  1.00 22.03 ? 160 ILE A CB  1 
ATOM   1221 C  CG1 . ILE A 1 160 ? 2.310   9.817   -1.239  1.00 20.39 ? 160 ILE A CG1 1 
ATOM   1222 C  CG2 . ILE A 1 160 ? 2.101   10.410  1.185   1.00 23.64 ? 160 ILE A CG2 1 
ATOM   1223 C  CD1 . ILE A 1 160 ? 2.643   11.236  -1.680  1.00 20.22 ? 160 ILE A CD1 1 
ATOM   1224 N  N   . LEU A 1 161 ? 1.074   6.684   -1.465  1.00 17.59 ? 161 LEU A N   1 
ATOM   1225 C  CA  . LEU A 1 161 ? 0.562   5.910   -2.592  1.00 17.38 ? 161 LEU A CA  1 
ATOM   1226 C  C   . LEU A 1 161 ? 1.383   4.639   -2.699  1.00 17.11 ? 161 LEU A C   1 
ATOM   1227 O  O   . LEU A 1 161 ? 2.605   4.662   -2.559  1.00 19.00 ? 161 LEU A O   1 
ATOM   1228 C  CB  . LEU A 1 161 ? 0.666   6.668   -3.918  1.00 22.13 ? 161 LEU A CB  1 
ATOM   1229 C  CG  . LEU A 1 161 ? -0.065  5.918   -5.041  1.00 22.44 ? 161 LEU A CG  1 
ATOM   1230 C  CD1 . LEU A 1 161 ? -1.499  6.413   -5.107  1.00 24.32 ? 161 LEU A CD1 1 
ATOM   1231 C  CD2 . LEU A 1 161 ? 0.616   6.131   -6.376  1.00 18.14 ? 161 LEU A CD2 1 
ATOM   1232 N  N   . GLY A 1 162 ? 0.706   3.527   -2.944  1.00 16.00 ? 162 GLY A N   1 
ATOM   1233 C  CA  . GLY A 1 162 ? 1.392   2.259   -3.069  1.00 15.40 ? 162 GLY A CA  1 
ATOM   1234 C  C   . GLY A 1 162 ? 0.550   1.323   -3.903  1.00 15.75 ? 162 GLY A C   1 
ATOM   1235 O  O   . GLY A 1 162 ? -0.673  1.477   -3.966  1.00 17.20 ? 162 GLY A O   1 
ATOM   1236 N  N   . LEU A 1 163 ? 1.186   0.345   -4.535  1.00 14.07 ? 163 LEU A N   1 
ATOM   1237 C  CA  . LEU A 1 163 ? 0.462   -0.592  -5.378  1.00 13.28 ? 163 LEU A CA  1 
ATOM   1238 C  C   . LEU A 1 163 ? 0.863   -2.018  -5.078  1.00 12.09 ? 163 LEU A C   1 
ATOM   1239 O  O   . LEU A 1 163 ? 2.026   -2.389  -5.248  1.00 12.52 ? 163 LEU A O   1 
ATOM   1240 C  CB  . LEU A 1 163 ? 0.741   -0.286  -6.848  1.00 21.83 ? 163 LEU A CB  1 
ATOM   1241 C  CG  . LEU A 1 163 ? 0.125   -1.198  -7.914  1.00 22.11 ? 163 LEU A CG  1 
ATOM   1242 C  CD1 . LEU A 1 163 ? -1.392  -1.071  -7.899  1.00 21.79 ? 163 LEU A CD1 1 
ATOM   1243 C  CD2 . LEU A 1 163 ? 0.678   -0.816  -9.283  1.00 20.89 ? 163 LEU A CD2 1 
ATOM   1244 N  N   . ASP A 1 164 ? -0.098  -2.820  -4.636  1.00 10.46 ? 164 ASP A N   1 
ATOM   1245 C  CA  . ASP A 1 164 ? 0.198   -4.209  -4.334  1.00 9.36  ? 164 ASP A CA  1 
ATOM   1246 C  C   . ASP A 1 164 ? 0.692   -4.769  -5.655  1.00 8.97  ? 164 ASP A C   1 
ATOM   1247 O  O   . ASP A 1 164 ? 0.059   -4.568  -6.683  1.00 13.12 ? 164 ASP A O   1 
ATOM   1248 C  CB  . ASP A 1 164 ? -1.061  -4.959  -3.885  1.00 11.07 ? 164 ASP A CB  1 
ATOM   1249 C  CG  . ASP A 1 164 ? -0.742  -6.162  -3.003  1.00 12.30 ? 164 ASP A CG  1 
ATOM   1250 O  OD1 . ASP A 1 164 ? 0.191   -6.924  -3.341  1.00 11.32 ? 164 ASP A OD1 1 
ATOM   1251 O  OD2 . ASP A 1 164 ? -1.424  -6.353  -1.973  1.00 4.53  ? 164 ASP A OD2 1 
ATOM   1252 N  N   . VAL A 1 165 ? 1.824   -5.454  -5.637  1.00 7.50  ? 165 VAL A N   1 
ATOM   1253 C  CA  . VAL A 1 165 ? 2.377   -6.015  -6.857  1.00 4.70  ? 165 VAL A CA  1 
ATOM   1254 C  C   . VAL A 1 165 ? 2.524   -7.533  -6.743  1.00 4.90  ? 165 VAL A C   1 
ATOM   1255 O  O   . VAL A 1 165 ? 3.027   -8.193  -7.650  1.00 4.00  ? 165 VAL A O   1 
ATOM   1256 C  CB  . VAL A 1 165 ? 3.713   -5.300  -7.187  1.00 3.00  ? 165 VAL A CB  1 
ATOM   1257 C  CG1 . VAL A 1 165 ? 4.745   -6.251  -7.732  1.00 12.73 ? 165 VAL A CG1 1 
ATOM   1258 C  CG2 . VAL A 1 165 ? 3.440   -4.206  -8.188  1.00 8.86  ? 165 VAL A CG2 1 
ATOM   1259 N  N   . TRP A 1 166 ? 2.073   -8.088  -5.621  1.00 5.21  ? 166 TRP A N   1 
ATOM   1260 C  CA  . TRP A 1 166 ? 2.125   -9.532  -5.429  1.00 5.29  ? 166 TRP A CA  1 
ATOM   1261 C  C   . TRP A 1 166 ? 1.237   -10.073 -6.538  1.00 6.36  ? 166 TRP A C   1 
ATOM   1262 O  O   . TRP A 1 166 ? 0.230   -9.452  -6.881  1.00 8.52  ? 166 TRP A O   1 
ATOM   1263 C  CB  . TRP A 1 166 ? 1.525   -9.928  -4.079  1.00 7.95  ? 166 TRP A CB  1 
ATOM   1264 C  CG  . TRP A 1 166 ? 2.334   -9.542  -2.877  1.00 20.08 ? 166 TRP A CG  1 
ATOM   1265 C  CD1 . TRP A 1 166 ? 2.676   -8.285  -2.480  1.00 20.17 ? 166 TRP A CD1 1 
ATOM   1266 C  CD2 . TRP A 1 166 ? 2.888   -10.432 -1.905  1.00 14.97 ? 166 TRP A CD2 1 
ATOM   1267 N  NE1 . TRP A 1 166 ? 3.410   -8.335  -1.317  1.00 15.26 ? 166 TRP A NE1 1 
ATOM   1268 C  CE2 . TRP A 1 166 ? 3.554   -9.644  -0.946  1.00 8.80  ? 166 TRP A CE2 1 
ATOM   1269 C  CE3 . TRP A 1 166 ? 2.884   -11.826 -1.752  1.00 13.34 ? 166 TRP A CE3 1 
ATOM   1270 C  CZ2 . TRP A 1 166 ? 4.207   -10.200 0.149   1.00 19.41 ? 166 TRP A CZ2 1 
ATOM   1271 C  CZ3 . TRP A 1 166 ? 3.533   -12.377 -0.660  1.00 9.31  ? 166 TRP A CZ3 1 
ATOM   1272 C  CH2 . TRP A 1 166 ? 4.187   -11.564 0.275   1.00 16.81 ? 166 TRP A CH2 1 
ATOM   1273 N  N   . GLU A 1 167 ? 1.599   -11.215 -7.112  1.00 6.59  ? 167 GLU A N   1 
ATOM   1274 C  CA  . GLU A 1 167 ? 0.797   -11.794 -8.183  1.00 4.00  ? 167 GLU A CA  1 
ATOM   1275 C  C   . GLU A 1 167 ? -0.613  -12.125 -7.716  1.00 5.31  ? 167 GLU A C   1 
ATOM   1276 O  O   . GLU A 1 167 ? -1.479  -12.412 -8.529  1.00 8.62  ? 167 GLU A O   1 
ATOM   1277 C  CB  . GLU A 1 167 ? 1.438   -13.073 -8.716  1.00 3.00  ? 167 GLU A CB  1 
ATOM   1278 C  CG  . GLU A 1 167 ? 2.791   -12.910 -9.357  1.00 3.00  ? 167 GLU A CG  1 
ATOM   1279 C  CD  . GLU A 1 167 ? 3.369   -14.245 -9.774  1.00 7.97  ? 167 GLU A CD  1 
ATOM   1280 O  OE1 . GLU A 1 167 ? 3.324   -15.179 -8.954  1.00 17.11 ? 167 GLU A OE1 1 
ATOM   1281 O  OE2 . GLU A 1 167 ? 3.874   -14.373 -10.908 1.00 13.77 ? 167 GLU A OE2 1 
ATOM   1282 N  N   . HIS A 1 168 ? -0.855  -12.088 -6.411  1.00 5.33  ? 168 HIS A N   1 
ATOM   1283 C  CA  . HIS A 1 168 ? -2.180  -12.417 -5.905  1.00 4.00  ? 168 HIS A CA  1 
ATOM   1284 C  C   . HIS A 1 168 ? -3.116  -11.234 -6.016  1.00 5.38  ? 168 HIS A C   1 
ATOM   1285 O  O   . HIS A 1 168 ? -4.311  -11.360 -5.782  1.00 8.67  ? 168 HIS A O   1 
ATOM   1286 C  CB  . HIS A 1 168 ? -2.103  -12.908 -4.448  1.00 3.00  ? 168 HIS A CB  1 
ATOM   1287 C  CG  . HIS A 1 168 ? -1.788  -11.839 -3.445  1.00 3.00  ? 168 HIS A CG  1 
ATOM   1288 N  ND1 . HIS A 1 168 ? -0.791  -11.973 -2.502  1.00 7.34  ? 168 HIS A ND1 1 
ATOM   1289 C  CD2 . HIS A 1 168 ? -2.380  -10.647 -3.197  1.00 3.00  ? 168 HIS A CD2 1 
ATOM   1290 C  CE1 . HIS A 1 168 ? -0.786  -10.908 -1.716  1.00 10.80 ? 168 HIS A CE1 1 
ATOM   1291 N  NE2 . HIS A 1 168 ? -1.740  -10.090 -2.117  1.00 3.00  ? 168 HIS A NE2 1 
ATOM   1292 N  N   . ALA A 1 169 ? -2.570  -10.083 -6.383  1.00 6.24  ? 169 ALA A N   1 
ATOM   1293 C  CA  . ALA A 1 169 ? -3.377  -8.875  -6.508  1.00 7.13  ? 169 ALA A CA  1 
ATOM   1294 C  C   . ALA A 1 169 ? -3.851  -8.682  -7.930  1.00 8.18  ? 169 ALA A C   1 
ATOM   1295 O  O   . ALA A 1 169 ? -4.528  -7.702  -8.220  1.00 9.36  ? 169 ALA A O   1 
ATOM   1296 C  CB  . ALA A 1 169 ? -2.575  -7.641  -6.068  1.00 3.00  ? 169 ALA A CB  1 
ATOM   1297 N  N   . TYR A 1 170 ? -3.512  -9.609  -8.821  1.00 8.22  ? 170 TYR A N   1 
ATOM   1298 C  CA  . TYR A 1 170 ? -3.925  -9.451  -10.210 1.00 8.12  ? 170 TYR A CA  1 
ATOM   1299 C  C   . TYR A 1 170 ? -3.922  -10.719 -11.050 1.00 9.07  ? 170 TYR A C   1 
ATOM   1300 O  O   . TYR A 1 170 ? -4.518  -10.749 -12.122 1.00 11.56 ? 170 TYR A O   1 
ATOM   1301 C  CB  . TYR A 1 170 ? -3.030  -8.408  -10.887 1.00 11.30 ? 170 TYR A CB  1 
ATOM   1302 C  CG  . TYR A 1 170 ? -1.583  -8.842  -11.049 1.00 11.46 ? 170 TYR A CG  1 
ATOM   1303 C  CD1 . TYR A 1 170 ? -1.210  -9.755  -12.039 1.00 3.00  ? 170 TYR A CD1 1 
ATOM   1304 C  CD2 . TYR A 1 170 ? -0.589  -8.345  -10.205 1.00 8.11  ? 170 TYR A CD2 1 
ATOM   1305 C  CE1 . TYR A 1 170 ? 0.109   -10.156 -12.185 1.00 3.00  ? 170 TYR A CE1 1 
ATOM   1306 C  CE2 . TYR A 1 170 ? 0.731   -8.744  -10.343 1.00 4.04  ? 170 TYR A CE2 1 
ATOM   1307 C  CZ  . TYR A 1 170 ? 1.074   -9.650  -11.336 1.00 3.00  ? 170 TYR A CZ  1 
ATOM   1308 O  OH  . TYR A 1 170 ? 2.381   -10.044 -11.486 1.00 3.07  ? 170 TYR A OH  1 
ATOM   1309 N  N   . TYR A 1 171 ? -3.271  -11.771 -10.571 1.00 8.79  ? 171 TYR A N   1 
ATOM   1310 C  CA  . TYR A 1 171 ? -3.191  -12.990 -11.357 1.00 8.75  ? 171 TYR A CA  1 
ATOM   1311 C  C   . TYR A 1 171 ? -4.515  -13.557 -11.831 1.00 11.09 ? 171 TYR A C   1 
ATOM   1312 O  O   . TYR A 1 171 ? -4.551  -14.287 -12.824 1.00 13.06 ? 171 TYR A O   1 
ATOM   1313 C  CB  . TYR A 1 171 ? -2.425  -14.081 -10.621 1.00 3.00  ? 171 TYR A CB  1 
ATOM   1314 C  CG  . TYR A 1 171 ? -1.625  -14.913 -11.586 1.00 4.69  ? 171 TYR A CG  1 
ATOM   1315 C  CD1 . TYR A 1 171 ? -0.500  -14.383 -12.221 1.00 6.23  ? 171 TYR A CD1 1 
ATOM   1316 C  CD2 . TYR A 1 171 ? -2.011  -16.208 -11.908 1.00 8.25  ? 171 TYR A CD2 1 
ATOM   1317 C  CE1 . TYR A 1 171 ? 0.218   -15.119 -13.150 1.00 3.01  ? 171 TYR A CE1 1 
ATOM   1318 C  CE2 . TYR A 1 171 ? -1.295  -16.957 -12.839 1.00 10.79 ? 171 TYR A CE2 1 
ATOM   1319 C  CZ  . TYR A 1 171 ? -0.181  -16.406 -13.456 1.00 11.01 ? 171 TYR A CZ  1 
ATOM   1320 O  OH  . TYR A 1 171 ? 0.538   -17.140 -14.376 1.00 14.50 ? 171 TYR A OH  1 
ATOM   1321 N  N   . LEU A 1 172 ? -5.605  -13.243 -11.139 1.00 13.05 ? 172 LEU A N   1 
ATOM   1322 C  CA  . LEU A 1 172 ? -6.898  -13.762 -11.570 1.00 15.31 ? 172 LEU A CA  1 
ATOM   1323 C  C   . LEU A 1 172 ? -7.340  -13.124 -12.882 1.00 15.91 ? 172 LEU A C   1 
ATOM   1324 O  O   . LEU A 1 172 ? -7.686  -13.824 -13.836 1.00 17.19 ? 172 LEU A O   1 
ATOM   1325 C  CB  . LEU A 1 172 ? -7.978  -13.530 -10.506 1.00 18.25 ? 172 LEU A CB  1 
ATOM   1326 C  CG  . LEU A 1 172 ? -8.160  -14.591 -9.413  1.00 10.91 ? 172 LEU A CG  1 
ATOM   1327 C  CD1 . LEU A 1 172 ? -9.471  -14.332 -8.696  1.00 12.50 ? 172 LEU A CD1 1 
ATOM   1328 C  CD2 . LEU A 1 172 ? -8.187  -15.983 -10.018 1.00 6.83  ? 172 LEU A CD2 1 
ATOM   1329 N  N   . LYS A 1 173 ? -7.312  -11.795 -12.930 1.00 15.78 ? 173 LYS A N   1 
ATOM   1330 C  CA  . LYS A 1 173 ? -7.736  -11.067 -14.117 1.00 15.18 ? 173 LYS A CA  1 
ATOM   1331 C  C   . LYS A 1 173 ? -6.665  -10.861 -15.181 1.00 15.56 ? 173 LYS A C   1 
ATOM   1332 O  O   . LYS A 1 173 ? -6.966  -10.919 -16.372 1.00 18.62 ? 173 LYS A O   1 
ATOM   1333 C  CB  . LYS A 1 173 ? -8.306  -9.702  -13.722 1.00 17.14 ? 173 LYS A CB  1 
ATOM   1334 C  CG  . LYS A 1 173 ? -8.788  -8.881  -14.908 1.00 13.08 ? 173 LYS A CG  1 
ATOM   1335 C  CD  . LYS A 1 173 ? -9.435  -7.586  -14.456 1.00 17.29 ? 173 LYS A CD  1 
ATOM   1336 C  CE  . LYS A 1 173 ? -10.105 -6.880  -15.621 1.00 22.71 ? 173 LYS A CE  1 
ATOM   1337 N  NZ  . LYS A 1 173 ? -11.168 -7.728  -16.234 1.00 25.70 ? 173 LYS A NZ  1 
ATOM   1338 N  N   . TYR A 1 174 ? -5.423  -10.623 -14.767 1.00 13.37 ? 174 TYR A N   1 
ATOM   1339 C  CA  . TYR A 1 174 ? -4.353  -10.372 -15.723 1.00 8.80  ? 174 TYR A CA  1 
ATOM   1340 C  C   . TYR A 1 174 ? -3.260  -11.422 -15.836 1.00 8.48  ? 174 TYR A C   1 
ATOM   1341 O  O   . TYR A 1 174 ? -2.377  -11.298 -16.673 1.00 9.74  ? 174 TYR A O   1 
ATOM   1342 C  CB  . TYR A 1 174 ? -3.694  -9.036  -15.416 1.00 3.00  ? 174 TYR A CB  1 
ATOM   1343 C  CG  . TYR A 1 174 ? -4.652  -7.880  -15.280 1.00 3.48  ? 174 TYR A CG  1 
ATOM   1344 C  CD1 . TYR A 1 174 ? -5.255  -7.590  -14.062 1.00 6.76  ? 174 TYR A CD1 1 
ATOM   1345 C  CD2 . TYR A 1 174 ? -4.942  -7.063  -16.371 1.00 8.76  ? 174 TYR A CD2 1 
ATOM   1346 C  CE1 . TYR A 1 174 ? -6.120  -6.511  -13.931 1.00 10.80 ? 174 TYR A CE1 1 
ATOM   1347 C  CE2 . TYR A 1 174 ? -5.806  -5.987  -16.252 1.00 3.22  ? 174 TYR A CE2 1 
ATOM   1348 C  CZ  . TYR A 1 174 ? -6.391  -5.713  -15.032 1.00 4.94  ? 174 TYR A CZ  1 
ATOM   1349 O  OH  . TYR A 1 174 ? -7.246  -4.642  -14.916 1.00 8.82  ? 174 TYR A OH  1 
ATOM   1350 N  N   . GLN A 1 175 ? -3.308  -12.454 -15.009 1.00 9.10  ? 175 GLN A N   1 
ATOM   1351 C  CA  . GLN A 1 175 ? -2.279  -13.485 -15.055 1.00 9.88  ? 175 GLN A CA  1 
ATOM   1352 C  C   . GLN A 1 175 ? -0.882  -12.855 -15.028 1.00 9.24  ? 175 GLN A C   1 
ATOM   1353 O  O   . GLN A 1 175 ? -0.567  -12.095 -14.116 1.00 8.69  ? 175 GLN A O   1 
ATOM   1354 C  CB  . GLN A 1 175 ? -2.431  -14.349 -16.312 1.00 11.74 ? 175 GLN A CB  1 
ATOM   1355 C  CG  . GLN A 1 175 ? -3.637  -15.280 -16.316 1.00 21.46 ? 175 GLN A CG  1 
ATOM   1356 C  CD  . GLN A 1 175 ? -4.938  -14.579 -16.664 1.00 21.08 ? 175 GLN A CD  1 
ATOM   1357 O  OE1 . GLN A 1 175 ? -5.456  -13.770 -15.891 1.00 20.09 ? 175 GLN A OE1 1 
ATOM   1358 N  NE2 . GLN A 1 175 ? -5.472  -14.888 -17.841 1.00 25.06 ? 175 GLN A NE2 1 
ATOM   1359 N  N   . ASN A 1 176 ? -0.062  -13.144 -16.039 1.00 8.63  ? 176 ASN A N   1 
ATOM   1360 C  CA  . ASN A 1 176 ? 1.306   -12.623 -16.100 1.00 8.93  ? 176 ASN A CA  1 
ATOM   1361 C  C   . ASN A 1 176 ? 1.487   -11.209 -16.651 1.00 9.52  ? 176 ASN A C   1 
ATOM   1362 O  O   . ASN A 1 176 ? 2.565   -10.625 -16.535 1.00 11.36 ? 176 ASN A O   1 
ATOM   1363 C  CB  . ASN A 1 176 ? 2.189   -13.556 -16.924 1.00 6.57  ? 176 ASN A CB  1 
ATOM   1364 C  CG  . ASN A 1 176 ? 1.913   -13.457 -18.408 1.00 13.70 ? 176 ASN A CG  1 
ATOM   1365 O  OD1 . ASN A 1 176 ? 1.664   -12.375 -18.934 1.00 17.21 ? 176 ASN A OD1 1 
ATOM   1366 N  ND2 . ASN A 1 176 ? 1.977   -14.588 -19.100 1.00 15.09 ? 176 ASN A ND2 1 
ATOM   1367 N  N   . LYS A 1 177 ? 0.450   -10.659 -17.260 1.00 8.84  ? 177 LYS A N   1 
ATOM   1368 C  CA  . LYS A 1 177 ? 0.554   -9.328  -17.835 1.00 8.84  ? 177 LYS A CA  1 
ATOM   1369 C  C   . LYS A 1 177 ? 0.454   -8.238  -16.776 1.00 9.41  ? 177 LYS A C   1 
ATOM   1370 O  O   . LYS A 1 177 ? -0.554  -7.535  -16.678 1.00 9.75  ? 177 LYS A O   1 
ATOM   1371 C  CB  . LYS A 1 177 ? -0.521  -9.163  -18.913 1.00 16.02 ? 177 LYS A CB  1 
ATOM   1372 C  CG  . LYS A 1 177 ? -0.385  -10.209 -20.022 1.00 19.36 ? 177 LYS A CG  1 
ATOM   1373 C  CD  . LYS A 1 177 ? -1.519  -10.186 -21.043 1.00 20.69 ? 177 LYS A CD  1 
ATOM   1374 C  CE  . LYS A 1 177 ? -2.862  -10.552 -20.428 1.00 13.20 ? 177 LYS A CE  1 
ATOM   1375 N  NZ  . LYS A 1 177 ? -3.487  -9.388  -19.748 1.00 21.35 ? 177 LYS A NZ  1 
ATOM   1376 N  N   . ARG A 1 178 ? 1.519   -8.091  -15.991 1.00 9.59  ? 178 ARG A N   1 
ATOM   1377 C  CA  . ARG A 1 178 ? 1.536   -7.087  -14.937 1.00 9.12  ? 178 ARG A CA  1 
ATOM   1378 C  C   . ARG A 1 178 ? 1.426   -5.659  -15.465 1.00 8.77  ? 178 ARG A C   1 
ATOM   1379 O  O   . ARG A 1 178 ? 0.704   -4.847  -14.893 1.00 12.44 ? 178 ARG A O   1 
ATOM   1380 C  CB  . ARG A 1 178 ? 2.793   -7.214  -14.063 1.00 10.04 ? 178 ARG A CB  1 
ATOM   1381 C  CG  . ARG A 1 178 ? 2.635   -6.525  -12.708 1.00 11.34 ? 178 ARG A CG  1 
ATOM   1382 C  CD  . ARG A 1 178 ? 3.944   -6.363  -11.937 1.00 18.75 ? 178 ARG A CD  1 
ATOM   1383 N  NE  . ARG A 1 178 ? 4.506   -7.625  -11.456 1.00 21.31 ? 178 ARG A NE  1 
ATOM   1384 C  CZ  . ARG A 1 178 ? 5.562   -7.710  -10.647 1.00 20.47 ? 178 ARG A CZ  1 
ATOM   1385 N  NH1 . ARG A 1 178 ? 6.168   -6.605  -10.227 1.00 14.38 ? 178 ARG A NH1 1 
ATOM   1386 N  NH2 . ARG A 1 178 ? 6.020   -8.896  -10.260 1.00 17.34 ? 178 ARG A NH2 1 
ATOM   1387 N  N   . PRO A 1 179 ? 2.139   -5.325  -16.557 1.00 7.48  ? 179 PRO A N   1 
ATOM   1388 C  CA  . PRO A 1 179 ? 2.003   -3.944  -17.032 1.00 5.81  ? 179 PRO A CA  1 
ATOM   1389 C  C   . PRO A 1 179 ? 0.546   -3.565  -17.239 1.00 7.67  ? 179 PRO A C   1 
ATOM   1390 O  O   . PRO A 1 179 ? 0.136   -2.469  -16.861 1.00 8.61  ? 179 PRO A O   1 
ATOM   1391 C  CB  . PRO A 1 179 ? 2.802   -3.945  -18.320 1.00 3.00  ? 179 PRO A CB  1 
ATOM   1392 C  CG  . PRO A 1 179 ? 3.914   -4.893  -17.994 1.00 3.00  ? 179 PRO A CG  1 
ATOM   1393 C  CD  . PRO A 1 179 ? 3.192   -6.034  -17.306 1.00 3.95  ? 179 PRO A CD  1 
ATOM   1394 N  N   . ASP A 1 180 ? -0.240  -4.472  -17.814 1.00 9.33  ? 180 ASP A N   1 
ATOM   1395 C  CA  . ASP A 1 180 ? -1.659  -4.194  -18.034 1.00 11.32 ? 180 ASP A CA  1 
ATOM   1396 C  C   . ASP A 1 180 ? -2.334  -3.880  -16.694 1.00 12.14 ? 180 ASP A C   1 
ATOM   1397 O  O   . ASP A 1 180 ? -3.045  -2.881  -16.563 1.00 12.94 ? 180 ASP A O   1 
ATOM   1398 C  CB  . ASP A 1 180 ? -2.368  -5.387  -18.689 1.00 16.59 ? 180 ASP A CB  1 
ATOM   1399 C  CG  . ASP A 1 180 ? -1.804  -5.731  -20.069 1.00 19.79 ? 180 ASP A CG  1 
ATOM   1400 O  OD1 . ASP A 1 180 ? -0.566  -5.491  -20.337 1.00 36.31 ? 180 ASP A OD1 1 
ATOM   1401 O  OD2 . ASP A 1 180 ? -2.569  -6.259  -20.964 1.00 19.73 ? 180 ASP A OD2 1 
ATOM   1402 N  N   . TYR A 1 181 ? -2.112  -4.736  -15.699 1.00 12.33 ? 181 TYR A N   1 
ATOM   1403 C  CA  . TYR A 1 181 ? -2.690  -4.522  -14.374 1.00 11.97 ? 181 TYR A CA  1 
ATOM   1404 C  C   . TYR A 1 181 ? -2.298  -3.145  -13.864 1.00 10.47 ? 181 TYR A C   1 
ATOM   1405 O  O   . TYR A 1 181 ? -3.122  -2.413  -13.315 1.00 7.81  ? 181 TYR A O   1 
ATOM   1406 C  CB  . TYR A 1 181 ? -2.194  -5.584  -13.379 1.00 17.58 ? 181 TYR A CB  1 
ATOM   1407 C  CG  . TYR A 1 181 ? -2.362  -5.194  -11.921 1.00 11.97 ? 181 TYR A CG  1 
ATOM   1408 C  CD1 . TYR A 1 181 ? -3.618  -4.895  -11.399 1.00 11.34 ? 181 TYR A CD1 1 
ATOM   1409 C  CD2 . TYR A 1 181 ? -1.258  -5.101  -11.071 1.00 12.06 ? 181 TYR A CD2 1 
ATOM   1410 C  CE1 . TYR A 1 181 ? -3.775  -4.507  -10.059 1.00 9.41  ? 181 TYR A CE1 1 
ATOM   1411 C  CE2 . TYR A 1 181 ? -1.404  -4.715  -9.731  1.00 11.03 ? 181 TYR A CE2 1 
ATOM   1412 C  CZ  . TYR A 1 181 ? -2.663  -4.421  -9.235  1.00 11.95 ? 181 TYR A CZ  1 
ATOM   1413 O  OH  . TYR A 1 181 ? -2.811  -4.050  -7.918  1.00 19.32 ? 181 TYR A OH  1 
ATOM   1414 N  N   . ILE A 1 182 ? -1.026  -2.809  -14.054 1.00 11.29 ? 182 ILE A N   1 
ATOM   1415 C  CA  . ILE A 1 182 ? -0.488  -1.531  -13.611 1.00 12.72 ? 182 ILE A CA  1 
ATOM   1416 C  C   . ILE A 1 182 ? -1.164  -0.359  -14.317 1.00 13.60 ? 182 ILE A C   1 
ATOM   1417 O  O   . ILE A 1 182 ? -1.573  0.603   -13.665 1.00 14.32 ? 182 ILE A O   1 
ATOM   1418 C  CB  . ILE A 1 182 ? 1.034   -1.471  -13.837 1.00 10.69 ? 182 ILE A CB  1 
ATOM   1419 C  CG1 . ILE A 1 182 ? 1.688   -2.725  -13.252 1.00 9.48  ? 182 ILE A CG1 1 
ATOM   1420 C  CG2 . ILE A 1 182 ? 1.609   -0.239  -13.167 1.00 19.94 ? 182 ILE A CG2 1 
ATOM   1421 C  CD1 . ILE A 1 182 ? 3.202   -2.721  -13.283 1.00 11.06 ? 182 ILE A CD1 1 
ATOM   1422 N  N   . SER A 1 183 ? -1.288  -0.440  -15.642 1.00 14.77 ? 183 SER A N   1 
ATOM   1423 C  CA  . SER A 1 183 ? -1.947  0.615   -16.415 1.00 14.93 ? 183 SER A CA  1 
ATOM   1424 C  C   . SER A 1 183 ? -3.344  0.824   -15.859 1.00 14.73 ? 183 SER A C   1 
ATOM   1425 O  O   . SER A 1 183 ? -3.725  1.937   -15.509 1.00 14.72 ? 183 SER A O   1 
ATOM   1426 C  CB  . SER A 1 183 ? -2.068  0.216   -17.886 1.00 16.14 ? 183 SER A CB  1 
ATOM   1427 O  OG  . SER A 1 183 ? -0.802  -0.072  -18.453 1.00 26.67 ? 183 SER A OG  1 
ATOM   1428 N  N   . ALA A 1 184 ? -4.092  -0.272  -15.783 1.00 15.47 ? 184 ALA A N   1 
ATOM   1429 C  CA  . ALA A 1 184 ? -5.458  -0.275  -15.273 1.00 16.33 ? 184 ALA A CA  1 
ATOM   1430 C  C   . ALA A 1 184 ? -5.581  0.416   -13.923 1.00 17.14 ? 184 ALA A C   1 
ATOM   1431 O  O   . ALA A 1 184 ? -6.524  1.164   -13.686 1.00 17.61 ? 184 ALA A O   1 
ATOM   1432 C  CB  . ALA A 1 184 ? -5.961  -1.706  -15.162 1.00 19.05 ? 184 ALA A CB  1 
ATOM   1433 N  N   . PHE A 1 185 ? -4.624  0.160   -13.039 1.00 19.03 ? 185 PHE A N   1 
ATOM   1434 C  CA  . PHE A 1 185 ? -4.637  0.760   -11.710 1.00 19.70 ? 185 PHE A CA  1 
ATOM   1435 C  C   . PHE A 1 185 ? -5.030  2.236   -11.734 1.00 19.60 ? 185 PHE A C   1 
ATOM   1436 O  O   . PHE A 1 185 ? -5.956  2.655   -11.044 1.00 20.17 ? 185 PHE A O   1 
ATOM   1437 C  CB  . PHE A 1 185 ? -3.261  0.609   -11.048 1.00 19.38 ? 185 PHE A CB  1 
ATOM   1438 C  CG  . PHE A 1 185 ? -3.181  1.206   -9.669  1.00 22.90 ? 185 PHE A CG  1 
ATOM   1439 C  CD1 . PHE A 1 185 ? -4.188  0.974   -8.731  1.00 22.72 ? 185 PHE A CD1 1 
ATOM   1440 C  CD2 . PHE A 1 185 ? -2.099  1.994   -9.302  1.00 21.22 ? 185 PHE A CD2 1 
ATOM   1441 C  CE1 . PHE A 1 185 ? -4.116  1.517   -7.453  1.00 15.29 ? 185 PHE A CE1 1 
ATOM   1442 C  CE2 . PHE A 1 185 ? -2.020  2.539   -8.022  1.00 20.02 ? 185 PHE A CE2 1 
ATOM   1443 C  CZ  . PHE A 1 185 ? -3.032  2.300   -7.100  1.00 14.96 ? 185 PHE A CZ  1 
ATOM   1444 N  N   . TRP A 1 186 ? -4.324  3.011   -12.546 1.00 20.11 ? 186 TRP A N   1 
ATOM   1445 C  CA  . TRP A 1 186 ? -4.558  4.447   -12.660 1.00 20.19 ? 186 TRP A CA  1 
ATOM   1446 C  C   . TRP A 1 186 ? -6.016  4.891   -12.675 1.00 20.96 ? 186 TRP A C   1 
ATOM   1447 O  O   . TRP A 1 186 ? -6.356  5.924   -12.095 1.00 21.97 ? 186 TRP A O   1 
ATOM   1448 C  CB  . TRP A 1 186 ? -3.845  4.982   -13.903 1.00 16.18 ? 186 TRP A CB  1 
ATOM   1449 C  CG  . TRP A 1 186 ? -2.365  4.849   -13.808 1.00 15.05 ? 186 TRP A CG  1 
ATOM   1450 C  CD1 . TRP A 1 186 ? -1.543  4.180   -14.665 1.00 21.88 ? 186 TRP A CD1 1 
ATOM   1451 C  CD2 . TRP A 1 186 ? -1.528  5.380   -12.779 1.00 15.09 ? 186 TRP A CD2 1 
ATOM   1452 N  NE1 . TRP A 1 186 ? -0.242  4.259   -14.232 1.00 20.69 ? 186 TRP A NE1 1 
ATOM   1453 C  CE2 . TRP A 1 186 ? -0.205  4.991   -13.074 1.00 17.60 ? 186 TRP A CE2 1 
ATOM   1454 C  CE3 . TRP A 1 186 ? -1.769  6.147   -11.632 1.00 16.70 ? 186 TRP A CE3 1 
ATOM   1455 C  CZ2 . TRP A 1 186 ? 0.879   5.344   -12.267 1.00 20.55 ? 186 TRP A CZ2 1 
ATOM   1456 C  CZ3 . TRP A 1 186 ? -0.692  6.499   -10.828 1.00 21.46 ? 186 TRP A CZ3 1 
ATOM   1457 C  CH2 . TRP A 1 186 ? 0.616   6.096   -11.150 1.00 22.78 ? 186 TRP A CH2 1 
ATOM   1458 N  N   . ASN A 1 187 ? -6.880  4.120   -13.326 1.00 20.79 ? 187 ASN A N   1 
ATOM   1459 C  CA  . ASN A 1 187 ? -8.289  4.494   -13.408 1.00 22.14 ? 187 ASN A CA  1 
ATOM   1460 C  C   . ASN A 1 187 ? -8.991  4.612   -12.056 1.00 23.23 ? 187 ASN A C   1 
ATOM   1461 O  O   . ASN A 1 187 ? -9.794  5.522   -11.854 1.00 24.26 ? 187 ASN A O   1 
ATOM   1462 C  CB  . ASN A 1 187 ? -9.066  3.497   -14.280 1.00 23.73 ? 187 ASN A CB  1 
ATOM   1463 C  CG  . ASN A 1 187 ? -8.544  3.425   -15.709 1.00 24.44 ? 187 ASN A CG  1 
ATOM   1464 O  OD1 . ASN A 1 187 ? -8.255  4.447   -16.329 1.00 26.12 ? 187 ASN A OD1 1 
ATOM   1465 N  ND2 . ASN A 1 187 ? -8.437  2.210   -16.241 1.00 24.71 ? 187 ASN A ND2 1 
ATOM   1466 N  N   . VAL A 1 188 ? -8.686  3.704   -11.134 1.00 23.70 ? 188 VAL A N   1 
ATOM   1467 C  CA  . VAL A 1 188 ? -9.333  3.697   -9.822  1.00 23.26 ? 188 VAL A CA  1 
ATOM   1468 C  C   . VAL A 1 188 ? -8.662  4.533   -8.741  1.00 23.21 ? 188 VAL A C   1 
ATOM   1469 O  O   . VAL A 1 188 ? -9.308  4.925   -7.772  1.00 24.13 ? 188 VAL A O   1 
ATOM   1470 C  CB  . VAL A 1 188 ? -9.463  2.261   -9.277  1.00 21.80 ? 188 VAL A CB  1 
ATOM   1471 C  CG1 . VAL A 1 188 ? -10.227 1.392   -10.264 1.00 22.97 ? 188 VAL A CG1 1 
ATOM   1472 C  CG2 . VAL A 1 188 ? -8.083  1.686   -9.003  1.00 23.98 ? 188 VAL A CG2 1 
ATOM   1473 N  N   . VAL A 1 189 ? -7.371  4.802   -8.901  1.00 22.89 ? 189 VAL A N   1 
ATOM   1474 C  CA  . VAL A 1 189 ? -6.637  5.573   -7.909  1.00 21.83 ? 189 VAL A CA  1 
ATOM   1475 C  C   . VAL A 1 189 ? -7.350  6.858   -7.520  1.00 22.00 ? 189 VAL A C   1 
ATOM   1476 O  O   . VAL A 1 189 ? -7.709  7.671   -8.360  1.00 21.57 ? 189 VAL A O   1 
ATOM   1477 C  CB  . VAL A 1 189 ? -5.225  5.920   -8.399  1.00 15.68 ? 189 VAL A CB  1 
ATOM   1478 C  CG1 . VAL A 1 189 ? -4.429  6.555   -7.275  1.00 22.13 ? 189 VAL A CG1 1 
ATOM   1479 C  CG2 . VAL A 1 189 ? -4.532  4.665   -8.897  1.00 20.38 ? 189 VAL A CG2 1 
ATOM   1480 N  N   . ASN A 1 190 ? -7.550  7.016   -6.218  1.00 24.20 ? 190 ASN A N   1 
ATOM   1481 C  CA  . ASN A 1 190 ? -8.217  8.175   -5.635  1.00 25.99 ? 190 ASN A CA  1 
ATOM   1482 C  C   . ASN A 1 190 ? -7.158  9.206   -5.262  1.00 26.57 ? 190 ASN A C   1 
ATOM   1483 O  O   . ASN A 1 190 ? -6.494  9.064   -4.239  1.00 28.54 ? 190 ASN A O   1 
ATOM   1484 C  CB  . ASN A 1 190 ? -8.979  7.735   -4.375  1.00 29.08 ? 190 ASN A CB  1 
ATOM   1485 C  CG  . ASN A 1 190 ? -9.536  8.902   -3.579  1.00 28.54 ? 190 ASN A CG  1 
ATOM   1486 O  OD1 . ASN A 1 190 ? -8.946  9.980   -3.528  1.00 30.25 ? 190 ASN A OD1 1 
ATOM   1487 N  ND2 . ASN A 1 190 ? -10.671 8.678   -2.930  1.00 30.68 ? 190 ASN A ND2 1 
ATOM   1488 N  N   . TRP A 1 191 ? -7.003  10.246  -6.072  1.00 26.51 ? 191 TRP A N   1 
ATOM   1489 C  CA  . TRP A 1 191 ? -6.000  11.257  -5.768  1.00 26.03 ? 191 TRP A CA  1 
ATOM   1490 C  C   . TRP A 1 191 ? -6.389  12.122  -4.590  1.00 27.16 ? 191 TRP A C   1 
ATOM   1491 O  O   . TRP A 1 191 ? -5.537  12.757  -3.964  1.00 27.86 ? 191 TRP A O   1 
ATOM   1492 C  CB  . TRP A 1 191 ? -5.712  12.110  -6.997  1.00 18.58 ? 191 TRP A CB  1 
ATOM   1493 C  CG  . TRP A 1 191 ? -5.011  11.307  -8.020  1.00 20.88 ? 191 TRP A CG  1 
ATOM   1494 C  CD1 . TRP A 1 191 ? -5.579  10.618  -9.048  1.00 22.07 ? 191 TRP A CD1 1 
ATOM   1495 C  CD2 . TRP A 1 191 ? -3.619  10.981  -8.034  1.00 26.68 ? 191 TRP A CD2 1 
ATOM   1496 N  NE1 . TRP A 1 191 ? -4.628  9.874   -9.700  1.00 21.67 ? 191 TRP A NE1 1 
ATOM   1497 C  CE2 . TRP A 1 191 ? -3.414  10.078  -9.098  1.00 25.96 ? 191 TRP A CE2 1 
ATOM   1498 C  CE3 . TRP A 1 191 ? -2.521  11.364  -7.247  1.00 29.90 ? 191 TRP A CE3 1 
ATOM   1499 C  CZ2 . TRP A 1 191 ? -2.151  9.546   -9.398  1.00 29.42 ? 191 TRP A CZ2 1 
ATOM   1500 C  CZ3 . TRP A 1 191 ? -1.263  10.837  -7.546  1.00 25.88 ? 191 TRP A CZ3 1 
ATOM   1501 C  CH2 . TRP A 1 191 ? -1.091  9.939   -8.613  1.00 28.43 ? 191 TRP A CH2 1 
ATOM   1502 N  N   . ASP A 1 192 ? -7.678  12.148  -4.275  1.00 28.26 ? 192 ASP A N   1 
ATOM   1503 C  CA  . ASP A 1 192 ? -8.111  12.928  -3.134  1.00 30.37 ? 192 ASP A CA  1 
ATOM   1504 C  C   . ASP A 1 192 ? -7.368  12.386  -1.915  1.00 30.63 ? 192 ASP A C   1 
ATOM   1505 O  O   . ASP A 1 192 ? -6.762  13.145  -1.167  1.00 31.26 ? 192 ASP A O   1 
ATOM   1506 C  CB  . ASP A 1 192 ? -9.627  12.819  -2.932  1.00 35.37 ? 192 ASP A CB  1 
ATOM   1507 C  CG  . ASP A 1 192 ? -10.413 13.682  -3.914  1.00 37.66 ? 192 ASP A CG  1 
ATOM   1508 O  OD1 . ASP A 1 192 ? -10.384 13.392  -5.129  1.00 39.87 ? 192 ASP A OD1 1 
ATOM   1509 O  OD2 . ASP A 1 192 ? -11.059 14.657  -3.467  1.00 35.81 ? 192 ASP A OD2 1 
ATOM   1510 N  N   . GLU A 1 193 ? -7.385  11.066  -1.742  1.00 31.49 ? 193 GLU A N   1 
ATOM   1511 C  CA  . GLU A 1 193 ? -6.705  10.442  -0.611  1.00 32.07 ? 193 GLU A CA  1 
ATOM   1512 C  C   . GLU A 1 193 ? -5.210  10.773  -0.601  1.00 32.76 ? 193 GLU A C   1 
ATOM   1513 O  O   . GLU A 1 193 ? -4.654  11.184  0.427   1.00 33.31 ? 193 GLU A O   1 
ATOM   1514 C  CB  . GLU A 1 193 ? -6.910  8.928   -0.620  1.00 36.85 ? 193 GLU A CB  1 
ATOM   1515 C  CG  . GLU A 1 193 ? -6.407  8.250   0.656   1.00 31.81 ? 193 GLU A CG  1 
ATOM   1516 C  CD  . GLU A 1 193 ? -7.238  8.604   1.891   1.00 35.28 ? 193 GLU A CD  1 
ATOM   1517 O  OE1 . GLU A 1 193 ? -6.882  8.174   3.053   1.00 43.09 ? 193 GLU A OE1 1 
ATOM   1518 O  OE2 . GLU A 1 193 ? -8.295  9.335   1.768   1.00 32.44 ? 193 GLU A OE2 1 
ATOM   1519 N  N   . VAL A 1 194 ? -4.576  10.589  -1.739  1.00 33.30 ? 194 VAL A N   1 
ATOM   1520 C  CA  . VAL A 1 194 ? -3.139  10.872  -1.874  1.00 33.66 ? 194 VAL A CA  1 
ATOM   1521 C  C   . VAL A 1 194 ? -2.835  12.265  -1.316  1.00 35.49 ? 194 VAL A C   1 
ATOM   1522 O  O   . VAL A 1 194 ? -1.848  12.461  -0.590  1.00 37.06 ? 194 VAL A O   1 
ATOM   1523 C  CB  . VAL A 1 194 ? -2.722  10.824  -3.344  1.00 31.16 ? 194 VAL A CB  1 
ATOM   1524 C  CG1 . VAL A 1 194 ? -1.238  11.132  -3.553  1.00 26.15 ? 194 VAL A CG1 1 
ATOM   1525 C  CG2 . VAL A 1 194 ? -2.956  9.456   -3.987  1.00 31.40 ? 194 VAL A CG2 1 
ATOM   1526 N  N   . ALA A 1 195 ? -3.708  13.187  -1.678  1.00 36.75 ? 195 ALA A N   1 
ATOM   1527 C  CA  . ALA A 1 195 ? -3.614  14.596  -1.265  1.00 37.80 ? 195 ALA A CA  1 
ATOM   1528 C  C   . ALA A 1 195 ? -3.552  14.698  0.261   1.00 38.08 ? 195 ALA A C   1 
ATOM   1529 O  O   . ALA A 1 195 ? -2.572  15.205  0.828   1.00 38.30 ? 195 ALA A O   1 
ATOM   1530 C  CB  . ALA A 1 195 ? -4.838  15.370  -1.760  1.00 39.51 ? 195 ALA A CB  1 
ATOM   1531 N  N   . ALA A 1 196 ? -4.610  14.207  0.876   1.00 38.63 ? 196 ALA A N   1 
ATOM   1532 C  CA  . ALA A 1 196 ? -4.759  14.210  2.339   1.00 38.95 ? 196 ALA A CA  1 
ATOM   1533 C  C   . ALA A 1 196 ? -3.551  13.537  2.993   1.00 38.63 ? 196 ALA A C   1 
ATOM   1534 O  O   . ALA A 1 196 ? -2.985  14.051  3.970   1.00 39.58 ? 196 ALA A O   1 
ATOM   1535 C  CB  . ALA A 1 196 ? -6.023  13.444  2.737   1.00 37.36 ? 196 ALA A CB  1 
ATOM   1536 N  N   . GLN A 1 197 ? -3.195  12.402  2.424   1.00 38.60 ? 197 GLN A N   1 
ATOM   1537 C  CA  . GLN A 1 197 ? -2.073  11.587  2.904   1.00 38.64 ? 197 GLN A CA  1 
ATOM   1538 C  C   . GLN A 1 197 ? -0.756  12.357  2.771   1.00 39.07 ? 197 GLN A C   1 
ATOM   1539 O  O   . GLN A 1 197 ? 0.258   12.001  3.389   1.00 39.59 ? 197 GLN A O   1 
ATOM   1540 C  CB  . GLN A 1 197 ? -1.985  10.290  2.098   1.00 42.18 ? 197 GLN A CB  1 
ATOM   1541 C  CG  . GLN A 1 197 ? -2.770  9.139   2.730   1.00 43.13 ? 197 GLN A CG  1 
ATOM   1542 C  CD  . GLN A 1 197 ? -2.836  7.899   1.836   1.00 47.61 ? 197 GLN A CD  1 
ATOM   1543 O  OE1 . GLN A 1 197 ? -1.846  7.550   1.195   1.00 46.31 ? 197 GLN A OE1 1 
ATOM   1544 N  NE2 . GLN A 1 197 ? -3.955  7.204   1.753   1.00 48.43 ? 197 GLN A NE2 1 
ATOM   1545 N  N   . TYR A 1 198 ? -0.795  13.405  1.962   1.00 40.14 ? 198 TYR A N   1 
ATOM   1546 C  CA  . TYR A 1 198 ? 0.385   14.255  1.737   1.00 40.76 ? 198 TYR A CA  1 
ATOM   1547 C  C   . TYR A 1 198 ? 0.494   15.314  2.833   1.00 41.62 ? 198 TYR A C   1 
ATOM   1548 O  O   . TYR A 1 198 ? 1.526   15.433  3.490   1.00 42.73 ? 198 TYR A O   1 
ATOM   1549 C  CB  . TYR A 1 198 ? 0.322   14.981  0.399   1.00 37.90 ? 198 TYR A CB  1 
ATOM   1550 C  CG  . TYR A 1 198 ? 1.575   15.829  0.162   1.00 45.08 ? 198 TYR A CG  1 
ATOM   1551 C  CD1 . TYR A 1 198 ? 2.792   15.206  -0.137  1.00 45.77 ? 198 TYR A CD1 1 
ATOM   1552 C  CD2 . TYR A 1 198 ? 1.509   17.224  0.256   1.00 47.32 ? 198 TYR A CD2 1 
ATOM   1553 C  CE1 . TYR A 1 198 ? 3.943   15.976  -0.342  1.00 41.69 ? 198 TYR A CE1 1 
ATOM   1554 C  CE2 . TYR A 1 198 ? 2.659   17.995  0.052   1.00 42.12 ? 198 TYR A CE2 1 
ATOM   1555 C  CZ  . TYR A 1 198 ? 3.877   17.371  -0.247  1.00 42.03 ? 198 TYR A CZ  1 
ATOM   1556 O  OH  . TYR A 1 198 ? 4.995   18.120  -0.445  1.00 44.17 ? 198 TYR A OH  1 
ATOM   1557 N  N   . SER A 1 199 ? -0.574  16.079  3.035   1.00 42.87 ? 199 SER A N   1 
ATOM   1558 C  CA  . SER A 1 199 ? -0.573  17.121  4.058   1.00 44.00 ? 199 SER A CA  1 
ATOM   1559 C  C   . SER A 1 199 ? -0.195  16.578  5.429   1.00 44.00 ? 199 SER A C   1 
ATOM   1560 O  O   . SER A 1 199 ? 0.610   17.183  6.137   1.00 44.00 ? 199 SER A O   1 
ATOM   1561 C  CB  . SER A 1 199 ? -1.942  17.806  4.141   1.00 46.98 ? 199 SER A CB  1 
ATOM   1562 O  OG  . SER A 1 199 ? -2.060  18.835  3.171   1.00 47.37 ? 199 SER A OG  1 
ATOM   1563 N  N   . GLN A 1 200 ? -0.775  15.442  5.808   1.00 44.00 ? 200 GLN A N   1 
ATOM   1564 C  CA  . GLN A 1 200 ? -0.478  14.842  7.104   1.00 44.00 ? 200 GLN A CA  1 
ATOM   1565 C  C   . GLN A 1 200 ? 1.003   14.537  7.269   1.00 44.00 ? 200 GLN A C   1 
ATOM   1566 O  O   . GLN A 1 200 ? 1.626   14.961  8.243   1.00 44.00 ? 200 GLN A O   1 
ATOM   1567 C  CB  . GLN A 1 200 ? -1.282  13.557  7.305   1.00 44.42 ? 200 GLN A CB  1 
ATOM   1568 C  CG  . GLN A 1 200 ? -2.737  13.812  7.690   1.00 50.56 ? 200 GLN A CG  1 
ATOM   1569 C  CD  . GLN A 1 200 ? -3.357  12.637  8.442   1.00 55.04 ? 200 GLN A CD  1 
ATOM   1570 O  OE1 . GLN A 1 200 ? -4.493  12.731  8.898   1.00 55.18 ? 200 GLN A OE1 1 
ATOM   1571 N  NE2 . GLN A 1 200 ? -2.667  11.523  8.604   1.00 54.46 ? 200 GLN A NE2 1 
ATOM   1572 N  N   . ALA A 1 201 ? 1.559   13.793  6.317   1.00 44.00 ? 201 ALA A N   1 
ATOM   1573 C  CA  . ALA A 1 201 ? 2.970   13.430  6.358   1.00 44.00 ? 201 ALA A CA  1 
ATOM   1574 C  C   . ALA A 1 201 ? 3.806   14.669  6.643   1.00 44.00 ? 201 ALA A C   1 
ATOM   1575 O  O   . ALA A 1 201 ? 4.376   14.805  7.727   1.00 44.00 ? 201 ALA A O   1 
ATOM   1576 C  CB  . ALA A 1 201 ? 3.393   12.805  5.037   1.00 46.99 ? 201 ALA A CB  1 
ATOM   1577 N  N   . ALA A 1 202 ? 3.876   15.572  5.668   1.00 44.00 ? 202 ALA A N   1 
ATOM   1578 C  CA  . ALA A 1 202 ? 4.644   16.802  5.830   1.00 44.00 ? 202 ALA A CA  1 
ATOM   1579 C  C   . ALA A 1 202 ? 4.085   17.605  7.005   1.00 44.00 ? 202 ALA A C   1 
ATOM   1580 O  O   . ALA A 1 202 ? 4.646   17.491  8.115   1.00 44.00 ? 202 ALA A O   1 
ATOM   1581 C  CB  . ALA A 1 202 ? 4.579   17.629  4.550   1.00 50.09 ? 202 ALA A CB  1 
ATOM   1582 O  OXT . ALA A 1 202 ? 3.081   18.325  6.810   1.00 55.49 ? 202 ALA A OXT 1 
HETATM 1583 MN MN  . MN  B 2 .   ? -1.854  -8.331  -1.359  1.00 19.33 ? 204 MN  A MN  1 
HETATM 1584 ZN ZN  . ZN  C 3 .   ? 7.837   -9.292  25.210  1.00 25.34 ? 205 ZN  A ZN  1 
HETATM 1585 O  O   . HOH D 4 .   ? 6.703   -8.096  26.875  1.00 13.58 ? 206 HOH A O   1 
HETATM 1586 O  O   . HOH D 4 .   ? 8.032   -7.116  24.390  1.00 5.84  ? 207 HOH A O   1 
HETATM 1587 O  O   . HOH D 4 .   ? 1.966   19.807  3.880   1.00 53.27 ? 208 HOH A O   1 
HETATM 1588 O  O   . HOH D 4 .   ? -18.055 -9.721  -14.897 1.00 39.19 ? 209 HOH A O   1 
HETATM 1589 O  O   . HOH D 4 .   ? 15.265  -6.576  -2.639  1.00 56.11 ? 210 HOH A O   1 
HETATM 1590 O  O   . HOH D 4 .   ? -7.583  -5.997  -4.934  1.00 11.88 ? 211 HOH A O   1 
HETATM 1591 O  O   . HOH D 4 .   ? 17.856  -1.377  1.849   1.00 42.25 ? 212 HOH A O   1 
HETATM 1592 O  O   . HOH D 4 .   ? -5.343  -5.858  -6.721  1.00 26.17 ? 213 HOH A O   1 
HETATM 1593 O  O   . HOH D 4 .   ? -12.567 0.541   9.188   1.00 35.11 ? 214 HOH A O   1 
HETATM 1594 O  O   . HOH D 4 .   ? -6.430  -16.680 9.163   1.00 46.73 ? 215 HOH A O   1 
HETATM 1595 O  O   . HOH D 4 .   ? -10.820 -8.213  12.827  1.00 56.07 ? 216 HOH A O   1 
HETATM 1596 O  O   . HOH D 4 .   ? 3.379   -12.204 -12.328 1.00 26.93 ? 217 HOH A O   1 
HETATM 1597 O  O   . HOH D 4 .   ? 8.150   -10.884 -10.988 1.00 15.84 ? 218 HOH A O   1 
HETATM 1598 O  O   . HOH D 4 .   ? 19.751  -7.930  17.041  1.00 57.03 ? 219 HOH A O   1 
HETATM 1599 O  O   . HOH D 4 .   ? -19.884 10.006  -4.467  1.00 24.73 ? 220 HOH A O   1 
HETATM 1600 O  O   . HOH D 4 .   ? -6.074  -14.040 23.875  1.00 54.63 ? 221 HOH A O   1 
HETATM 1601 O  O   . HOH D 4 .   ? 5.342   21.101  -16.819 1.00 35.21 ? 222 HOH A O   1 
HETATM 1602 O  O   . HOH D 4 .   ? 5.544   -12.190 -15.861 1.00 22.98 ? 223 HOH A O   1 
HETATM 1603 O  O   . HOH D 4 .   ? -8.271  8.153   -14.912 1.00 37.49 ? 224 HOH A O   1 
HETATM 1604 O  O   . HOH D 4 .   ? 1.405   -13.602 2.608   1.00 28.40 ? 225 HOH A O   1 
HETATM 1605 O  O   . HOH D 4 .   ? 16.728  8.190   -3.763  1.00 41.86 ? 226 HOH A O   1 
HETATM 1606 O  O   . HOH D 4 .   ? 15.354  3.377   0.211   1.00 52.40 ? 227 HOH A O   1 
HETATM 1607 O  O   . HOH D 4 .   ? -20.262 5.681   -5.724  1.00 60.00 ? 228 HOH A O   1 
HETATM 1608 O  O   . HOH D 4 .   ? 13.216  -14.645 10.425  1.00 31.34 ? 229 HOH A O   1 
HETATM 1609 O  O   . HOH D 4 .   ? -11.914 8.776   0.994   1.00 58.24 ? 230 HOH A O   1 
HETATM 1610 O  O   . HOH D 4 .   ? -4.281  -18.586 6.276   1.00 53.60 ? 231 HOH A O   1 
HETATM 1611 O  O   . HOH D 4 .   ? -17.366 3.375   -12.261 1.00 57.82 ? 232 HOH A O   1 
HETATM 1612 O  O   . HOH D 4 .   ? -13.024 -0.438  17.655  1.00 60.00 ? 233 HOH A O   1 
HETATM 1613 O  O   . HOH D 4 .   ? 12.356  5.470   18.677  1.00 49.45 ? 234 HOH A O   1 
HETATM 1614 O  O   . HOH D 4 .   ? -2.665  5.127   11.394  1.00 42.93 ? 235 HOH A O   1 
HETATM 1615 O  O   . HOH D 4 .   ? 4.696   -10.476 -7.825  1.00 13.99 ? 236 HOH A O   1 
HETATM 1616 O  O   . HOH D 4 .   ? 1.575   -14.474 7.209   1.00 45.23 ? 237 HOH A O   1 
HETATM 1617 O  O   . HOH D 4 .   ? -14.746 7.738   -13.003 1.00 15.27 ? 238 HOH A O   1 
HETATM 1618 O  O   . HOH D 4 .   ? -21.948 5.574   -9.354  1.00 47.92 ? 239 HOH A O   1 
HETATM 1619 O  O   . HOH D 4 .   ? -10.822 -10.018 -18.129 1.00 53.00 ? 240 HOH A O   1 
HETATM 1620 O  O   . HOH D 4 .   ? 13.570  -11.675 7.038   1.00 55.64 ? 241 HOH A O   1 
HETATM 1621 O  O   . HOH D 4 .   ? -12.008 -13.546 -12.320 1.00 43.18 ? 242 HOH A O   1 
HETATM 1622 O  O   . HOH D 4 .   ? -6.771  -16.792 -19.996 1.00 27.70 ? 243 HOH A O   1 
HETATM 1623 O  O   . HOH D 4 .   ? -1.822  2.557   7.178   1.00 44.01 ? 244 HOH A O   1 
HETATM 1624 O  O   . HOH D 4 .   ? -13.406 -7.017  18.000  1.00 60.00 ? 245 HOH A O   1 
HETATM 1625 O  O   . HOH D 4 .   ? 12.572  -4.343  8.836   1.00 48.85 ? 246 HOH A O   1 
HETATM 1626 O  O   . HOH D 4 .   ? 7.239   15.678  -19.624 1.00 23.16 ? 247 HOH A O   1 
HETATM 1627 O  O   . HOH D 4 .   ? -10.411 6.218   -15.751 1.00 48.84 ? 248 HOH A O   1 
HETATM 1628 O  O   . HOH D 4 .   ? 7.082   -9.867  -14.659 1.00 48.36 ? 249 HOH A O   1 
HETATM 1629 O  O   . HOH D 4 .   ? -15.612 -2.533  16.936  1.00 60.00 ? 250 HOH A O   1 
HETATM 1630 O  O   . HOH D 4 .   ? -0.251  16.861  -17.240 1.00 39.66 ? 251 HOH A O   1 
HETATM 1631 O  O   . HOH D 4 .   ? 13.442  -2.211  9.838   1.00 44.35 ? 252 HOH A O   1 
HETATM 1632 O  O   . HOH D 4 .   ? -21.061 12.935  -3.954  1.00 32.82 ? 253 HOH A O   1 
HETATM 1633 O  O   . HOH D 4 .   ? 15.874  -7.113  6.262   1.00 60.00 ? 254 HOH A O   1 
HETATM 1634 O  O   . HOH D 4 .   ? -6.214  4.551   12.458  1.00 51.24 ? 255 HOH A O   1 
HETATM 1635 O  O   . HOH D 4 .   ? 7.097   -16.366 20.558  1.00 38.27 ? 256 HOH A O   1 
HETATM 1636 O  O   . HOH D 4 .   ? 2.415   11.575  10.551  1.00 60.00 ? 257 HOH A O   1 
HETATM 1637 O  O   . HOH D 4 .   ? -5.865  2.234   10.292  1.00 53.88 ? 258 HOH A O   1 
HETATM 1638 O  O   . HOH D 4 .   ? 3.036   2.480   6.421   1.00 50.07 ? 259 HOH A O   1 
HETATM 1639 O  O   . HOH D 4 .   ? -6.978  6.794   10.053  1.00 60.00 ? 260 HOH A O   1 
HETATM 1640 O  O   . HOH D 4 .   ? -21.339 15.902  -4.946  1.00 47.35 ? 261 HOH A O   1 
HETATM 1641 O  O   . HOH D 4 .   ? 9.142   -2.003  27.408  1.00 60.00 ? 262 HOH A O   1 
HETATM 1642 O  O   . HOH D 4 .   ? -9.343  -13.903 24.235  1.00 60.00 ? 263 HOH A O   1 
HETATM 1643 O  O   . HOH D 4 .   ? 17.376  6.804   1.289   1.00 60.00 ? 264 HOH A O   1 
HETATM 1644 O  O   . HOH D 4 .   ? -11.705 2.959   7.430   1.00 60.00 ? 265 HOH A O   1 
HETATM 1645 O  O   . HOH D 4 .   ? 5.640   -15.393 8.259   1.00 60.00 ? 266 HOH A O   1 
HETATM 1646 O  O   . HOH D 4 .   ? 14.017  -16.748 7.853   1.00 58.75 ? 267 HOH A O   1 
HETATM 1647 O  O   . HOH D 4 .   ? -2.512  2.668   10.291  1.00 55.70 ? 268 HOH A O   1 
# 
loop_
_pdbx_poly_seq_scheme.asym_id 
_pdbx_poly_seq_scheme.entity_id 
_pdbx_poly_seq_scheme.seq_id 
_pdbx_poly_seq_scheme.mon_id 
_pdbx_poly_seq_scheme.ndb_seq_num 
_pdbx_poly_seq_scheme.pdb_seq_num 
_pdbx_poly_seq_scheme.auth_seq_num 
_pdbx_poly_seq_scheme.pdb_mon_id 
_pdbx_poly_seq_scheme.auth_mon_id 
_pdbx_poly_seq_scheme.pdb_strand_id 
_pdbx_poly_seq_scheme.pdb_ins_code 
_pdbx_poly_seq_scheme.hetero 
A 1 1   ALA 1   1   ?   ?   ?   A . n 
A 1 2   LYS 2   2   2   LYS LYS A . n 
A 1 3   PHE 3   3   3   PHE PHE A . n 
A 1 4   GLU 4   4   4   GLU GLU A . n 
A 1 5   LEU 5   5   5   LEU LEU A . n 
A 1 6   PRO 6   6   6   PRO PRO A . n 
A 1 7   GLU 7   7   7   GLU GLU A . n 
A 1 8   LEU 8   8   8   LEU LEU A . n 
A 1 9   PRO 9   9   9   PRO PRO A . n 
A 1 10  TYR 10  10  10  TYR TYR A . n 
A 1 11  ALA 11  11  11  ALA ALA A . n 
A 1 12  TYR 12  12  12  TYR TYR A . n 
A 1 13  ASP 13  13  13  ASP ASP A . n 
A 1 14  ALA 14  14  14  ALA ALA A . n 
A 1 15  LEU 15  15  15  LEU LEU A . n 
A 1 16  GLU 16  16  16  GLU GLU A . n 
A 1 17  PRO 17  17  17  PRO PRO A . n 
A 1 18  THR 18  18  18  THR THR A . n 
A 1 19  ILE 19  19  19  ILE ILE A . n 
A 1 20  ASP 20  20  20  ASP ASP A . n 
A 1 21  LYS 21  21  21  LYS LYS A . n 
A 1 22  GLU 22  22  22  GLU GLU A . n 
A 1 23  THR 23  23  23  THR THR A . n 
A 1 24  MET 24  24  24  MET MET A . n 
A 1 25  ASN 25  25  25  ASN ASN A . n 
A 1 26  ILE 26  26  26  ILE ILE A . n 
A 1 27  HIS 27  27  27  HIS HIS A . n 
A 1 28  HIS 28  28  28  HIS HIS A . n 
A 1 29  THR 29  29  29  THR THR A . n 
A 1 30  LYS 30  30  30  LYS LYS A . n 
A 1 31  HIS 31  31  31  HIS HIS A . n 
A 1 32  HIS 32  32  32  HIS HIS A . n 
A 1 33  ASN 33  33  33  ASN ASN A . n 
A 1 34  THR 34  34  34  THR THR A . n 
A 1 35  TYR 35  35  35  TYR TYR A . n 
A 1 36  VAL 36  36  36  VAL VAL A . n 
A 1 37  THR 37  37  37  THR THR A . n 
A 1 38  LYS 38  38  38  LYS LYS A . n 
A 1 39  LEU 39  39  39  LEU LEU A . n 
A 1 40  ASN 40  40  40  ASN ASN A . n 
A 1 41  GLY 41  41  41  GLY GLY A . n 
A 1 42  ALA 42  42  42  ALA ALA A . n 
A 1 43  LEU 43  43  43  LEU LEU A . n 
A 1 44  GLU 44  44  44  GLU GLU A . n 
A 1 45  GLY 45  45  45  GLY GLY A . n 
A 1 46  HIS 46  46  46  HIS HIS A . n 
A 1 47  GLU 47  47  47  GLU GLU A . n 
A 1 48  ASP 48  48  48  ASP ASP A . n 
A 1 49  LEU 49  49  49  LEU LEU A . n 
A 1 50  LYS 50  50  50  LYS LYS A . n 
A 1 51  ASN 51  51  51  ASN ASN A . n 
A 1 52  LYS 52  52  52  LYS LYS A . n 
A 1 53  SER 53  53  53  SER SER A . n 
A 1 54  LEU 54  54  54  LEU LEU A . n 
A 1 55  ASN 55  55  55  ASN ASN A . n 
A 1 56  ASP 56  56  56  ASP ASP A . n 
A 1 57  LEU 57  57  57  LEU LEU A . n 
A 1 58  ILE 58  58  58  ILE ILE A . n 
A 1 59  SER 59  59  59  SER SER A . n 
A 1 60  ASN 60  60  60  ASN ASN A . n 
A 1 61  LEU 61  61  61  LEU LEU A . n 
A 1 62  ASP 62  62  62  ASP ASP A . n 
A 1 63  ALA 63  63  63  ALA ALA A . n 
A 1 64  VAL 64  64  64  VAL VAL A . n 
A 1 65  PRO 65  65  65  PRO PRO A . n 
A 1 66  GLU 66  66  66  GLU GLU A . n 
A 1 67  ASN 67  67  67  ASN ASN A . n 
A 1 68  ILE 68  68  68  ILE ILE A . n 
A 1 69  ARG 69  69  69  ARG ARG A . n 
A 1 70  THR 70  70  70  THR THR A . n 
A 1 71  ALA 71  71  71  ALA ALA A . n 
A 1 72  VAL 72  72  72  VAL VAL A . n 
A 1 73  ARG 73  73  73  ARG ARG A . n 
A 1 74  ASN 74  74  74  ASN ASN A . n 
A 1 75  ASN 75  75  75  ASN ASN A . n 
A 1 76  GLY 76  76  76  GLY GLY A . n 
A 1 77  GLY 77  77  77  GLY GLY A . n 
A 1 78  GLY 78  78  78  GLY GLY A . n 
A 1 79  HIS 79  79  79  HIS HIS A . n 
A 1 80  ALA 80  80  80  ALA ALA A . n 
A 1 81  ASN 81  81  81  ASN ASN A . n 
A 1 82  HIS 82  82  82  HIS HIS A . n 
A 1 83  SER 83  83  83  SER SER A . n 
A 1 84  LEU 84  84  84  LEU LEU A . n 
A 1 85  PHE 85  85  85  PHE PHE A . n 
A 1 86  TRP 86  86  86  TRP TRP A . n 
A 1 87  LYS 87  87  87  LYS LYS A . n 
A 1 88  LEU 88  88  88  LEU LEU A . n 
A 1 89  MET 89  89  89  MET MET A . n 
A 1 90  SER 90  90  90  SER SER A . n 
A 1 91  PRO 91  91  91  PRO PRO A . n 
A 1 92  ASN 92  92  92  ASN ASN A . n 
A 1 93  GLY 93  93  93  GLY GLY A . n 
A 1 94  GLY 94  94  94  GLY GLY A . n 
A 1 95  GLY 95  95  95  GLY GLY A . n 
A 1 96  LYS 96  96  96  LYS LYS A . n 
A 1 97  PRO 97  97  97  PRO PRO A . n 
A 1 98  THR 98  98  98  THR THR A . n 
A 1 99  GLY 99  99  99  GLY GLY A . n 
A 1 100 GLU 100 100 100 GLU GLU A . n 
A 1 101 VAL 101 101 101 VAL VAL A . n 
A 1 102 ALA 102 102 102 ALA ALA A . n 
A 1 103 ASP 103 103 103 ASP ASP A . n 
A 1 104 LYS 104 104 104 LYS LYS A . n 
A 1 105 ILE 105 105 105 ILE ILE A . n 
A 1 106 ASN 106 106 106 ASN ASN A . n 
A 1 107 ASP 107 107 107 ASP ASP A . n 
A 1 108 LYS 108 108 108 LYS LYS A . n 
A 1 109 TYR 109 109 109 TYR TYR A . n 
A 1 110 GLY 110 110 110 GLY GLY A . n 
A 1 111 SER 111 111 111 SER SER A . n 
A 1 112 PHE 112 112 112 PHE PHE A . n 
A 1 113 GLU 113 113 113 GLU GLU A . n 
A 1 114 LYS 114 114 114 LYS LYS A . n 
A 1 115 PHE 115 115 115 PHE PHE A . n 
A 1 116 GLN 116 116 116 GLN GLN A . n 
A 1 117 GLU 117 117 117 GLU GLU A . n 
A 1 118 GLU 118 118 118 GLU GLU A . n 
A 1 119 PHE 119 119 119 PHE PHE A . n 
A 1 120 ALA 120 120 120 ALA ALA A . n 
A 1 121 ALA 121 121 121 ALA ALA A . n 
A 1 122 ALA 122 122 122 ALA ALA A . n 
A 1 123 ALA 123 123 123 ALA ALA A . n 
A 1 124 ALA 124 124 124 ALA ALA A . n 
A 1 125 GLY 125 125 125 GLY GLY A . n 
A 1 126 ARG 126 126 126 ARG ARG A . n 
A 1 127 PHE 127 127 127 PHE PHE A . n 
A 1 128 GLY 128 128 128 GLY GLY A . n 
A 1 129 SER 129 129 129 SER SER A . n 
A 1 130 GLY 130 130 130 GLY GLY A . n 
A 1 131 TRP 131 131 131 TRP TRP A . n 
A 1 132 ALA 132 132 132 ALA ALA A . n 
A 1 133 TRP 133 133 133 TRP TRP A . n 
A 1 134 LEU 134 134 134 LEU LEU A . n 
A 1 135 VAL 135 135 135 VAL VAL A . n 
A 1 136 VAL 136 136 136 VAL VAL A . n 
A 1 137 ASN 137 137 137 ASN ASN A . n 
A 1 138 ASN 138 138 138 ASN ASN A . n 
A 1 139 GLY 139 139 139 GLY GLY A . n 
A 1 140 GLU 140 140 140 GLU GLU A . n 
A 1 141 ILE 141 141 141 ILE ILE A . n 
A 1 142 GLU 142 142 142 GLU GLU A . n 
A 1 143 ILE 143 143 143 ILE ILE A . n 
A 1 144 MET 144 144 144 MET MET A . n 
A 1 145 SER 145 145 145 SER SER A . n 
A 1 146 THR 146 146 146 THR THR A . n 
A 1 147 PRO 147 147 147 PRO PRO A . n 
A 1 148 ILE 148 148 148 ILE ILE A . n 
A 1 149 GLN 149 149 149 GLN GLN A . n 
A 1 150 ASP 150 150 150 ASP ASP A . n 
A 1 151 ASN 151 151 151 ASN ASN A . n 
A 1 152 PRO 152 152 152 PRO PRO A . n 
A 1 153 LEU 153 153 153 LEU LEU A . n 
A 1 154 MET 154 154 154 MET MET A . n 
A 1 155 GLU 155 155 155 GLU GLU A . n 
A 1 156 GLY 156 156 156 GLY GLY A . n 
A 1 157 LYS 157 157 157 LYS LYS A . n 
A 1 158 LYS 158 158 158 LYS LYS A . n 
A 1 159 PRO 159 159 159 PRO PRO A . n 
A 1 160 ILE 160 160 160 ILE ILE A . n 
A 1 161 LEU 161 161 161 LEU LEU A . n 
A 1 162 GLY 162 162 162 GLY GLY A . n 
A 1 163 LEU 163 163 163 LEU LEU A . n 
A 1 164 ASP 164 164 164 ASP ASP A . n 
A 1 165 VAL 165 165 165 VAL VAL A . n 
A 1 166 TRP 166 166 166 TRP TRP A . n 
A 1 167 GLU 167 167 167 GLU GLU A . n 
A 1 168 HIS 168 168 168 HIS HIS A . n 
A 1 169 ALA 169 169 169 ALA ALA A . n 
A 1 170 TYR 170 170 170 TYR TYR A . n 
A 1 171 TYR 171 171 171 TYR TYR A . n 
A 1 172 LEU 172 172 172 LEU LEU A . n 
A 1 173 LYS 173 173 173 LYS LYS A . n 
A 1 174 TYR 174 174 174 TYR TYR A . n 
A 1 175 GLN 175 175 175 GLN GLN A . n 
A 1 176 ASN 176 176 176 ASN ASN A . n 
A 1 177 LYS 177 177 177 LYS LYS A . n 
A 1 178 ARG 178 178 178 ARG ARG A . n 
A 1 179 PRO 179 179 179 PRO PRO A . n 
A 1 180 ASP 180 180 180 ASP ASP A . n 
A 1 181 TYR 181 181 181 TYR TYR A . n 
A 1 182 ILE 182 182 182 ILE ILE A . n 
A 1 183 SER 183 183 183 SER SER A . n 
A 1 184 ALA 184 184 184 ALA ALA A . n 
A 1 185 PHE 185 185 185 PHE PHE A . n 
A 1 186 TRP 186 186 186 TRP TRP A . n 
A 1 187 ASN 187 187 187 ASN ASN A . n 
A 1 188 VAL 188 188 188 VAL VAL A . n 
A 1 189 VAL 189 189 189 VAL VAL A . n 
A 1 190 ASN 190 190 190 ASN ASN A . n 
A 1 191 TRP 191 191 191 TRP TRP A . n 
A 1 192 ASP 192 192 192 ASP ASP A . n 
A 1 193 GLU 193 193 193 GLU GLU A . n 
A 1 194 VAL 194 194 194 VAL VAL A . n 
A 1 195 ALA 195 195 195 ALA ALA A . n 
A 1 196 ALA 196 196 196 ALA ALA A . n 
A 1 197 GLN 197 197 197 GLN GLN A . n 
A 1 198 TYR 198 198 198 TYR TYR A . n 
A 1 199 SER 199 199 199 SER SER A . n 
A 1 200 GLN 200 200 200 GLN GLN A . n 
A 1 201 ALA 201 201 201 ALA ALA A . n 
A 1 202 ALA 202 202 202 ALA ALA A . n 
# 
loop_
_pdbx_nonpoly_scheme.asym_id 
_pdbx_nonpoly_scheme.entity_id 
_pdbx_nonpoly_scheme.mon_id 
_pdbx_nonpoly_scheme.ndb_seq_num 
_pdbx_nonpoly_scheme.pdb_seq_num 
_pdbx_nonpoly_scheme.auth_seq_num 
_pdbx_nonpoly_scheme.pdb_mon_id 
_pdbx_nonpoly_scheme.auth_mon_id 
_pdbx_nonpoly_scheme.pdb_strand_id 
_pdbx_nonpoly_scheme.pdb_ins_code 
B 2 MN  1  204 204 MN  MN  A . 
C 3 ZN  1  205 205 ZN  ZN  A . 
D 4 HOH 1  206 1   HOH HOH A . 
D 4 HOH 2  207 2   HOH HOH A . 
D 4 HOH 3  208 3   HOH HOH A . 
D 4 HOH 4  209 4   HOH HOH A . 
D 4 HOH 5  210 5   HOH HOH A . 
D 4 HOH 6  211 6   HOH HOH A . 
D 4 HOH 7  212 7   HOH HOH A . 
D 4 HOH 8  213 8   HOH HOH A . 
D 4 HOH 9  214 9   HOH HOH A . 
D 4 HOH 10 215 10  HOH HOH A . 
D 4 HOH 11 216 11  HOH HOH A . 
D 4 HOH 12 217 12  HOH HOH A . 
D 4 HOH 13 218 13  HOH HOH A . 
D 4 HOH 14 219 14  HOH HOH A . 
D 4 HOH 15 220 15  HOH HOH A . 
D 4 HOH 16 221 16  HOH HOH A . 
D 4 HOH 17 222 17  HOH HOH A . 
D 4 HOH 18 223 18  HOH HOH A . 
D 4 HOH 19 224 19  HOH HOH A . 
D 4 HOH 20 225 20  HOH HOH A . 
D 4 HOH 21 226 21  HOH HOH A . 
D 4 HOH 22 227 22  HOH HOH A . 
D 4 HOH 23 228 23  HOH HOH A . 
D 4 HOH 24 229 24  HOH HOH A . 
D 4 HOH 25 230 25  HOH HOH A . 
D 4 HOH 26 231 26  HOH HOH A . 
D 4 HOH 27 232 27  HOH HOH A . 
D 4 HOH 28 233 28  HOH HOH A . 
D 4 HOH 29 234 29  HOH HOH A . 
D 4 HOH 30 235 30  HOH HOH A . 
D 4 HOH 31 236 31  HOH HOH A . 
D 4 HOH 32 237 32  HOH HOH A . 
D 4 HOH 33 238 33  HOH HOH A . 
D 4 HOH 34 239 34  HOH HOH A . 
D 4 HOH 35 240 35  HOH HOH A . 
D 4 HOH 36 241 36  HOH HOH A . 
D 4 HOH 37 242 37  HOH HOH A . 
D 4 HOH 38 243 38  HOH HOH A . 
D 4 HOH 39 244 39  HOH HOH A . 
D 4 HOH 40 245 40  HOH HOH A . 
D 4 HOH 41 246 41  HOH HOH A . 
D 4 HOH 42 247 42  HOH HOH A . 
D 4 HOH 43 248 43  HOH HOH A . 
D 4 HOH 44 249 44  HOH HOH A . 
D 4 HOH 45 250 45  HOH HOH A . 
D 4 HOH 46 251 46  HOH HOH A . 
D 4 HOH 47 252 47  HOH HOH A . 
D 4 HOH 48 253 48  HOH HOH A . 
D 4 HOH 49 254 49  HOH HOH A . 
D 4 HOH 50 255 50  HOH HOH A . 
D 4 HOH 51 256 51  HOH HOH A . 
D 4 HOH 52 257 52  HOH HOH A . 
D 4 HOH 53 258 53  HOH HOH A . 
D 4 HOH 54 259 54  HOH HOH A . 
D 4 HOH 55 260 55  HOH HOH A . 
D 4 HOH 56 261 56  HOH HOH A . 
D 4 HOH 57 262 57  HOH HOH A . 
D 4 HOH 58 263 58  HOH HOH A . 
D 4 HOH 59 264 59  HOH HOH A . 
D 4 HOH 60 265 60  HOH HOH A . 
D 4 HOH 61 266 61  HOH HOH A . 
D 4 HOH 62 267 62  HOH HOH A . 
D 4 HOH 63 268 63  HOH HOH A . 
# 
_pdbx_struct_assembly.id                   1 
_pdbx_struct_assembly.details              author_defined_assembly 
_pdbx_struct_assembly.method_details       ? 
_pdbx_struct_assembly.oligomeric_details   dimeric 
_pdbx_struct_assembly.oligomeric_count     2 
# 
_pdbx_struct_assembly_gen.assembly_id       1 
_pdbx_struct_assembly_gen.oper_expression   1,2 
_pdbx_struct_assembly_gen.asym_id_list      A,B,C,D 
# 
loop_
_pdbx_struct_oper_list.id 
_pdbx_struct_oper_list.type 
_pdbx_struct_oper_list.name 
_pdbx_struct_oper_list.symmetry_operation 
_pdbx_struct_oper_list.matrix[1][1] 
_pdbx_struct_oper_list.matrix[1][2] 
_pdbx_struct_oper_list.matrix[1][3] 
_pdbx_struct_oper_list.vector[1] 
_pdbx_struct_oper_list.matrix[2][1] 
_pdbx_struct_oper_list.matrix[2][2] 
_pdbx_struct_oper_list.matrix[2][3] 
_pdbx_struct_oper_list.vector[2] 
_pdbx_struct_oper_list.matrix[3][1] 
_pdbx_struct_oper_list.matrix[3][2] 
_pdbx_struct_oper_list.matrix[3][3] 
_pdbx_struct_oper_list.vector[3] 
1 'identity operation'         1_555 x,y,z    1.0000000000 0.0000000000 0.0000000000 0.0000000000  0.0000000000 1.0000000000  0.0000000000 0.0000000000   0.0000000000 0.0000000000 1.0000000000  0.0000000000  
2 'crystal symmetry operation' 7_556 y,x,-z+1 0.4620691973 0.4286714352 0.7763587171 12.5288172387 0.4286714352 -0.8743156619 0.2276245243 -26.4251582554 0.7763587171 0.2276245243 -0.5877535354 -9.0039399245 
# 
loop_
_pdbx_struct_conn_angle.id 
_pdbx_struct_conn_angle.ptnr1_label_atom_id 
_pdbx_struct_conn_angle.ptnr1_label_alt_id 
_pdbx_struct_conn_angle.ptnr1_label_asym_id 
_pdbx_struct_conn_angle.ptnr1_label_comp_id 
_pdbx_struct_conn_angle.ptnr1_label_seq_id 
_pdbx_struct_conn_angle.ptnr1_auth_atom_id 
_pdbx_struct_conn_angle.ptnr1_auth_asym_id 
_pdbx_struct_conn_angle.ptnr1_auth_comp_id 
_pdbx_struct_conn_angle.ptnr1_auth_seq_id 
_pdbx_struct_conn_angle.ptnr1_PDB_ins_code 
_pdbx_struct_conn_angle.ptnr1_symmetry 
_pdbx_struct_conn_angle.ptnr2_label_atom_id 
_pdbx_struct_conn_angle.ptnr2_label_alt_id 
_pdbx_struct_conn_angle.ptnr2_label_asym_id 
_pdbx_struct_conn_angle.ptnr2_label_comp_id 
_pdbx_struct_conn_angle.ptnr2_label_seq_id 
_pdbx_struct_conn_angle.ptnr2_auth_atom_id 
_pdbx_struct_conn_angle.ptnr2_auth_asym_id 
_pdbx_struct_conn_angle.ptnr2_auth_comp_id 
_pdbx_struct_conn_angle.ptnr2_auth_seq_id 
_pdbx_struct_conn_angle.ptnr2_PDB_ins_code 
_pdbx_struct_conn_angle.ptnr2_symmetry 
_pdbx_struct_conn_angle.ptnr3_label_atom_id 
_pdbx_struct_conn_angle.ptnr3_label_alt_id 
_pdbx_struct_conn_angle.ptnr3_label_asym_id 
_pdbx_struct_conn_angle.ptnr3_label_comp_id 
_pdbx_struct_conn_angle.ptnr3_label_seq_id 
_pdbx_struct_conn_angle.ptnr3_auth_atom_id 
_pdbx_struct_conn_angle.ptnr3_auth_asym_id 
_pdbx_struct_conn_angle.ptnr3_auth_comp_id 
_pdbx_struct_conn_angle.ptnr3_auth_seq_id 
_pdbx_struct_conn_angle.ptnr3_PDB_ins_code 
_pdbx_struct_conn_angle.ptnr3_symmetry 
_pdbx_struct_conn_angle.value 
_pdbx_struct_conn_angle.value_esd 
1  NE2 ? A HIS 27  ? A HIS 27  ? 1_555 MN ? B MN . ? A MN 204 ? 1_555 NE2 ? A HIS 82  ? A HIS 82  ? 1_555 85.2  ? 
2  NE2 ? A HIS 27  ? A HIS 27  ? 1_555 MN ? B MN . ? A MN 204 ? 1_555 OD2 ? A ASP 164 ? A ASP 164 ? 1_555 91.8  ? 
3  NE2 ? A HIS 82  ? A HIS 82  ? 1_555 MN ? B MN . ? A MN 204 ? 1_555 OD2 ? A ASP 164 ? A ASP 164 ? 1_555 76.7  ? 
4  NE2 ? A HIS 27  ? A HIS 27  ? 1_555 MN ? B MN . ? A MN 204 ? 1_555 NE2 ? A HIS 168 ? A HIS 168 ? 1_555 92.6  ? 
5  NE2 ? A HIS 82  ? A HIS 82  ? 1_555 MN ? B MN . ? A MN 204 ? 1_555 NE2 ? A HIS 168 ? A HIS 168 ? 1_555 146.4 ? 
6  OD2 ? A ASP 164 ? A ASP 164 ? 1_555 MN ? B MN . ? A MN 204 ? 1_555 NE2 ? A HIS 168 ? A HIS 168 ? 1_555 136.9 ? 
7  ND1 ? A HIS 46  ? A HIS 46  ? 1_555 ZN ? C ZN . ? A ZN 205 ? 1_555 OD1 ? A ASP 180 ? A ASP 180 ? 5_655 95.8  ? 
8  ND1 ? A HIS 46  ? A HIS 46  ? 1_555 ZN ? C ZN . ? A ZN 205 ? 1_555 OD2 ? A ASP 180 ? A ASP 180 ? 5_655 97.0  ? 
9  OD1 ? A ASP 180 ? A ASP 180 ? 5_655 ZN ? C ZN . ? A ZN 205 ? 1_555 OD2 ? A ASP 180 ? A ASP 180 ? 5_655 54.6  ? 
10 ND1 ? A HIS 46  ? A HIS 46  ? 1_555 ZN ? C ZN . ? A ZN 205 ? 1_555 O   ? D HOH .   ? A HOH 206 ? 1_555 129.8 ? 
11 OD1 ? A ASP 180 ? A ASP 180 ? 5_655 ZN ? C ZN . ? A ZN 205 ? 1_555 O   ? D HOH .   ? A HOH 206 ? 1_555 100.9 ? 
12 OD2 ? A ASP 180 ? A ASP 180 ? 5_655 ZN ? C ZN . ? A ZN 205 ? 1_555 O   ? D HOH .   ? A HOH 206 ? 1_555 131.0 ? 
13 ND1 ? A HIS 46  ? A HIS 46  ? 1_555 ZN ? C ZN . ? A ZN 205 ? 1_555 O   ? D HOH .   ? A HOH 207 ? 1_555 108.8 ? 
14 OD1 ? A ASP 180 ? A ASP 180 ? 5_655 ZN ? C ZN . ? A ZN 205 ? 1_555 O   ? D HOH .   ? A HOH 207 ? 1_555 147.9 ? 
15 OD2 ? A ASP 180 ? A ASP 180 ? 5_655 ZN ? C ZN . ? A ZN 205 ? 1_555 O   ? D HOH .   ? A HOH 207 ? 1_555 100.9 ? 
16 O   ? D HOH .   ? A HOH 206 ? 1_555 ZN ? C ZN . ? A ZN 205 ? 1_555 O   ? D HOH .   ? A HOH 207 ? 1_555 79.3  ? 
# 
loop_
_pdbx_audit_revision_history.ordinal 
_pdbx_audit_revision_history.data_content_type 
_pdbx_audit_revision_history.major_revision 
_pdbx_audit_revision_history.minor_revision 
_pdbx_audit_revision_history.revision_date 
1 'Structure model' 1 0 2002-08-14 
2 'Structure model' 1 1 2007-10-24 
3 'Structure model' 1 2 2011-07-13 
4 'Structure model' 1 3 2023-10-25 
# 
_pdbx_audit_revision_details.ordinal             1 
_pdbx_audit_revision_details.revision_ordinal    1 
_pdbx_audit_revision_details.data_content_type   'Structure model' 
_pdbx_audit_revision_details.provider            repository 
_pdbx_audit_revision_details.type                'Initial release' 
_pdbx_audit_revision_details.description         ? 
_pdbx_audit_revision_details.details             ? 
# 
loop_
_pdbx_audit_revision_group.ordinal 
_pdbx_audit_revision_group.revision_ordinal 
_pdbx_audit_revision_group.data_content_type 
_pdbx_audit_revision_group.group 
1 2 'Structure model' 'Version format compliance' 
2 3 'Structure model' 'Version format compliance' 
3 4 'Structure model' 'Data collection'           
4 4 'Structure model' 'Database references'       
5 4 'Structure model' 'Derived calculations'      
6 4 'Structure model' 'Refinement description'    
# 
loop_
_pdbx_audit_revision_category.ordinal 
_pdbx_audit_revision_category.revision_ordinal 
_pdbx_audit_revision_category.data_content_type 
_pdbx_audit_revision_category.category 
1 4 'Structure model' chem_comp_atom                
2 4 'Structure model' chem_comp_bond                
3 4 'Structure model' database_2                    
4 4 'Structure model' pdbx_initial_refinement_model 
5 4 'Structure model' pdbx_struct_conn_angle        
6 4 'Structure model' struct_conn                   
7 4 'Structure model' struct_site                   
# 
loop_
_pdbx_audit_revision_item.ordinal 
_pdbx_audit_revision_item.revision_ordinal 
_pdbx_audit_revision_item.data_content_type 
_pdbx_audit_revision_item.item 
1  4 'Structure model' '_database_2.pdbx_DOI'                        
2  4 'Structure model' '_database_2.pdbx_database_accession'         
3  4 'Structure model' '_pdbx_struct_conn_angle.ptnr1_auth_comp_id'  
4  4 'Structure model' '_pdbx_struct_conn_angle.ptnr1_auth_seq_id'   
5  4 'Structure model' '_pdbx_struct_conn_angle.ptnr1_label_asym_id' 
6  4 'Structure model' '_pdbx_struct_conn_angle.ptnr1_label_atom_id' 
7  4 'Structure model' '_pdbx_struct_conn_angle.ptnr1_label_comp_id' 
8  4 'Structure model' '_pdbx_struct_conn_angle.ptnr1_label_seq_id'  
9  4 'Structure model' '_pdbx_struct_conn_angle.ptnr1_symmetry'      
10 4 'Structure model' '_pdbx_struct_conn_angle.ptnr3_auth_comp_id'  
11 4 'Structure model' '_pdbx_struct_conn_angle.ptnr3_auth_seq_id'   
12 4 'Structure model' '_pdbx_struct_conn_angle.ptnr3_label_asym_id' 
13 4 'Structure model' '_pdbx_struct_conn_angle.ptnr3_label_atom_id' 
14 4 'Structure model' '_pdbx_struct_conn_angle.ptnr3_label_comp_id' 
15 4 'Structure model' '_pdbx_struct_conn_angle.ptnr3_label_seq_id'  
16 4 'Structure model' '_pdbx_struct_conn_angle.ptnr3_symmetry'      
17 4 'Structure model' '_pdbx_struct_conn_angle.value'               
18 4 'Structure model' '_struct_conn.pdbx_dist_value'                
19 4 'Structure model' '_struct_conn.ptnr1_auth_comp_id'             
20 4 'Structure model' '_struct_conn.ptnr1_auth_seq_id'              
21 4 'Structure model' '_struct_conn.ptnr1_label_asym_id'            
22 4 'Structure model' '_struct_conn.ptnr1_label_atom_id'            
23 4 'Structure model' '_struct_conn.ptnr1_label_comp_id'            
24 4 'Structure model' '_struct_conn.ptnr1_label_seq_id'             
25 4 'Structure model' '_struct_conn.ptnr1_symmetry'                 
26 4 'Structure model' '_struct_conn.ptnr2_auth_comp_id'             
27 4 'Structure model' '_struct_conn.ptnr2_auth_seq_id'              
28 4 'Structure model' '_struct_conn.ptnr2_label_asym_id'            
29 4 'Structure model' '_struct_conn.ptnr2_label_atom_id'            
30 4 'Structure model' '_struct_conn.ptnr2_label_comp_id'            
31 4 'Structure model' '_struct_conn.ptnr2_label_seq_id'             
32 4 'Structure model' '_struct_conn.ptnr2_symmetry'                 
33 4 'Structure model' '_struct_site.pdbx_auth_asym_id'              
34 4 'Structure model' '_struct_site.pdbx_auth_comp_id'              
35 4 'Structure model' '_struct_site.pdbx_auth_seq_id'               
# 
loop_
_software.name 
_software.classification 
_software.version 
_software.citation_id 
_software.pdbx_ordinal 
DENZO     'data reduction' .   ? 1 
SCALEPACK 'data scaling'   .   ? 2 
AMoRE     phasing          .   ? 3 
CNS       refinement       1.0 ? 4 
# 
_pdbx_entry_details.entry_id                 1JR9 
_pdbx_entry_details.compound_details         ? 
_pdbx_entry_details.source_details           ? 
_pdbx_entry_details.nonpolymer_details       ? 
_pdbx_entry_details.sequence_details         
;A sequence database reference for this protein does
 not currently exist.
;
_pdbx_entry_details.has_ligand_of_interest   ? 
# 
_pdbx_validate_rmsd_angle.id                         1 
_pdbx_validate_rmsd_angle.PDB_model_num              1 
_pdbx_validate_rmsd_angle.auth_atom_id_1             NE 
_pdbx_validate_rmsd_angle.auth_asym_id_1             A 
_pdbx_validate_rmsd_angle.auth_comp_id_1             ARG 
_pdbx_validate_rmsd_angle.auth_seq_id_1              126 
_pdbx_validate_rmsd_angle.PDB_ins_code_1             ? 
_pdbx_validate_rmsd_angle.label_alt_id_1             ? 
_pdbx_validate_rmsd_angle.auth_atom_id_2             CZ 
_pdbx_validate_rmsd_angle.auth_asym_id_2             A 
_pdbx_validate_rmsd_angle.auth_comp_id_2             ARG 
_pdbx_validate_rmsd_angle.auth_seq_id_2              126 
_pdbx_validate_rmsd_angle.PDB_ins_code_2             ? 
_pdbx_validate_rmsd_angle.label_alt_id_2             ? 
_pdbx_validate_rmsd_angle.auth_atom_id_3             NH2 
_pdbx_validate_rmsd_angle.auth_asym_id_3             A 
_pdbx_validate_rmsd_angle.auth_comp_id_3             ARG 
_pdbx_validate_rmsd_angle.auth_seq_id_3              126 
_pdbx_validate_rmsd_angle.PDB_ins_code_3             ? 
_pdbx_validate_rmsd_angle.label_alt_id_3             ? 
_pdbx_validate_rmsd_angle.angle_value                124.00 
_pdbx_validate_rmsd_angle.angle_target_value         120.30 
_pdbx_validate_rmsd_angle.angle_deviation            3.70 
_pdbx_validate_rmsd_angle.angle_standard_deviation   0.50 
_pdbx_validate_rmsd_angle.linker_flag                N 
# 
loop_
_pdbx_validate_torsion.id 
_pdbx_validate_torsion.PDB_model_num 
_pdbx_validate_torsion.auth_comp_id 
_pdbx_validate_torsion.auth_asym_id 
_pdbx_validate_torsion.auth_seq_id 
_pdbx_validate_torsion.PDB_ins_code 
_pdbx_validate_torsion.label_alt_id 
_pdbx_validate_torsion.phi 
_pdbx_validate_torsion.psi 
1  1 PRO A 9   ? ? -62.59  4.11    
2  1 LEU A 15  ? ? -152.85 11.54   
3  1 THR A 18  ? ? -73.12  -73.30  
4  1 LYS A 21  ? ? -37.35  -34.06  
5  1 LYS A 30  ? ? -115.67 -86.53  
6  1 HIS A 31  ? ? -44.34  -75.14  
7  1 LEU A 39  ? ? -63.41  -70.90  
8  1 GLU A 47  ? ? -35.83  -74.92  
9  1 LYS A 50  ? ? -51.89  -5.00   
10 1 SER A 59  ? ? -51.83  -78.92  
11 1 ARG A 73  ? ? -73.97  -79.23  
12 1 LEU A 88  ? ? -93.31  38.95   
13 1 SER A 90  ? ? -172.37 138.87  
14 1 LYS A 108 ? ? -62.25  -96.07  
15 1 VAL A 135 ? ? -56.06  175.34  
16 1 ASN A 138 ? ? 76.10   -131.86 
17 1 ILE A 148 ? ? 40.51   -121.53 
18 1 ILE A 160 ? ? -146.26 -10.75  
19 1 TYR A 170 ? ? -160.21 -15.15  
20 1 GLN A 175 ? ? 49.82   -122.79 
21 1 ALA A 201 ? ? -48.29  -70.05  
# 
loop_
_pdbx_unobs_or_zero_occ_atoms.id 
_pdbx_unobs_or_zero_occ_atoms.PDB_model_num 
_pdbx_unobs_or_zero_occ_atoms.polymer_flag 
_pdbx_unobs_or_zero_occ_atoms.occupancy_flag 
_pdbx_unobs_or_zero_occ_atoms.auth_asym_id 
_pdbx_unobs_or_zero_occ_atoms.auth_comp_id 
_pdbx_unobs_or_zero_occ_atoms.auth_seq_id 
_pdbx_unobs_or_zero_occ_atoms.PDB_ins_code 
_pdbx_unobs_or_zero_occ_atoms.auth_atom_id 
_pdbx_unobs_or_zero_occ_atoms.label_alt_id 
_pdbx_unobs_or_zero_occ_atoms.label_asym_id 
_pdbx_unobs_or_zero_occ_atoms.label_comp_id 
_pdbx_unobs_or_zero_occ_atoms.label_seq_id 
_pdbx_unobs_or_zero_occ_atoms.label_atom_id 
1  1 Y 1 A LYS 2   ? CD  ? A LYS 2   CD  
2  1 Y 1 A LYS 2   ? CE  ? A LYS 2   CE  
3  1 Y 1 A LYS 2   ? NZ  ? A LYS 2   NZ  
4  1 Y 1 A LYS 108 ? CB  ? A LYS 108 CB  
5  1 Y 1 A LYS 108 ? CG  ? A LYS 108 CG  
6  1 Y 1 A LYS 108 ? CD  ? A LYS 108 CD  
7  1 Y 1 A LYS 108 ? CE  ? A LYS 108 CE  
8  1 Y 1 A LYS 108 ? NZ  ? A LYS 108 NZ  
9  1 Y 1 A LYS 114 ? CB  ? A LYS 114 CB  
10 1 Y 1 A LYS 114 ? CG  ? A LYS 114 CG  
11 1 Y 1 A LYS 114 ? CD  ? A LYS 114 CD  
12 1 Y 1 A LYS 114 ? CE  ? A LYS 114 CE  
13 1 Y 1 A LYS 114 ? NZ  ? A LYS 114 NZ  
14 1 Y 1 A ASN 138 ? CB  ? A ASN 138 CB  
15 1 Y 1 A ASN 138 ? CG  ? A ASN 138 CG  
16 1 Y 1 A ASN 138 ? OD1 ? A ASN 138 OD1 
17 1 Y 1 A ASN 138 ? ND2 ? A ASN 138 ND2 
# 
_pdbx_unobs_or_zero_occ_residues.id               1 
_pdbx_unobs_or_zero_occ_residues.PDB_model_num    1 
_pdbx_unobs_or_zero_occ_residues.polymer_flag     Y 
_pdbx_unobs_or_zero_occ_residues.occupancy_flag   1 
_pdbx_unobs_or_zero_occ_residues.auth_asym_id     A 
_pdbx_unobs_or_zero_occ_residues.auth_comp_id     ALA 
_pdbx_unobs_or_zero_occ_residues.auth_seq_id      1 
_pdbx_unobs_or_zero_occ_residues.PDB_ins_code     ? 
_pdbx_unobs_or_zero_occ_residues.label_asym_id    A 
_pdbx_unobs_or_zero_occ_residues.label_comp_id    ALA 
_pdbx_unobs_or_zero_occ_residues.label_seq_id     1 
# 
loop_
_chem_comp_atom.comp_id 
_chem_comp_atom.atom_id 
_chem_comp_atom.type_symbol 
_chem_comp_atom.pdbx_aromatic_flag 
_chem_comp_atom.pdbx_stereo_config 
_chem_comp_atom.pdbx_ordinal 
ALA N    N  N N 1   
ALA CA   C  N S 2   
ALA C    C  N N 3   
ALA O    O  N N 4   
ALA CB   C  N N 5   
ALA OXT  O  N N 6   
ALA H    H  N N 7   
ALA H2   H  N N 8   
ALA HA   H  N N 9   
ALA HB1  H  N N 10  
ALA HB2  H  N N 11  
ALA HB3  H  N N 12  
ALA HXT  H  N N 13  
ARG N    N  N N 14  
ARG CA   C  N S 15  
ARG C    C  N N 16  
ARG O    O  N N 17  
ARG CB   C  N N 18  
ARG CG   C  N N 19  
ARG CD   C  N N 20  
ARG NE   N  N N 21  
ARG CZ   C  N N 22  
ARG NH1  N  N N 23  
ARG NH2  N  N N 24  
ARG OXT  O  N N 25  
ARG H    H  N N 26  
ARG H2   H  N N 27  
ARG HA   H  N N 28  
ARG HB2  H  N N 29  
ARG HB3  H  N N 30  
ARG HG2  H  N N 31  
ARG HG3  H  N N 32  
ARG HD2  H  N N 33  
ARG HD3  H  N N 34  
ARG HE   H  N N 35  
ARG HH11 H  N N 36  
ARG HH12 H  N N 37  
ARG HH21 H  N N 38  
ARG HH22 H  N N 39  
ARG HXT  H  N N 40  
ASN N    N  N N 41  
ASN CA   C  N S 42  
ASN C    C  N N 43  
ASN O    O  N N 44  
ASN CB   C  N N 45  
ASN CG   C  N N 46  
ASN OD1  O  N N 47  
ASN ND2  N  N N 48  
ASN OXT  O  N N 49  
ASN H    H  N N 50  
ASN H2   H  N N 51  
ASN HA   H  N N 52  
ASN HB2  H  N N 53  
ASN HB3  H  N N 54  
ASN HD21 H  N N 55  
ASN HD22 H  N N 56  
ASN HXT  H  N N 57  
ASP N    N  N N 58  
ASP CA   C  N S 59  
ASP C    C  N N 60  
ASP O    O  N N 61  
ASP CB   C  N N 62  
ASP CG   C  N N 63  
ASP OD1  O  N N 64  
ASP OD2  O  N N 65  
ASP OXT  O  N N 66  
ASP H    H  N N 67  
ASP H2   H  N N 68  
ASP HA   H  N N 69  
ASP HB2  H  N N 70  
ASP HB3  H  N N 71  
ASP HD2  H  N N 72  
ASP HXT  H  N N 73  
GLN N    N  N N 74  
GLN CA   C  N S 75  
GLN C    C  N N 76  
GLN O    O  N N 77  
GLN CB   C  N N 78  
GLN CG   C  N N 79  
GLN CD   C  N N 80  
GLN OE1  O  N N 81  
GLN NE2  N  N N 82  
GLN OXT  O  N N 83  
GLN H    H  N N 84  
GLN H2   H  N N 85  
GLN HA   H  N N 86  
GLN HB2  H  N N 87  
GLN HB3  H  N N 88  
GLN HG2  H  N N 89  
GLN HG3  H  N N 90  
GLN HE21 H  N N 91  
GLN HE22 H  N N 92  
GLN HXT  H  N N 93  
GLU N    N  N N 94  
GLU CA   C  N S 95  
GLU C    C  N N 96  
GLU O    O  N N 97  
GLU CB   C  N N 98  
GLU CG   C  N N 99  
GLU CD   C  N N 100 
GLU OE1  O  N N 101 
GLU OE2  O  N N 102 
GLU OXT  O  N N 103 
GLU H    H  N N 104 
GLU H2   H  N N 105 
GLU HA   H  N N 106 
GLU HB2  H  N N 107 
GLU HB3  H  N N 108 
GLU HG2  H  N N 109 
GLU HG3  H  N N 110 
GLU HE2  H  N N 111 
GLU HXT  H  N N 112 
GLY N    N  N N 113 
GLY CA   C  N N 114 
GLY C    C  N N 115 
GLY O    O  N N 116 
GLY OXT  O  N N 117 
GLY H    H  N N 118 
GLY H2   H  N N 119 
GLY HA2  H  N N 120 
GLY HA3  H  N N 121 
GLY HXT  H  N N 122 
HIS N    N  N N 123 
HIS CA   C  N S 124 
HIS C    C  N N 125 
HIS O    O  N N 126 
HIS CB   C  N N 127 
HIS CG   C  Y N 128 
HIS ND1  N  Y N 129 
HIS CD2  C  Y N 130 
HIS CE1  C  Y N 131 
HIS NE2  N  Y N 132 
HIS OXT  O  N N 133 
HIS H    H  N N 134 
HIS H2   H  N N 135 
HIS HA   H  N N 136 
HIS HB2  H  N N 137 
HIS HB3  H  N N 138 
HIS HD1  H  N N 139 
HIS HD2  H  N N 140 
HIS HE1  H  N N 141 
HIS HE2  H  N N 142 
HIS HXT  H  N N 143 
HOH O    O  N N 144 
HOH H1   H  N N 145 
HOH H2   H  N N 146 
ILE N    N  N N 147 
ILE CA   C  N S 148 
ILE C    C  N N 149 
ILE O    O  N N 150 
ILE CB   C  N S 151 
ILE CG1  C  N N 152 
ILE CG2  C  N N 153 
ILE CD1  C  N N 154 
ILE OXT  O  N N 155 
ILE H    H  N N 156 
ILE H2   H  N N 157 
ILE HA   H  N N 158 
ILE HB   H  N N 159 
ILE HG12 H  N N 160 
ILE HG13 H  N N 161 
ILE HG21 H  N N 162 
ILE HG22 H  N N 163 
ILE HG23 H  N N 164 
ILE HD11 H  N N 165 
ILE HD12 H  N N 166 
ILE HD13 H  N N 167 
ILE HXT  H  N N 168 
LEU N    N  N N 169 
LEU CA   C  N S 170 
LEU C    C  N N 171 
LEU O    O  N N 172 
LEU CB   C  N N 173 
LEU CG   C  N N 174 
LEU CD1  C  N N 175 
LEU CD2  C  N N 176 
LEU OXT  O  N N 177 
LEU H    H  N N 178 
LEU H2   H  N N 179 
LEU HA   H  N N 180 
LEU HB2  H  N N 181 
LEU HB3  H  N N 182 
LEU HG   H  N N 183 
LEU HD11 H  N N 184 
LEU HD12 H  N N 185 
LEU HD13 H  N N 186 
LEU HD21 H  N N 187 
LEU HD22 H  N N 188 
LEU HD23 H  N N 189 
LEU HXT  H  N N 190 
LYS N    N  N N 191 
LYS CA   C  N S 192 
LYS C    C  N N 193 
LYS O    O  N N 194 
LYS CB   C  N N 195 
LYS CG   C  N N 196 
LYS CD   C  N N 197 
LYS CE   C  N N 198 
LYS NZ   N  N N 199 
LYS OXT  O  N N 200 
LYS H    H  N N 201 
LYS H2   H  N N 202 
LYS HA   H  N N 203 
LYS HB2  H  N N 204 
LYS HB3  H  N N 205 
LYS HG2  H  N N 206 
LYS HG3  H  N N 207 
LYS HD2  H  N N 208 
LYS HD3  H  N N 209 
LYS HE2  H  N N 210 
LYS HE3  H  N N 211 
LYS HZ1  H  N N 212 
LYS HZ2  H  N N 213 
LYS HZ3  H  N N 214 
LYS HXT  H  N N 215 
MET N    N  N N 216 
MET CA   C  N S 217 
MET C    C  N N 218 
MET O    O  N N 219 
MET CB   C  N N 220 
MET CG   C  N N 221 
MET SD   S  N N 222 
MET CE   C  N N 223 
MET OXT  O  N N 224 
MET H    H  N N 225 
MET H2   H  N N 226 
MET HA   H  N N 227 
MET HB2  H  N N 228 
MET HB3  H  N N 229 
MET HG2  H  N N 230 
MET HG3  H  N N 231 
MET HE1  H  N N 232 
MET HE2  H  N N 233 
MET HE3  H  N N 234 
MET HXT  H  N N 235 
MN  MN   MN N N 236 
PHE N    N  N N 237 
PHE CA   C  N S 238 
PHE C    C  N N 239 
PHE O    O  N N 240 
PHE CB   C  N N 241 
PHE CG   C  Y N 242 
PHE CD1  C  Y N 243 
PHE CD2  C  Y N 244 
PHE CE1  C  Y N 245 
PHE CE2  C  Y N 246 
PHE CZ   C  Y N 247 
PHE OXT  O  N N 248 
PHE H    H  N N 249 
PHE H2   H  N N 250 
PHE HA   H  N N 251 
PHE HB2  H  N N 252 
PHE HB3  H  N N 253 
PHE HD1  H  N N 254 
PHE HD2  H  N N 255 
PHE HE1  H  N N 256 
PHE HE2  H  N N 257 
PHE HZ   H  N N 258 
PHE HXT  H  N N 259 
PRO N    N  N N 260 
PRO CA   C  N S 261 
PRO C    C  N N 262 
PRO O    O  N N 263 
PRO CB   C  N N 264 
PRO CG   C  N N 265 
PRO CD   C  N N 266 
PRO OXT  O  N N 267 
PRO H    H  N N 268 
PRO HA   H  N N 269 
PRO HB2  H  N N 270 
PRO HB3  H  N N 271 
PRO HG2  H  N N 272 
PRO HG3  H  N N 273 
PRO HD2  H  N N 274 
PRO HD3  H  N N 275 
PRO HXT  H  N N 276 
SER N    N  N N 277 
SER CA   C  N S 278 
SER C    C  N N 279 
SER O    O  N N 280 
SER CB   C  N N 281 
SER OG   O  N N 282 
SER OXT  O  N N 283 
SER H    H  N N 284 
SER H2   H  N N 285 
SER HA   H  N N 286 
SER HB2  H  N N 287 
SER HB3  H  N N 288 
SER HG   H  N N 289 
SER HXT  H  N N 290 
THR N    N  N N 291 
THR CA   C  N S 292 
THR C    C  N N 293 
THR O    O  N N 294 
THR CB   C  N R 295 
THR OG1  O  N N 296 
THR CG2  C  N N 297 
THR OXT  O  N N 298 
THR H    H  N N 299 
THR H2   H  N N 300 
THR HA   H  N N 301 
THR HB   H  N N 302 
THR HG1  H  N N 303 
THR HG21 H  N N 304 
THR HG22 H  N N 305 
THR HG23 H  N N 306 
THR HXT  H  N N 307 
TRP N    N  N N 308 
TRP CA   C  N S 309 
TRP C    C  N N 310 
TRP O    O  N N 311 
TRP CB   C  N N 312 
TRP CG   C  Y N 313 
TRP CD1  C  Y N 314 
TRP CD2  C  Y N 315 
TRP NE1  N  Y N 316 
TRP CE2  C  Y N 317 
TRP CE3  C  Y N 318 
TRP CZ2  C  Y N 319 
TRP CZ3  C  Y N 320 
TRP CH2  C  Y N 321 
TRP OXT  O  N N 322 
TRP H    H  N N 323 
TRP H2   H  N N 324 
TRP HA   H  N N 325 
TRP HB2  H  N N 326 
TRP HB3  H  N N 327 
TRP HD1  H  N N 328 
TRP HE1  H  N N 329 
TRP HE3  H  N N 330 
TRP HZ2  H  N N 331 
TRP HZ3  H  N N 332 
TRP HH2  H  N N 333 
TRP HXT  H  N N 334 
TYR N    N  N N 335 
TYR CA   C  N S 336 
TYR C    C  N N 337 
TYR O    O  N N 338 
TYR CB   C  N N 339 
TYR CG   C  Y N 340 
TYR CD1  C  Y N 341 
TYR CD2  C  Y N 342 
TYR CE1  C  Y N 343 
TYR CE2  C  Y N 344 
TYR CZ   C  Y N 345 
TYR OH   O  N N 346 
TYR OXT  O  N N 347 
TYR H    H  N N 348 
TYR H2   H  N N 349 
TYR HA   H  N N 350 
TYR HB2  H  N N 351 
TYR HB3  H  N N 352 
TYR HD1  H  N N 353 
TYR HD2  H  N N 354 
TYR HE1  H  N N 355 
TYR HE2  H  N N 356 
TYR HH   H  N N 357 
TYR HXT  H  N N 358 
VAL N    N  N N 359 
VAL CA   C  N S 360 
VAL C    C  N N 361 
VAL O    O  N N 362 
VAL CB   C  N N 363 
VAL CG1  C  N N 364 
VAL CG2  C  N N 365 
VAL OXT  O  N N 366 
VAL H    H  N N 367 
VAL H2   H  N N 368 
VAL HA   H  N N 369 
VAL HB   H  N N 370 
VAL HG11 H  N N 371 
VAL HG12 H  N N 372 
VAL HG13 H  N N 373 
VAL HG21 H  N N 374 
VAL HG22 H  N N 375 
VAL HG23 H  N N 376 
VAL HXT  H  N N 377 
ZN  ZN   ZN N N 378 
# 
loop_
_chem_comp_bond.comp_id 
_chem_comp_bond.atom_id_1 
_chem_comp_bond.atom_id_2 
_chem_comp_bond.value_order 
_chem_comp_bond.pdbx_aromatic_flag 
_chem_comp_bond.pdbx_stereo_config 
_chem_comp_bond.pdbx_ordinal 
ALA N   CA   sing N N 1   
ALA N   H    sing N N 2   
ALA N   H2   sing N N 3   
ALA CA  C    sing N N 4   
ALA CA  CB   sing N N 5   
ALA CA  HA   sing N N 6   
ALA C   O    doub N N 7   
ALA C   OXT  sing N N 8   
ALA CB  HB1  sing N N 9   
ALA CB  HB2  sing N N 10  
ALA CB  HB3  sing N N 11  
ALA OXT HXT  sing N N 12  
ARG N   CA   sing N N 13  
ARG N   H    sing N N 14  
ARG N   H2   sing N N 15  
ARG CA  C    sing N N 16  
ARG CA  CB   sing N N 17  
ARG CA  HA   sing N N 18  
ARG C   O    doub N N 19  
ARG C   OXT  sing N N 20  
ARG CB  CG   sing N N 21  
ARG CB  HB2  sing N N 22  
ARG CB  HB3  sing N N 23  
ARG CG  CD   sing N N 24  
ARG CG  HG2  sing N N 25  
ARG CG  HG3  sing N N 26  
ARG CD  NE   sing N N 27  
ARG CD  HD2  sing N N 28  
ARG CD  HD3  sing N N 29  
ARG NE  CZ   sing N N 30  
ARG NE  HE   sing N N 31  
ARG CZ  NH1  sing N N 32  
ARG CZ  NH2  doub N N 33  
ARG NH1 HH11 sing N N 34  
ARG NH1 HH12 sing N N 35  
ARG NH2 HH21 sing N N 36  
ARG NH2 HH22 sing N N 37  
ARG OXT HXT  sing N N 38  
ASN N   CA   sing N N 39  
ASN N   H    sing N N 40  
ASN N   H2   sing N N 41  
ASN CA  C    sing N N 42  
ASN CA  CB   sing N N 43  
ASN CA  HA   sing N N 44  
ASN C   O    doub N N 45  
ASN C   OXT  sing N N 46  
ASN CB  CG   sing N N 47  
ASN CB  HB2  sing N N 48  
ASN CB  HB3  sing N N 49  
ASN CG  OD1  doub N N 50  
ASN CG  ND2  sing N N 51  
ASN ND2 HD21 sing N N 52  
ASN ND2 HD22 sing N N 53  
ASN OXT HXT  sing N N 54  
ASP N   CA   sing N N 55  
ASP N   H    sing N N 56  
ASP N   H2   sing N N 57  
ASP CA  C    sing N N 58  
ASP CA  CB   sing N N 59  
ASP CA  HA   sing N N 60  
ASP C   O    doub N N 61  
ASP C   OXT  sing N N 62  
ASP CB  CG   sing N N 63  
ASP CB  HB2  sing N N 64  
ASP CB  HB3  sing N N 65  
ASP CG  OD1  doub N N 66  
ASP CG  OD2  sing N N 67  
ASP OD2 HD2  sing N N 68  
ASP OXT HXT  sing N N 69  
GLN N   CA   sing N N 70  
GLN N   H    sing N N 71  
GLN N   H2   sing N N 72  
GLN CA  C    sing N N 73  
GLN CA  CB   sing N N 74  
GLN CA  HA   sing N N 75  
GLN C   O    doub N N 76  
GLN C   OXT  sing N N 77  
GLN CB  CG   sing N N 78  
GLN CB  HB2  sing N N 79  
GLN CB  HB3  sing N N 80  
GLN CG  CD   sing N N 81  
GLN CG  HG2  sing N N 82  
GLN CG  HG3  sing N N 83  
GLN CD  OE1  doub N N 84  
GLN CD  NE2  sing N N 85  
GLN NE2 HE21 sing N N 86  
GLN NE2 HE22 sing N N 87  
GLN OXT HXT  sing N N 88  
GLU N   CA   sing N N 89  
GLU N   H    sing N N 90  
GLU N   H2   sing N N 91  
GLU CA  C    sing N N 92  
GLU CA  CB   sing N N 93  
GLU CA  HA   sing N N 94  
GLU C   O    doub N N 95  
GLU C   OXT  sing N N 96  
GLU CB  CG   sing N N 97  
GLU CB  HB2  sing N N 98  
GLU CB  HB3  sing N N 99  
GLU CG  CD   sing N N 100 
GLU CG  HG2  sing N N 101 
GLU CG  HG3  sing N N 102 
GLU CD  OE1  doub N N 103 
GLU CD  OE2  sing N N 104 
GLU OE2 HE2  sing N N 105 
GLU OXT HXT  sing N N 106 
GLY N   CA   sing N N 107 
GLY N   H    sing N N 108 
GLY N   H2   sing N N 109 
GLY CA  C    sing N N 110 
GLY CA  HA2  sing N N 111 
GLY CA  HA3  sing N N 112 
GLY C   O    doub N N 113 
GLY C   OXT  sing N N 114 
GLY OXT HXT  sing N N 115 
HIS N   CA   sing N N 116 
HIS N   H    sing N N 117 
HIS N   H2   sing N N 118 
HIS CA  C    sing N N 119 
HIS CA  CB   sing N N 120 
HIS CA  HA   sing N N 121 
HIS C   O    doub N N 122 
HIS C   OXT  sing N N 123 
HIS CB  CG   sing N N 124 
HIS CB  HB2  sing N N 125 
HIS CB  HB3  sing N N 126 
HIS CG  ND1  sing Y N 127 
HIS CG  CD2  doub Y N 128 
HIS ND1 CE1  doub Y N 129 
HIS ND1 HD1  sing N N 130 
HIS CD2 NE2  sing Y N 131 
HIS CD2 HD2  sing N N 132 
HIS CE1 NE2  sing Y N 133 
HIS CE1 HE1  sing N N 134 
HIS NE2 HE2  sing N N 135 
HIS OXT HXT  sing N N 136 
HOH O   H1   sing N N 137 
HOH O   H2   sing N N 138 
ILE N   CA   sing N N 139 
ILE N   H    sing N N 140 
ILE N   H2   sing N N 141 
ILE CA  C    sing N N 142 
ILE CA  CB   sing N N 143 
ILE CA  HA   sing N N 144 
ILE C   O    doub N N 145 
ILE C   OXT  sing N N 146 
ILE CB  CG1  sing N N 147 
ILE CB  CG2  sing N N 148 
ILE CB  HB   sing N N 149 
ILE CG1 CD1  sing N N 150 
ILE CG1 HG12 sing N N 151 
ILE CG1 HG13 sing N N 152 
ILE CG2 HG21 sing N N 153 
ILE CG2 HG22 sing N N 154 
ILE CG2 HG23 sing N N 155 
ILE CD1 HD11 sing N N 156 
ILE CD1 HD12 sing N N 157 
ILE CD1 HD13 sing N N 158 
ILE OXT HXT  sing N N 159 
LEU N   CA   sing N N 160 
LEU N   H    sing N N 161 
LEU N   H2   sing N N 162 
LEU CA  C    sing N N 163 
LEU CA  CB   sing N N 164 
LEU CA  HA   sing N N 165 
LEU C   O    doub N N 166 
LEU C   OXT  sing N N 167 
LEU CB  CG   sing N N 168 
LEU CB  HB2  sing N N 169 
LEU CB  HB3  sing N N 170 
LEU CG  CD1  sing N N 171 
LEU CG  CD2  sing N N 172 
LEU CG  HG   sing N N 173 
LEU CD1 HD11 sing N N 174 
LEU CD1 HD12 sing N N 175 
LEU CD1 HD13 sing N N 176 
LEU CD2 HD21 sing N N 177 
LEU CD2 HD22 sing N N 178 
LEU CD2 HD23 sing N N 179 
LEU OXT HXT  sing N N 180 
LYS N   CA   sing N N 181 
LYS N   H    sing N N 182 
LYS N   H2   sing N N 183 
LYS CA  C    sing N N 184 
LYS CA  CB   sing N N 185 
LYS CA  HA   sing N N 186 
LYS C   O    doub N N 187 
LYS C   OXT  sing N N 188 
LYS CB  CG   sing N N 189 
LYS CB  HB2  sing N N 190 
LYS CB  HB3  sing N N 191 
LYS CG  CD   sing N N 192 
LYS CG  HG2  sing N N 193 
LYS CG  HG3  sing N N 194 
LYS CD  CE   sing N N 195 
LYS CD  HD2  sing N N 196 
LYS CD  HD3  sing N N 197 
LYS CE  NZ   sing N N 198 
LYS CE  HE2  sing N N 199 
LYS CE  HE3  sing N N 200 
LYS NZ  HZ1  sing N N 201 
LYS NZ  HZ2  sing N N 202 
LYS NZ  HZ3  sing N N 203 
LYS OXT HXT  sing N N 204 
MET N   CA   sing N N 205 
MET N   H    sing N N 206 
MET N   H2   sing N N 207 
MET CA  C    sing N N 208 
MET CA  CB   sing N N 209 
MET CA  HA   sing N N 210 
MET C   O    doub N N 211 
MET C   OXT  sing N N 212 
MET CB  CG   sing N N 213 
MET CB  HB2  sing N N 214 
MET CB  HB3  sing N N 215 
MET CG  SD   sing N N 216 
MET CG  HG2  sing N N 217 
MET CG  HG3  sing N N 218 
MET SD  CE   sing N N 219 
MET CE  HE1  sing N N 220 
MET CE  HE2  sing N N 221 
MET CE  HE3  sing N N 222 
MET OXT HXT  sing N N 223 
PHE N   CA   sing N N 224 
PHE N   H    sing N N 225 
PHE N   H2   sing N N 226 
PHE CA  C    sing N N 227 
PHE CA  CB   sing N N 228 
PHE CA  HA   sing N N 229 
PHE C   O    doub N N 230 
PHE C   OXT  sing N N 231 
PHE CB  CG   sing N N 232 
PHE CB  HB2  sing N N 233 
PHE CB  HB3  sing N N 234 
PHE CG  CD1  doub Y N 235 
PHE CG  CD2  sing Y N 236 
PHE CD1 CE1  sing Y N 237 
PHE CD1 HD1  sing N N 238 
PHE CD2 CE2  doub Y N 239 
PHE CD2 HD2  sing N N 240 
PHE CE1 CZ   doub Y N 241 
PHE CE1 HE1  sing N N 242 
PHE CE2 CZ   sing Y N 243 
PHE CE2 HE2  sing N N 244 
PHE CZ  HZ   sing N N 245 
PHE OXT HXT  sing N N 246 
PRO N   CA   sing N N 247 
PRO N   CD   sing N N 248 
PRO N   H    sing N N 249 
PRO CA  C    sing N N 250 
PRO CA  CB   sing N N 251 
PRO CA  HA   sing N N 252 
PRO C   O    doub N N 253 
PRO C   OXT  sing N N 254 
PRO CB  CG   sing N N 255 
PRO CB  HB2  sing N N 256 
PRO CB  HB3  sing N N 257 
PRO CG  CD   sing N N 258 
PRO CG  HG2  sing N N 259 
PRO CG  HG3  sing N N 260 
PRO CD  HD2  sing N N 261 
PRO CD  HD3  sing N N 262 
PRO OXT HXT  sing N N 263 
SER N   CA   sing N N 264 
SER N   H    sing N N 265 
SER N   H2   sing N N 266 
SER CA  C    sing N N 267 
SER CA  CB   sing N N 268 
SER CA  HA   sing N N 269 
SER C   O    doub N N 270 
SER C   OXT  sing N N 271 
SER CB  OG   sing N N 272 
SER CB  HB2  sing N N 273 
SER CB  HB3  sing N N 274 
SER OG  HG   sing N N 275 
SER OXT HXT  sing N N 276 
THR N   CA   sing N N 277 
THR N   H    sing N N 278 
THR N   H2   sing N N 279 
THR CA  C    sing N N 280 
THR CA  CB   sing N N 281 
THR CA  HA   sing N N 282 
THR C   O    doub N N 283 
THR C   OXT  sing N N 284 
THR CB  OG1  sing N N 285 
THR CB  CG2  sing N N 286 
THR CB  HB   sing N N 287 
THR OG1 HG1  sing N N 288 
THR CG2 HG21 sing N N 289 
THR CG2 HG22 sing N N 290 
THR CG2 HG23 sing N N 291 
THR OXT HXT  sing N N 292 
TRP N   CA   sing N N 293 
TRP N   H    sing N N 294 
TRP N   H2   sing N N 295 
TRP CA  C    sing N N 296 
TRP CA  CB   sing N N 297 
TRP CA  HA   sing N N 298 
TRP C   O    doub N N 299 
TRP C   OXT  sing N N 300 
TRP CB  CG   sing N N 301 
TRP CB  HB2  sing N N 302 
TRP CB  HB3  sing N N 303 
TRP CG  CD1  doub Y N 304 
TRP CG  CD2  sing Y N 305 
TRP CD1 NE1  sing Y N 306 
TRP CD1 HD1  sing N N 307 
TRP CD2 CE2  doub Y N 308 
TRP CD2 CE3  sing Y N 309 
TRP NE1 CE2  sing Y N 310 
TRP NE1 HE1  sing N N 311 
TRP CE2 CZ2  sing Y N 312 
TRP CE3 CZ3  doub Y N 313 
TRP CE3 HE3  sing N N 314 
TRP CZ2 CH2  doub Y N 315 
TRP CZ2 HZ2  sing N N 316 
TRP CZ3 CH2  sing Y N 317 
TRP CZ3 HZ3  sing N N 318 
TRP CH2 HH2  sing N N 319 
TRP OXT HXT  sing N N 320 
TYR N   CA   sing N N 321 
TYR N   H    sing N N 322 
TYR N   H2   sing N N 323 
TYR CA  C    sing N N 324 
TYR CA  CB   sing N N 325 
TYR CA  HA   sing N N 326 
TYR C   O    doub N N 327 
TYR C   OXT  sing N N 328 
TYR CB  CG   sing N N 329 
TYR CB  HB2  sing N N 330 
TYR CB  HB3  sing N N 331 
TYR CG  CD1  doub Y N 332 
TYR CG  CD2  sing Y N 333 
TYR CD1 CE1  sing Y N 334 
TYR CD1 HD1  sing N N 335 
TYR CD2 CE2  doub Y N 336 
TYR CD2 HD2  sing N N 337 
TYR CE1 CZ   doub Y N 338 
TYR CE1 HE1  sing N N 339 
TYR CE2 CZ   sing Y N 340 
TYR CE2 HE2  sing N N 341 
TYR CZ  OH   sing N N 342 
TYR OH  HH   sing N N 343 
TYR OXT HXT  sing N N 344 
VAL N   CA   sing N N 345 
VAL N   H    sing N N 346 
VAL N   H2   sing N N 347 
VAL CA  C    sing N N 348 
VAL CA  CB   sing N N 349 
VAL CA  HA   sing N N 350 
VAL C   O    doub N N 351 
VAL C   OXT  sing N N 352 
VAL CB  CG1  sing N N 353 
VAL CB  CG2  sing N N 354 
VAL CB  HB   sing N N 355 
VAL CG1 HG11 sing N N 356 
VAL CG1 HG12 sing N N 357 
VAL CG1 HG13 sing N N 358 
VAL CG2 HG21 sing N N 359 
VAL CG2 HG22 sing N N 360 
VAL CG2 HG23 sing N N 361 
VAL OXT HXT  sing N N 362 
# 
loop_
_pdbx_entity_nonpoly.entity_id 
_pdbx_entity_nonpoly.name 
_pdbx_entity_nonpoly.comp_id 
2 'MANGANESE (II) ION' MN  
3 'ZINC ION'           ZN  
4 water                HOH 
# 
_pdbx_initial_refinement_model.id               1 
_pdbx_initial_refinement_model.entity_id_list   ? 
_pdbx_initial_refinement_model.type             'experimental model' 
_pdbx_initial_refinement_model.source_name      PDB 
_pdbx_initial_refinement_model.accession_code   3MDS 
_pdbx_initial_refinement_model.details          'PDB ENTRY 3mds' 
# 
